data_3MHV
# 
_entry.id   3MHV 
# 
_audit_conform.dict_name       mmcif_pdbx.dic 
_audit_conform.dict_version    5.380 
_audit_conform.dict_location   http://mmcif.pdb.org/dictionaries/ascii/mmcif_pdbx.dic 
# 
loop_
_database_2.database_id 
_database_2.database_code 
_database_2.pdbx_database_accession 
_database_2.pdbx_DOI 
PDB   3MHV         pdb_00003mhv 10.2210/pdb3mhv/pdb 
RCSB  RCSB058564   ?            ?                   
WWPDB D_1000058564 ?            ?                   
# 
_pdbx_database_status.status_code                     REL 
_pdbx_database_status.entry_id                        3MHV 
_pdbx_database_status.recvd_initial_deposition_date   2010-04-09 
_pdbx_database_status.deposit_site                    RCSB 
_pdbx_database_status.process_site                    PDBJ 
_pdbx_database_status.status_code_sf                  REL 
_pdbx_database_status.status_code_mr                  ? 
_pdbx_database_status.SG_entry                        ? 
_pdbx_database_status.status_code_cs                  ? 
_pdbx_database_status.pdb_format_compatible           Y 
_pdbx_database_status.status_code_nmr_data            ? 
_pdbx_database_status.methods_development_category    ? 
# 
loop_
_audit_author.name 
_audit_author.pdbx_ordinal 
'Yang, D.'     1 
'Hurley, J.H.' 2 
# 
_citation.id                        primary 
_citation.title                     'Structural role of the Vps4-Vta1 interface in ESCRT-III recycling' 
_citation.journal_abbrev            Structure 
_citation.journal_volume            18 
_citation.page_first                976 
_citation.page_last                 984 
_citation.year                      2010 
_citation.journal_id_ASTM           STRUE6 
_citation.country                   UK 
_citation.journal_id_ISSN           0969-2126 
_citation.journal_id_CSD            2005 
_citation.book_publisher            ? 
_citation.pdbx_database_id_PubMed   20696398 
_citation.pdbx_database_id_DOI      10.1016/j.str.2010.04.014 
# 
loop_
_citation_author.citation_id 
_citation_author.name 
_citation_author.ordinal 
_citation_author.identifier_ORCID 
primary 'Yang, D.'     1 ? 
primary 'Hurley, J.H.' 2 ? 
# 
_cell.entry_id           3MHV 
_cell.length_a           37.979 
_cell.length_b           70.322 
_cell.length_c           88.839 
_cell.angle_alpha        90.00 
_cell.angle_beta         90.00 
_cell.angle_gamma        90.00 
_cell.Z_PDB              4 
_cell.pdbx_unique_axis   ? 
_cell.length_a_esd       ? 
_cell.length_b_esd       ? 
_cell.length_c_esd       ? 
_cell.angle_alpha_esd    ? 
_cell.angle_beta_esd     ? 
_cell.angle_gamma_esd    ? 
# 
_symmetry.entry_id                         3MHV 
_symmetry.space_group_name_H-M             'P 2 2 21' 
_symmetry.pdbx_full_space_group_name_H-M   ? 
_symmetry.cell_setting                     ? 
_symmetry.Int_Tables_number                17 
_symmetry.space_group_name_Hall            ? 
# 
loop_
_entity.id 
_entity.type 
_entity.src_method 
_entity.pdbx_description 
_entity.formula_weight 
_entity.pdbx_number_of_molecules 
_entity.pdbx_ec 
_entity.pdbx_mutation 
_entity.pdbx_fragment 
_entity.details 
1 polymer man 'Vacuolar protein sorting-associated protein 4'    12814.344 1 ? ? 'residues 297-413' ? 
2 polymer man 'Vacuolar protein sorting-associated protein VTA1' 4711.369  1 ? ? 'residues 289-330' ? 
# 
loop_
_entity_name_com.entity_id 
_entity_name_com.name 
1 'Vps4, Protein END13, DOA4-independent degradation protein 6, Vacuolar protein-targeting protein 10' 
2 'VPS20-associated protein 1'                                                                         
# 
loop_
_entity_poly.entity_id 
_entity_poly.type 
_entity_poly.nstd_linkage 
_entity_poly.nstd_monomer 
_entity_poly.pdbx_seq_one_letter_code 
_entity_poly.pdbx_seq_one_letter_code_can 
_entity_poly.pdbx_strand_id 
_entity_poly.pdbx_target_identifier 
1 'polypeptide(L)' no no 
;GSPDLAARTTMFEINVGDTPCVLTKEDYRTLGAMTEGYSGSDIAVVVKDALMQPIRKIQSATHFKDVSTEDDETRKLTPC
SPGDDGAIEMSWTDIEADELKEPDLTIKDFLKAIKST
;
;GSPDLAARTTMFEINVGDTPCVLTKEDYRTLGAMTEGYSGSDIAVVVKDALMQPIRKIQSATHFKDVSTEDDETRKLTPC
SPGDDGAIEMSWTDIEADELKEPDLTIKDFLKAIKST
;
C ? 
2 'polypeptide(L)' no no DRASKIEQIQKLAKYAISALNYEDLPTAKDELTKALDLLNSI DRASKIEQIQKLAKYAISALNYEDLPTAKDELTKALDLLNSI A ? 
# 
loop_
_entity_poly_seq.entity_id 
_entity_poly_seq.num 
_entity_poly_seq.mon_id 
_entity_poly_seq.hetero 
1 1   GLY n 
1 2   SER n 
1 3   PRO n 
1 4   ASP n 
1 5   LEU n 
1 6   ALA n 
1 7   ALA n 
1 8   ARG n 
1 9   THR n 
1 10  THR n 
1 11  MET n 
1 12  PHE n 
1 13  GLU n 
1 14  ILE n 
1 15  ASN n 
1 16  VAL n 
1 17  GLY n 
1 18  ASP n 
1 19  THR n 
1 20  PRO n 
1 21  CYS n 
1 22  VAL n 
1 23  LEU n 
1 24  THR n 
1 25  LYS n 
1 26  GLU n 
1 27  ASP n 
1 28  TYR n 
1 29  ARG n 
1 30  THR n 
1 31  LEU n 
1 32  GLY n 
1 33  ALA n 
1 34  MET n 
1 35  THR n 
1 36  GLU n 
1 37  GLY n 
1 38  TYR n 
1 39  SER n 
1 40  GLY n 
1 41  SER n 
1 42  ASP n 
1 43  ILE n 
1 44  ALA n 
1 45  VAL n 
1 46  VAL n 
1 47  VAL n 
1 48  LYS n 
1 49  ASP n 
1 50  ALA n 
1 51  LEU n 
1 52  MET n 
1 53  GLN n 
1 54  PRO n 
1 55  ILE n 
1 56  ARG n 
1 57  LYS n 
1 58  ILE n 
1 59  GLN n 
1 60  SER n 
1 61  ALA n 
1 62  THR n 
1 63  HIS n 
1 64  PHE n 
1 65  LYS n 
1 66  ASP n 
1 67  VAL n 
1 68  SER n 
1 69  THR n 
1 70  GLU n 
1 71  ASP n 
1 72  ASP n 
1 73  GLU n 
1 74  THR n 
1 75  ARG n 
1 76  LYS n 
1 77  LEU n 
1 78  THR n 
1 79  PRO n 
1 80  CYS n 
1 81  SER n 
1 82  PRO n 
1 83  GLY n 
1 84  ASP n 
1 85  ASP n 
1 86  GLY n 
1 87  ALA n 
1 88  ILE n 
1 89  GLU n 
1 90  MET n 
1 91  SER n 
1 92  TRP n 
1 93  THR n 
1 94  ASP n 
1 95  ILE n 
1 96  GLU n 
1 97  ALA n 
1 98  ASP n 
1 99  GLU n 
1 100 LEU n 
1 101 LYS n 
1 102 GLU n 
1 103 PRO n 
1 104 ASP n 
1 105 LEU n 
1 106 THR n 
1 107 ILE n 
1 108 LYS n 
1 109 ASP n 
1 110 PHE n 
1 111 LEU n 
1 112 LYS n 
1 113 ALA n 
1 114 ILE n 
1 115 LYS n 
1 116 SER n 
1 117 THR n 
2 1   ASP n 
2 2   ARG n 
2 3   ALA n 
2 4   SER n 
2 5   LYS n 
2 6   ILE n 
2 7   GLU n 
2 8   GLN n 
2 9   ILE n 
2 10  GLN n 
2 11  LYS n 
2 12  LEU n 
2 13  ALA n 
2 14  LYS n 
2 15  TYR n 
2 16  ALA n 
2 17  ILE n 
2 18  SER n 
2 19  ALA n 
2 20  LEU n 
2 21  ASN n 
2 22  TYR n 
2 23  GLU n 
2 24  ASP n 
2 25  LEU n 
2 26  PRO n 
2 27  THR n 
2 28  ALA n 
2 29  LYS n 
2 30  ASP n 
2 31  GLU n 
2 32  LEU n 
2 33  THR n 
2 34  LYS n 
2 35  ALA n 
2 36  LEU n 
2 37  ASP n 
2 38  LEU n 
2 39  LEU n 
2 40  ASN n 
2 41  SER n 
2 42  ILE n 
# 
loop_
_entity_src_gen.entity_id 
_entity_src_gen.pdbx_src_id 
_entity_src_gen.pdbx_alt_source_flag 
_entity_src_gen.pdbx_seq_type 
_entity_src_gen.pdbx_beg_seq_num 
_entity_src_gen.pdbx_end_seq_num 
_entity_src_gen.gene_src_common_name 
_entity_src_gen.gene_src_genus 
_entity_src_gen.pdbx_gene_src_gene 
_entity_src_gen.gene_src_species 
_entity_src_gen.gene_src_strain 
_entity_src_gen.gene_src_tissue 
_entity_src_gen.gene_src_tissue_fraction 
_entity_src_gen.gene_src_details 
_entity_src_gen.pdbx_gene_src_fragment 
_entity_src_gen.pdbx_gene_src_scientific_name 
_entity_src_gen.pdbx_gene_src_ncbi_taxonomy_id 
_entity_src_gen.pdbx_gene_src_variant 
_entity_src_gen.pdbx_gene_src_cell_line 
_entity_src_gen.pdbx_gene_src_atcc 
_entity_src_gen.pdbx_gene_src_organ 
_entity_src_gen.pdbx_gene_src_organelle 
_entity_src_gen.pdbx_gene_src_cell 
_entity_src_gen.pdbx_gene_src_cellular_location 
_entity_src_gen.host_org_common_name 
_entity_src_gen.pdbx_host_org_scientific_name 
_entity_src_gen.pdbx_host_org_ncbi_taxonomy_id 
_entity_src_gen.host_org_genus 
_entity_src_gen.pdbx_host_org_gene 
_entity_src_gen.pdbx_host_org_organ 
_entity_src_gen.host_org_species 
_entity_src_gen.pdbx_host_org_tissue 
_entity_src_gen.pdbx_host_org_tissue_fraction 
_entity_src_gen.pdbx_host_org_strain 
_entity_src_gen.pdbx_host_org_variant 
_entity_src_gen.pdbx_host_org_cell_line 
_entity_src_gen.pdbx_host_org_atcc 
_entity_src_gen.pdbx_host_org_culture_collection 
_entity_src_gen.pdbx_host_org_cell 
_entity_src_gen.pdbx_host_org_organelle 
_entity_src_gen.pdbx_host_org_cellular_location 
_entity_src_gen.pdbx_host_org_vector_type 
_entity_src_gen.pdbx_host_org_vector 
_entity_src_gen.host_org_details 
_entity_src_gen.expression_system_id 
_entity_src_gen.plasmid_name 
_entity_src_gen.plasmid_details 
_entity_src_gen.pdbx_description 
1 1 sample ? ? ? yeast ? VPS4 ? ? ? ? ? ? 'Saccharomyces cerevisiae' 4932 ? ? ? ? ? ? ? ? 'Escherichia coli' 562 ? ? ? ? ? ? 
Rossetta ? ? ? ? ? ? ? Plasmid ? ? ? pGST2 ? ? 
2 1 sample ? ? ? yeast ? VTA1 ? ? ? ? ? ? 'Saccharomyces cerevisiae' 4932 ? ? ? ? ? ? ? ? 'Escherichia coli' 562 ? ? ? ? ? ? 
Rossetta ? ? ? ? ? ? ? Plasmid ? ? ? pGST2 ? ? 
# 
loop_
_struct_ref.id 
_struct_ref.db_name 
_struct_ref.db_code 
_struct_ref.pdbx_db_accession 
_struct_ref.entity_id 
_struct_ref.pdbx_seq_one_letter_code 
_struct_ref.pdbx_align_begin 
_struct_ref.pdbx_db_isoform 
1 UNP VPS4_YEAST P52917 1 
;PDLAARTTMFEINVGDTPCVLTKEDYRTLGAMTEGYSGSDIAVVVKDALMQPIRKIQSATHFKDVSTEDDETRKLTPCSP
GDDGAIEMSWTDIEADELKEPDLTIKDFLKAIKST
;
299 ? 
2 UNP VTA1_YEAST Q06263 2 DRASKIEQIQKLAKYAISALNYEDLPTAKDELTKALDLLNSI 289 ? 
# 
loop_
_struct_ref_seq.align_id 
_struct_ref_seq.ref_id 
_struct_ref_seq.pdbx_PDB_id_code 
_struct_ref_seq.pdbx_strand_id 
_struct_ref_seq.seq_align_beg 
_struct_ref_seq.pdbx_seq_align_beg_ins_code 
_struct_ref_seq.seq_align_end 
_struct_ref_seq.pdbx_seq_align_end_ins_code 
_struct_ref_seq.pdbx_db_accession 
_struct_ref_seq.db_align_beg 
_struct_ref_seq.pdbx_db_align_beg_ins_code 
_struct_ref_seq.db_align_end 
_struct_ref_seq.pdbx_db_align_end_ins_code 
_struct_ref_seq.pdbx_auth_seq_align_beg 
_struct_ref_seq.pdbx_auth_seq_align_end 
1 1 3MHV C 3 ? 117 ? P52917 299 ? 413 ? 299 413 
2 2 3MHV A 1 ? 42  ? Q06263 289 ? 330 ? 289 330 
# 
loop_
_struct_ref_seq_dif.align_id 
_struct_ref_seq_dif.pdbx_pdb_id_code 
_struct_ref_seq_dif.mon_id 
_struct_ref_seq_dif.pdbx_pdb_strand_id 
_struct_ref_seq_dif.seq_num 
_struct_ref_seq_dif.pdbx_pdb_ins_code 
_struct_ref_seq_dif.pdbx_seq_db_name 
_struct_ref_seq_dif.pdbx_seq_db_accession_code 
_struct_ref_seq_dif.db_mon_id 
_struct_ref_seq_dif.pdbx_seq_db_seq_num 
_struct_ref_seq_dif.details 
_struct_ref_seq_dif.pdbx_auth_seq_num 
_struct_ref_seq_dif.pdbx_ordinal 
1 3MHV GLY C 1 ? UNP P52917 ? ? 'expression tag' 297 1 
1 3MHV SER C 2 ? UNP P52917 ? ? 'expression tag' 298 2 
# 
loop_
_chem_comp.id 
_chem_comp.type 
_chem_comp.mon_nstd_flag 
_chem_comp.name 
_chem_comp.pdbx_synonyms 
_chem_comp.formula 
_chem_comp.formula_weight 
ALA 'L-peptide linking' y ALANINE         ? 'C3 H7 N O2'     89.093  
ARG 'L-peptide linking' y ARGININE        ? 'C6 H15 N4 O2 1' 175.209 
ASN 'L-peptide linking' y ASPARAGINE      ? 'C4 H8 N2 O3'    132.118 
ASP 'L-peptide linking' y 'ASPARTIC ACID' ? 'C4 H7 N O4'     133.103 
CYS 'L-peptide linking' y CYSTEINE        ? 'C3 H7 N O2 S'   121.158 
GLN 'L-peptide linking' y GLUTAMINE       ? 'C5 H10 N2 O3'   146.144 
GLU 'L-peptide linking' y 'GLUTAMIC ACID' ? 'C5 H9 N O4'     147.129 
GLY 'peptide linking'   y GLYCINE         ? 'C2 H5 N O2'     75.067  
HIS 'L-peptide linking' y HISTIDINE       ? 'C6 H10 N3 O2 1' 156.162 
ILE 'L-peptide linking' y ISOLEUCINE      ? 'C6 H13 N O2'    131.173 
LEU 'L-peptide linking' y LEUCINE         ? 'C6 H13 N O2'    131.173 
LYS 'L-peptide linking' y LYSINE          ? 'C6 H15 N2 O2 1' 147.195 
MET 'L-peptide linking' y METHIONINE      ? 'C5 H11 N O2 S'  149.211 
PHE 'L-peptide linking' y PHENYLALANINE   ? 'C9 H11 N O2'    165.189 
PRO 'L-peptide linking' y PROLINE         ? 'C5 H9 N O2'     115.130 
SER 'L-peptide linking' y SERINE          ? 'C3 H7 N O3'     105.093 
THR 'L-peptide linking' y THREONINE       ? 'C4 H9 N O3'     119.119 
TRP 'L-peptide linking' y TRYPTOPHAN      ? 'C11 H12 N2 O2'  204.225 
TYR 'L-peptide linking' y TYROSINE        ? 'C9 H11 N O3'    181.189 
VAL 'L-peptide linking' y VALINE          ? 'C5 H11 N O2'    117.146 
# 
_exptl.entry_id          3MHV 
_exptl.method            'X-RAY DIFFRACTION' 
_exptl.crystals_number   1 
# 
_exptl_crystal.id                    1 
_exptl_crystal.density_meas          ? 
_exptl_crystal.density_Matthews      3.38 
_exptl_crystal.density_percent_sol   63.66 
_exptl_crystal.description           ? 
_exptl_crystal.F_000                 ? 
_exptl_crystal.preparation           ? 
# 
_exptl_crystal_grow.crystal_id      1 
_exptl_crystal_grow.method          'VAPOR DIFFUSION' 
_exptl_crystal_grow.temp            288 
_exptl_crystal_grow.temp_details    ? 
_exptl_crystal_grow.pH              ? 
_exptl_crystal_grow.pdbx_details    '16%-24% PEG3350, 0.1-0.3M sodium formate, VAPOR DIFFUSION, temperature 288K' 
_exptl_crystal_grow.pdbx_pH_range   . 
# 
_diffrn.id                     1 
_diffrn.ambient_temp           ? 
_diffrn.ambient_temp_details   ? 
_diffrn.crystal_id             1 
# 
_diffrn_detector.diffrn_id              1 
_diffrn_detector.detector               CCD 
_diffrn_detector.type                   ? 
_diffrn_detector.pdbx_collection_date   2009-03-22 
_diffrn_detector.details                ? 
# 
_diffrn_radiation.diffrn_id                        1 
_diffrn_radiation.wavelength_id                    1 
_diffrn_radiation.pdbx_monochromatic_or_laue_m_l   M 
_diffrn_radiation.monochromator                    ? 
_diffrn_radiation.pdbx_diffrn_protocol             'SINGLE WAVELENGTH' 
_diffrn_radiation.pdbx_scattering_type             x-ray 
# 
_diffrn_radiation_wavelength.id           1 
_diffrn_radiation_wavelength.wavelength   0.9719 
_diffrn_radiation_wavelength.wt           1.0 
# 
_diffrn_source.diffrn_id                   1 
_diffrn_source.source                      SYNCHROTRON 
_diffrn_source.type                        'APS BEAMLINE 23-ID-B' 
_diffrn_source.pdbx_synchrotron_site       APS 
_diffrn_source.pdbx_synchrotron_beamline   23-ID-B 
_diffrn_source.pdbx_wavelength             ? 
_diffrn_source.pdbx_wavelength_list        0.9719 
# 
_reflns.entry_id                     3MHV 
_reflns.observed_criterion_sigma_I   ? 
_reflns.observed_criterion_sigma_F   ? 
_reflns.d_resolution_low             50.0 
_reflns.d_resolution_high            3.1 
_reflns.number_obs                   3803 
_reflns.number_all                   ? 
_reflns.percent_possible_obs         80.0 
_reflns.pdbx_Rmerge_I_obs            ? 
_reflns.pdbx_Rsym_value              0.085 
_reflns.pdbx_netI_over_sigmaI        19.2 
_reflns.B_iso_Wilson_estimate        ? 
_reflns.pdbx_redundancy              3.7 
_reflns.R_free_details               ? 
_reflns.limit_h_max                  ? 
_reflns.limit_h_min                  ? 
_reflns.limit_k_max                  ? 
_reflns.limit_k_min                  ? 
_reflns.limit_l_max                  ? 
_reflns.limit_l_min                  ? 
_reflns.observed_criterion_F_max     ? 
_reflns.observed_criterion_F_min     ? 
_reflns.pdbx_chi_squared             ? 
_reflns.pdbx_scaling_rejects         ? 
_reflns.pdbx_diffrn_id               1 
_reflns.pdbx_ordinal                 1 
# 
_reflns_shell.d_res_high             3.10 
_reflns_shell.d_res_low              3.15 
_reflns_shell.percent_possible_all   62.1 
_reflns_shell.Rmerge_I_obs           ? 
_reflns_shell.pdbx_Rsym_value        0.355 
_reflns_shell.meanI_over_sigI_obs    2.6 
_reflns_shell.pdbx_redundancy        3.5 
_reflns_shell.percent_possible_obs   ? 
_reflns_shell.number_unique_all      144 
_reflns_shell.number_measured_all    ? 
_reflns_shell.number_measured_obs    ? 
_reflns_shell.number_unique_obs      ? 
_reflns_shell.pdbx_chi_squared       ? 
_reflns_shell.pdbx_diffrn_id         ? 
_reflns_shell.pdbx_ordinal           1 
# 
_refine.entry_id                                 3MHV 
_refine.ls_number_reflns_obs                     3761 
_refine.ls_number_reflns_all                     ? 
_refine.pdbx_ls_sigma_I                          ? 
_refine.pdbx_ls_sigma_F                          .0 
_refine.pdbx_data_cutoff_high_absF               1127778.72 
_refine.pdbx_data_cutoff_low_absF                .000000 
_refine.pdbx_data_cutoff_high_rms_absF           ? 
_refine.ls_d_res_low                             37.98 
_refine.ls_d_res_high                            3.10 
_refine.ls_percent_reflns_obs                    80.6 
_refine.ls_R_factor_obs                          .311 
_refine.ls_R_factor_all                          ? 
_refine.ls_R_factor_R_work                       0.298 
_refine.ls_R_factor_R_free                       0.317 
_refine.ls_R_factor_R_free_error                 .025 
_refine.ls_R_factor_R_free_error_details         ? 
_refine.ls_percent_reflns_R_free                 5.0 
_refine.ls_number_reflns_R_free                  189 
_refine.ls_number_parameters                     ? 
_refine.ls_number_restraints                     ? 
_refine.occupancy_min                            ? 
_refine.occupancy_max                            ? 
_refine.correlation_coeff_Fo_to_Fc               ? 
_refine.correlation_coeff_Fo_to_Fc_free          ? 
_refine.B_iso_mean                               106.3 
_refine.aniso_B[1][1]                            -29.41 
_refine.aniso_B[2][2]                            .64 
_refine.aniso_B[3][3]                            28.77 
_refine.aniso_B[1][2]                            .00 
_refine.aniso_B[1][3]                            .00 
_refine.aniso_B[2][3]                            .00 
_refine.solvent_model_details                    'FLAT MODEL' 
_refine.solvent_model_param_ksol                 .272677 
_refine.solvent_model_param_bsol                 37.0117 
_refine.pdbx_solvent_vdw_probe_radii             ? 
_refine.pdbx_solvent_ion_probe_radii             ? 
_refine.pdbx_solvent_shrinkage_radii             ? 
_refine.pdbx_ls_cross_valid_method               THROUGHOUT 
_refine.details                                  'THe structure was refined also with refmac 5.' 
_refine.pdbx_starting_model                      'PDB entries: 3EIE and 2RKL' 
_refine.pdbx_method_to_determine_struct          'MOLECULAR REPLACEMENT' 
_refine.pdbx_isotropic_thermal_model             RESTRAINED 
_refine.pdbx_stereochemistry_target_values       ? 
_refine.pdbx_stereochem_target_val_spec_case     ? 
_refine.pdbx_R_Free_selection_details            RANDOM 
_refine.pdbx_overall_ESU_R_Free                  ? 
_refine.overall_SU_ML                            ? 
_refine.overall_SU_B                             ? 
_refine.ls_redundancy_reflns_obs                 ? 
_refine.B_iso_min                                ? 
_refine.B_iso_max                                ? 
_refine.overall_SU_R_Cruickshank_DPI             ? 
_refine.overall_SU_R_free                        ? 
_refine.ls_wR_factor_R_free                      ? 
_refine.ls_wR_factor_R_work                      ? 
_refine.overall_FOM_free_R_set                   ? 
_refine.overall_FOM_work_R_set                   ? 
_refine.pdbx_refine_id                           'X-RAY DIFFRACTION' 
_refine.pdbx_overall_phase_error                 ? 
_refine.pdbx_overall_ESU_R                       ? 
_refine.pdbx_diffrn_id                           1 
_refine.pdbx_TLS_residual_ADP_flag               ? 
_refine.pdbx_overall_SU_R_free_Cruickshank_DPI   ? 
_refine.pdbx_overall_SU_R_Blow_DPI               ? 
_refine.pdbx_overall_SU_R_free_Blow_DPI          ? 
# 
_refine_analyze.entry_id                        3MHV 
_refine_analyze.Luzzati_coordinate_error_obs    .54 
_refine_analyze.Luzzati_sigma_a_obs             .83 
_refine_analyze.Luzzati_d_res_low_obs           5.00 
_refine_analyze.Luzzati_coordinate_error_free   .76 
_refine_analyze.Luzzati_sigma_a_free            .74 
_refine_analyze.Luzzati_d_res_low_free          ? 
_refine_analyze.number_disordered_residues      ? 
_refine_analyze.occupancy_sum_hydrogen          ? 
_refine_analyze.occupancy_sum_non_hydrogen      ? 
_refine_analyze.pdbx_Luzzati_d_res_high_obs     ? 
_refine_analyze.pdbx_refine_id                  'X-RAY DIFFRACTION' 
# 
_refine_hist.pdbx_refine_id                   'X-RAY DIFFRACTION' 
_refine_hist.cycle_id                         LAST 
_refine_hist.pdbx_number_atoms_protein        1099 
_refine_hist.pdbx_number_atoms_nucleic_acid   0 
_refine_hist.pdbx_number_atoms_ligand         0 
_refine_hist.number_atoms_solvent             0 
_refine_hist.number_atoms_total               1099 
_refine_hist.d_res_high                       3.10 
_refine_hist.d_res_low                        37.98 
# 
loop_
_refine_ls_restr.type 
_refine_ls_restr.dev_ideal 
_refine_ls_restr.dev_ideal_target 
_refine_ls_restr.weight 
_refine_ls_restr.number 
_refine_ls_restr.pdbx_refine_id 
_refine_ls_restr.pdbx_restraint_function 
c_bond_d                .011 ? ? ? 'X-RAY DIFFRACTION' ? 
c_bond_d_na             ?    ? ? ? 'X-RAY DIFFRACTION' ? 
c_bond_d_prot           ?    ? ? ? 'X-RAY DIFFRACTION' ? 
c_angle_d               ?    ? ? ? 'X-RAY DIFFRACTION' ? 
c_angle_d_na            ?    ? ? ? 'X-RAY DIFFRACTION' ? 
c_angle_d_prot          ?    ? ? ? 'X-RAY DIFFRACTION' ? 
c_angle_deg             1.8  ? ? ? 'X-RAY DIFFRACTION' ? 
c_angle_deg_na          ?    ? ? ? 'X-RAY DIFFRACTION' ? 
c_angle_deg_prot        ?    ? ? ? 'X-RAY DIFFRACTION' ? 
c_dihedral_angle_d      21.6 ? ? ? 'X-RAY DIFFRACTION' ? 
c_dihedral_angle_d_na   ?    ? ? ? 'X-RAY DIFFRACTION' ? 
c_dihedral_angle_d_prot ?    ? ? ? 'X-RAY DIFFRACTION' ? 
c_improper_angle_d      1.60 ? ? ? 'X-RAY DIFFRACTION' ? 
c_improper_angle_d_na   ?    ? ? ? 'X-RAY DIFFRACTION' ? 
c_improper_angle_d_prot ?    ? ? ? 'X-RAY DIFFRACTION' ? 
c_mcbond_it             ?    ? ? ? 'X-RAY DIFFRACTION' ? 
c_mcangle_it            ?    ? ? ? 'X-RAY DIFFRACTION' ? 
c_scbond_it             ?    ? ? ? 'X-RAY DIFFRACTION' ? 
c_scangle_it            ?    ? ? ? 'X-RAY DIFFRACTION' ? 
# 
_refine_ls_shell.pdbx_total_number_of_bins_used   6 
_refine_ls_shell.d_res_high                       3.10 
_refine_ls_shell.d_res_low                        3.29 
_refine_ls_shell.number_reflns_R_work             464 
_refine_ls_shell.R_factor_R_work                  .435 
_refine_ls_shell.percent_reflns_obs               66.5 
_refine_ls_shell.R_factor_R_free                  .410 
_refine_ls_shell.R_factor_R_free_error            .087 
_refine_ls_shell.percent_reflns_R_free            4.5 
_refine_ls_shell.number_reflns_R_free             22 
_refine_ls_shell.number_reflns_all                ? 
_refine_ls_shell.R_factor_all                     ? 
_refine_ls_shell.number_reflns_obs                ? 
_refine_ls_shell.redundancy_reflns_obs            ? 
_refine_ls_shell.pdbx_refine_id                   'X-RAY DIFFRACTION' 
# 
_pdbx_xplor_file.pdbx_refine_id   'X-RAY DIFFRACTION' 
_pdbx_xplor_file.serial_no        1 
_pdbx_xplor_file.param_file       protein_rep.param 
_pdbx_xplor_file.topol_file       protein.top 
# 
_struct.entry_id                  3MHV 
_struct.title                     'Crystal Structure of Vps4 and Vta1' 
_struct.pdbx_model_details        ? 
_struct.pdbx_CASP_flag            ? 
_struct.pdbx_model_type_details   ? 
# 
_struct_keywords.entry_id        3MHV 
_struct_keywords.pdbx_keywords   'PROTEIN TRANSPORT' 
_struct_keywords.text            'vps4, vta1, AAA, ATPase, ESCRT, MVB, sorting, PROTEIN TRANSPORT' 
# 
loop_
_struct_asym.id 
_struct_asym.pdbx_blank_PDB_chainid_flag 
_struct_asym.pdbx_modified 
_struct_asym.entity_id 
_struct_asym.details 
A N N 1 ? 
B N N 2 ? 
# 
_struct_biol.id        1 
_struct_biol.details   ? 
# 
loop_
_struct_conf.conf_type_id 
_struct_conf.id 
_struct_conf.pdbx_PDB_helix_id 
_struct_conf.beg_label_comp_id 
_struct_conf.beg_label_asym_id 
_struct_conf.beg_label_seq_id 
_struct_conf.pdbx_beg_PDB_ins_code 
_struct_conf.end_label_comp_id 
_struct_conf.end_label_asym_id 
_struct_conf.end_label_seq_id 
_struct_conf.pdbx_end_PDB_ins_code 
_struct_conf.beg_auth_comp_id 
_struct_conf.beg_auth_asym_id 
_struct_conf.beg_auth_seq_id 
_struct_conf.end_auth_comp_id 
_struct_conf.end_auth_asym_id 
_struct_conf.end_auth_seq_id 
_struct_conf.pdbx_PDB_helix_class 
_struct_conf.details 
_struct_conf.pdbx_PDB_helix_length 
HELX_P HELX_P1 1 ALA A 6   ? GLY A 17  ? ALA C 302 GLY C 313 1 ? 12 
HELX_P HELX_P2 2 THR A 24  ? THR A 35  ? THR C 320 THR C 331 1 ? 12 
HELX_P HELX_P3 3 SER A 39  ? ALA A 50  ? SER C 335 ALA C 346 1 ? 12 
HELX_P HELX_P4 4 MET A 52  ? ALA A 61  ? MET C 348 ALA C 357 1 ? 10 
HELX_P HELX_P5 5 THR A 106 ? SER A 116 ? THR C 402 SER C 412 1 ? 11 
HELX_P HELX_P6 6 SER B 4   ? ASN B 21  ? SER A 292 ASN A 309 1 ? 18 
HELX_P HELX_P7 7 ASP B 24  ? ILE B 42  ? ASP A 312 ILE A 330 1 ? 19 
# 
_struct_conf_type.id          HELX_P 
_struct_conf_type.criteria    ? 
_struct_conf_type.reference   ? 
# 
_struct_sheet.id               A 
_struct_sheet.type             ? 
_struct_sheet.number_strands   2 
_struct_sheet.details          ? 
# 
_struct_sheet_order.sheet_id     A 
_struct_sheet_order.range_id_1   1 
_struct_sheet_order.range_id_2   2 
_struct_sheet_order.offset       ? 
_struct_sheet_order.sense        anti-parallel 
# 
loop_
_struct_sheet_range.sheet_id 
_struct_sheet_range.id 
_struct_sheet_range.beg_label_comp_id 
_struct_sheet_range.beg_label_asym_id 
_struct_sheet_range.beg_label_seq_id 
_struct_sheet_range.pdbx_beg_PDB_ins_code 
_struct_sheet_range.end_label_comp_id 
_struct_sheet_range.end_label_asym_id 
_struct_sheet_range.end_label_seq_id 
_struct_sheet_range.pdbx_end_PDB_ins_code 
_struct_sheet_range.beg_auth_comp_id 
_struct_sheet_range.beg_auth_asym_id 
_struct_sheet_range.beg_auth_seq_id 
_struct_sheet_range.end_auth_comp_id 
_struct_sheet_range.end_auth_asym_id 
_struct_sheet_range.end_auth_seq_id 
A 1 PHE A 64 ? ASP A 66 ? PHE C 360 ASP C 362 
A 2 LEU A 77 ? PRO A 79 ? LEU C 373 PRO C 375 
# 
_pdbx_struct_sheet_hbond.sheet_id                A 
_pdbx_struct_sheet_hbond.range_id_1              1 
_pdbx_struct_sheet_hbond.range_id_2              2 
_pdbx_struct_sheet_hbond.range_1_label_atom_id   N 
_pdbx_struct_sheet_hbond.range_1_label_comp_id   LYS 
_pdbx_struct_sheet_hbond.range_1_label_asym_id   A 
_pdbx_struct_sheet_hbond.range_1_label_seq_id    65 
_pdbx_struct_sheet_hbond.range_1_PDB_ins_code    ? 
_pdbx_struct_sheet_hbond.range_1_auth_atom_id    N 
_pdbx_struct_sheet_hbond.range_1_auth_comp_id    LYS 
_pdbx_struct_sheet_hbond.range_1_auth_asym_id    C 
_pdbx_struct_sheet_hbond.range_1_auth_seq_id     361 
_pdbx_struct_sheet_hbond.range_2_label_atom_id   O 
_pdbx_struct_sheet_hbond.range_2_label_comp_id   THR 
_pdbx_struct_sheet_hbond.range_2_label_asym_id   A 
_pdbx_struct_sheet_hbond.range_2_label_seq_id    78 
_pdbx_struct_sheet_hbond.range_2_PDB_ins_code    ? 
_pdbx_struct_sheet_hbond.range_2_auth_atom_id    O 
_pdbx_struct_sheet_hbond.range_2_auth_comp_id    THR 
_pdbx_struct_sheet_hbond.range_2_auth_asym_id    C 
_pdbx_struct_sheet_hbond.range_2_auth_seq_id     374 
# 
_atom_sites.entry_id                    3MHV 
_atom_sites.fract_transf_matrix[1][1]   -0.02167741 
_atom_sites.fract_transf_matrix[1][2]   -0.01097888 
_atom_sites.fract_transf_matrix[1][3]   -0.01014017 
_atom_sites.fract_transf_matrix[2][1]   -0.00277914 
_atom_sites.fract_transf_matrix[2][2]   -0.00609693 
_atom_sites.fract_transf_matrix[2][3]   0.01254241 
_atom_sites.fract_transf_matrix[3][1]   -0.00599836 
_atom_sites.fract_transf_matrix[3][2]   0.00902097 
_atom_sites.fract_transf_matrix[3][3]   0.00305603 
_atom_sites.fract_transf_vector[1]      0.092092 
_atom_sites.fract_transf_vector[2]      -0.197076 
_atom_sites.fract_transf_vector[3]      -0.054732 
# 
loop_
_atom_type.symbol 
C 
N 
O 
S 
# 
loop_
_atom_site.group_PDB 
_atom_site.id 
_atom_site.type_symbol 
_atom_site.label_atom_id 
_atom_site.label_alt_id 
_atom_site.label_comp_id 
_atom_site.label_asym_id 
_atom_site.label_entity_id 
_atom_site.label_seq_id 
_atom_site.pdbx_PDB_ins_code 
_atom_site.Cartn_x 
_atom_site.Cartn_y 
_atom_site.Cartn_z 
_atom_site.occupancy 
_atom_site.B_iso_or_equiv 
_atom_site.pdbx_formal_charge 
_atom_site.auth_seq_id 
_atom_site.auth_comp_id 
_atom_site.auth_asym_id 
_atom_site.auth_atom_id 
_atom_site.pdbx_PDB_model_num 
ATOM 1    N N   . GLY A 1 1   ? 8.976   -28.169 -17.656 1.00 108.88 ? 297 GLY C N   1 
ATOM 2    C CA  . GLY A 1 1   ? 9.697   -26.868 -17.495 1.00 110.91 ? 297 GLY C CA  1 
ATOM 3    C C   . GLY A 1 1   ? 8.712   -25.739 -17.282 1.00 109.71 ? 297 GLY C C   1 
ATOM 4    O O   . GLY A 1 1   ? 7.606   -25.753 -17.847 1.00 109.43 ? 297 GLY C O   1 
ATOM 5    N N   . SER A 1 2   ? 9.095   -24.753 -16.473 1.00 106.60 ? 298 SER C N   1 
ATOM 6    C CA  . SER A 1 2   ? 8.200   -23.633 -16.196 1.00 105.92 ? 298 SER C CA  1 
ATOM 7    C C   . SER A 1 2   ? 8.510   -22.395 -17.029 1.00 104.89 ? 298 SER C C   1 
ATOM 8    O O   . SER A 1 2   ? 9.549   -22.314 -17.666 1.00 100.49 ? 298 SER C O   1 
ATOM 9    C CB  . SER A 1 2   ? 8.233   -23.309 -14.706 1.00 103.95 ? 298 SER C CB  1 
ATOM 10   O OG  . SER A 1 2   ? 7.525   -24.297 -13.970 1.00 104.92 ? 298 SER C OG  1 
ATOM 11   N N   . PRO A 1 3   ? 7.598   -21.424 -17.044 1.00 96.62  ? 299 PRO C N   1 
ATOM 12   C CA  . PRO A 1 3   ? 7.777   -20.196 -17.806 1.00 104.25 ? 299 PRO C CA  1 
ATOM 13   C C   . PRO A 1 3   ? 9.153   -19.594 -17.543 1.00 111.60 ? 299 PRO C C   1 
ATOM 14   O O   . PRO A 1 3   ? 9.709   -19.760 -16.447 1.00 109.04 ? 299 PRO C O   1 
ATOM 15   C CB  . PRO A 1 3   ? 6.643   -19.334 -17.306 1.00 99.73  ? 299 PRO C CB  1 
ATOM 16   C CG  . PRO A 1 3   ? 6.461   -19.818 -15.925 1.00 99.53  ? 299 PRO C CG  1 
ATOM 17   C CD  . PRO A 1 3   ? 6.495   -21.277 -16.098 1.00 98.66  ? 299 PRO C CD  1 
ATOM 18   N N   . ASP A 1 4   ? 9.689   -18.874 -18.531 1.00 114.88 ? 300 ASP C N   1 
ATOM 19   C CA  . ASP A 1 4   ? 11.037  -18.321 -18.430 1.00 121.30 ? 300 ASP C CA  1 
ATOM 20   C C   . ASP A 1 4   ? 11.254  -16.816 -18.539 1.00 127.26 ? 300 ASP C C   1 
ATOM 21   O O   . ASP A 1 4   ? 11.951  -16.352 -19.453 1.00 130.02 ? 300 ASP C O   1 
ATOM 22   C CB  . ASP A 1 4   ? 11.915  -18.974 -19.488 1.00 118.71 ? 300 ASP C CB  1 
ATOM 23   C CG  . ASP A 1 4   ? 11.469  -18.625 -20.892 1.00 118.39 ? 300 ASP C CG  1 
ATOM 24   O OD1 . ASP A 1 4   ? 10.470  -19.211 -21.369 1.00 114.52 ? 300 ASP C OD1 1 
ATOM 25   O OD2 . ASP A 1 4   ? 12.110  -17.745 -21.508 1.00 115.58 ? 300 ASP C OD2 1 
ATOM 26   N N   . LEU A 1 5   ? 10.694  -16.051 -17.610 1.00 129.16 ? 301 LEU C N   1 
ATOM 27   C CA  . LEU A 1 5   ? 10.882  -14.597 -17.615 1.00 129.52 ? 301 LEU C CA  1 
ATOM 28   C C   . LEU A 1 5   ? 10.274  -13.990 -18.875 1.00 126.13 ? 301 LEU C C   1 
ATOM 29   O O   . LEU A 1 5   ? 9.945   -12.811 -18.900 1.00 128.90 ? 301 LEU C O   1 
ATOM 30   C CB  . LEU A 1 5   ? 12.387  -14.262 -17.511 1.00 123.77 ? 301 LEU C CB  1 
ATOM 31   C CG  . LEU A 1 5   ? 12.831  -12.997 -16.766 1.00 124.62 ? 301 LEU C CG  1 
ATOM 32   C CD1 . LEU A 1 5   ? 14.234  -13.205 -16.195 1.00 120.01 ? 301 LEU C CD1 1 
ATOM 33   C CD2 . LEU A 1 5   ? 12.771  -11.807 -17.690 1.00 122.01 ? 301 LEU C CD2 1 
ATOM 34   N N   . ALA A 1 6   ? 10.123  -14.806 -19.913 1.00 120.53 ? 302 ALA C N   1 
ATOM 35   C CA  . ALA A 1 6   ? 9.526   -14.362 -21.169 1.00 112.48 ? 302 ALA C CA  1 
ATOM 36   C C   . ALA A 1 6   ? 8.067   -14.763 -21.095 1.00 105.82 ? 302 ALA C C   1 
ATOM 37   O O   . ALA A 1 6   ? 7.167   -13.953 -21.339 1.00 102.38 ? 302 ALA C O   1 
ATOM 38   C CB  . ALA A 1 6   ? 10.197  -15.050 -22.362 1.00 108.98 ? 302 ALA C CB  1 
ATOM 39   N N   . ALA A 1 7   ? 7.853   -16.031 -20.746 1.00 98.61  ? 303 ALA C N   1 
ATOM 40   C CA  . ALA A 1 7   ? 6.520   -16.588 -20.616 1.00 92.98  ? 303 ALA C CA  1 
ATOM 41   C C   . ALA A 1 7   ? 5.861   -16.013 -19.381 1.00 90.75  ? 303 ALA C C   1 
ATOM 42   O O   . ALA A 1 7   ? 4.636   -15.971 -19.290 1.00 89.08  ? 303 ALA C O   1 
ATOM 43   C CB  . ALA A 1 7   ? 6.587   -18.105 -20.508 1.00 91.97  ? 303 ALA C CB  1 
ATOM 44   N N   . ARG A 1 8   ? 6.680   -15.567 -18.430 1.00 87.63  ? 304 ARG C N   1 
ATOM 45   C CA  . ARG A 1 8   ? 6.177   -14.994 -17.179 1.00 84.62  ? 304 ARG C CA  1 
ATOM 46   C C   . ARG A 1 8   ? 5.796   -13.547 -17.370 1.00 86.39  ? 304 ARG C C   1 
ATOM 47   O O   . ARG A 1 8   ? 5.059   -12.980 -16.588 1.00 81.70  ? 304 ARG C O   1 
ATOM 48   C CB  . ARG A 1 8   ? 7.247   -15.064 -16.095 1.00 83.20  ? 304 ARG C CB  1 
ATOM 49   C CG  . ARG A 1 8   ? 7.744   -16.444 -15.812 1.00 82.27  ? 304 ARG C CG  1 
ATOM 50   C CD  . ARG A 1 8   ? 8.278   -16.477 -14.427 1.00 82.07  ? 304 ARG C CD  1 
ATOM 51   N NE  . ARG A 1 8   ? 9.513   -15.711 -14.282 1.00 82.18  ? 304 ARG C NE  1 
ATOM 52   C CZ  . ARG A 1 8   ? 10.682  -16.107 -14.774 1.00 81.35  ? 304 ARG C CZ  1 
ATOM 53   N NH1 . ARG A 1 8   ? 10.751  -17.255 -15.450 1.00 80.09  ? 304 ARG C NH1 1 
ATOM 54   N NH2 . ARG A 1 8   ? 11.778  -15.390 -14.559 1.00 79.49  ? 304 ARG C NH2 1 
ATOM 55   N N   . THR A 1 9   ? 6.338   -12.937 -18.407 1.00 90.57  ? 305 THR C N   1 
ATOM 56   C CA  . THR A 1 9   ? 6.035   -11.549 -18.671 1.00 95.41  ? 305 THR C CA  1 
ATOM 57   C C   . THR A 1 9   ? 4.614   -11.475 -19.150 1.00 90.20  ? 305 THR C C   1 
ATOM 58   O O   . THR A 1 9   ? 3.791   -10.777 -18.563 1.00 88.67  ? 305 THR C O   1 
ATOM 59   C CB  . THR A 1 9   ? 6.958   -10.970 -19.754 1.00 102.91 ? 305 THR C CB  1 
ATOM 60   O OG1 . THR A 1 9   ? 8.311   -10.991 -19.271 1.00 114.85 ? 305 THR C OG1 1 
ATOM 61   C CG2 . THR A 1 9   ? 6.542   -9.522  -20.111 1.00 115.53 ? 305 THR C CG2 1 
ATOM 62   N N   . THR A 1 10  ? 4.332   -12.215 -20.220 1.00 85.62  ? 306 THR C N   1 
ATOM 63   C CA  . THR A 1 10  ? 3.000   -12.236 -20.791 1.00 79.10  ? 306 THR C CA  1 
ATOM 64   C C   . THR A 1 10  ? 1.957   -12.669 -19.770 1.00 72.16  ? 306 THR C C   1 
ATOM 65   O O   . THR A 1 10  ? 0.866   -12.113 -19.754 1.00 71.91  ? 306 THR C O   1 
ATOM 66   C CB  . THR A 1 10  ? 2.948   -13.123 -22.064 1.00 81.98  ? 306 THR C CB  1 
ATOM 67   O OG1 . THR A 1 10  ? 3.933   -14.156 -21.978 1.00 81.40  ? 306 THR C OG1 1 
ATOM 68   C CG2 . THR A 1 10  ? 3.213   -12.278 -23.309 1.00 85.10  ? 306 THR C CG2 1 
ATOM 69   N N   . MET A 1 11  ? 2.287   -13.629 -18.906 1.00 64.92  ? 307 MET C N   1 
ATOM 70   C CA  . MET A 1 11  ? 1.352   -14.100 -17.875 1.00 62.40  ? 307 MET C CA  1 
ATOM 71   C C   . MET A 1 11  ? 0.854   -12.977 -16.956 1.00 61.59  ? 307 MET C C   1 
ATOM 72   O O   . MET A 1 11  ? -0.304  -12.965 -16.541 1.00 59.65  ? 307 MET C O   1 
ATOM 73   C CB  . MET A 1 11  ? 1.987   -15.221 -17.053 1.00 59.08  ? 307 MET C CB  1 
ATOM 74   C CG  . MET A 1 11  ? 2.402   -16.362 -17.941 1.00 55.91  ? 307 MET C CG  1 
ATOM 75   S SD  . MET A 1 11  ? 3.097   -17.821 -17.126 1.00 66.06  ? 307 MET C SD  1 
ATOM 76   C CE  . MET A 1 11  ? 1.816   -19.028 -17.411 1.00 63.56  ? 307 MET C CE  1 
ATOM 77   N N   . PHE A 1 12  ? 1.726   -12.031 -16.647 1.00 62.97  ? 308 PHE C N   1 
ATOM 78   C CA  . PHE A 1 12  ? 1.342   -10.917 -15.813 1.00 70.27  ? 308 PHE C CA  1 
ATOM 79   C C   . PHE A 1 12  ? 0.381   -10.041 -16.613 1.00 74.10  ? 308 PHE C C   1 
ATOM 80   O O   . PHE A 1 12  ? -0.616  -9.523  -16.089 1.00 72.63  ? 308 PHE C O   1 
ATOM 81   C CB  . PHE A 1 12  ? 2.570   -10.104 -15.419 1.00 73.42  ? 308 PHE C CB  1 
ATOM 82   C CG  . PHE A 1 12  ? 3.279   -10.630 -14.200 1.00 79.70  ? 308 PHE C CG  1 
ATOM 83   C CD1 . PHE A 1 12  ? 4.271   -11.593 -14.318 1.00 86.85  ? 308 PHE C CD1 1 
ATOM 84   C CD2 . PHE A 1 12  ? 2.939   -10.160 -12.921 1.00 85.46  ? 308 PHE C CD2 1 
ATOM 85   C CE1 . PHE A 1 12  ? 4.915   -12.081 -13.191 1.00 92.29  ? 308 PHE C CE1 1 
ATOM 86   C CE2 . PHE A 1 12  ? 3.570   -10.640 -11.793 1.00 93.43  ? 308 PHE C CE2 1 
ATOM 87   C CZ  . PHE A 1 12  ? 4.563   -11.600 -11.922 1.00 87.84  ? 308 PHE C CZ  1 
ATOM 88   N N   . GLU A 1 13  ? 0.697   -9.876  -17.891 1.00 78.08  ? 309 GLU C N   1 
ATOM 89   C CA  . GLU A 1 13  ? -0.118  -9.071  -18.787 1.00 80.59  ? 309 GLU C CA  1 
ATOM 90   C C   . GLU A 1 13  ? -1.491  -9.677  -18.643 1.00 82.54  ? 309 GLU C C   1 
ATOM 91   O O   . GLU A 1 13  ? -2.302  -9.204  -17.863 1.00 82.17  ? 309 GLU C O   1 
ATOM 92   C CB  . GLU A 1 13  ? 0.386   -9.214  -20.235 1.00 88.61  ? 309 GLU C CB  1 
ATOM 93   C CG  . GLU A 1 13  ? 1.928   -9.169  -20.383 1.00 90.18  ? 309 GLU C CG  1 
ATOM 94   C CD  . GLU A 1 13  ? 2.463   -7.818  -20.855 1.00 101.52 ? 309 GLU C CD  1 
ATOM 95   O OE1 . GLU A 1 13  ? 3.709   -7.577  -20.808 1.00 98.18  ? 309 GLU C OE1 1 
ATOM 96   O OE2 . GLU A 1 13  ? 1.616   -7.002  -21.288 1.00 104.38 ? 309 GLU C OE2 1 
ATOM 97   N N   . ILE A 1 14  ? -1.720  -10.760 -19.375 1.00 86.03  ? 310 ILE C N   1 
ATOM 98   C CA  . ILE A 1 14  ? -2.991  -11.487 -19.380 1.00 87.32  ? 310 ILE C CA  1 
ATOM 99   C C   . ILE A 1 14  ? -3.885  -11.348 -18.124 1.00 84.08  ? 310 ILE C C   1 
ATOM 100  O O   . ILE A 1 14  ? -5.069  -11.028 -18.242 1.00 80.00  ? 310 ILE C O   1 
ATOM 101  C CB  . ILE A 1 14  ? -2.744  -12.990 -19.622 1.00 100.69 ? 310 ILE C CB  1 
ATOM 102  C CG1 . ILE A 1 14  ? -1.834  -13.197 -20.818 1.00 95.62  ? 310 ILE C CG1 1 
ATOM 103  C CG2 . ILE A 1 14  ? -4.038  -13.671 -19.908 1.00 101.96 ? 310 ILE C CG2 1 
ATOM 104  C CD1 . ILE A 1 14  ? -2.394  -12.669 -22.088 1.00 94.78  ? 310 ILE C CD1 1 
ATOM 105  N N   . ASN A 1 15  ? -3.325  -11.599 -16.937 1.00 82.26  ? 311 ASN C N   1 
ATOM 106  C CA  . ASN A 1 15  ? -4.109  -11.525 -15.711 1.00 83.18  ? 311 ASN C CA  1 
ATOM 107  C C   . ASN A 1 15  ? -4.565  -10.095 -15.371 1.00 82.67  ? 311 ASN C C   1 
ATOM 108  O O   . ASN A 1 15  ? -5.600  -9.903  -14.721 1.00 83.35  ? 311 ASN C O   1 
ATOM 109  C CB  . ASN A 1 15  ? -3.326  -12.117 -14.526 1.00 82.72  ? 311 ASN C CB  1 
ATOM 110  C CG  . ASN A 1 15  ? -3.207  -13.647 -14.567 1.00 81.81  ? 311 ASN C CG  1 
ATOM 111  O OD1 . ASN A 1 15  ? -3.323  -14.305 -13.533 1.00 84.88  ? 311 ASN C OD1 1 
ATOM 112  N ND2 . ASN A 1 15  ? -2.942  -14.206 -15.739 1.00 80.40  ? 311 ASN C ND2 1 
ATOM 113  N N   . VAL A 1 16  ? -3.797  -9.095  -15.794 1.00 88.09  ? 312 VAL C N   1 
ATOM 114  C CA  . VAL A 1 16  ? -4.150  -7.695  -15.540 1.00 92.19  ? 312 VAL C CA  1 
ATOM 115  C C   . VAL A 1 16  ? -5.163  -7.268  -16.577 1.00 91.90  ? 312 VAL C C   1 
ATOM 116  O O   . VAL A 1 16  ? -6.168  -6.625  -16.268 1.00 92.70  ? 312 VAL C O   1 
ATOM 117  C CB  . VAL A 1 16  ? -2.926  -6.769  -15.661 1.00 90.42  ? 312 VAL C CB  1 
ATOM 118  C CG1 . VAL A 1 16  ? -3.364  -5.315  -15.608 1.00 91.40  ? 312 VAL C CG1 1 
ATOM 119  C CG2 . VAL A 1 16  ? -1.950  -7.062  -14.553 1.00 91.00  ? 312 VAL C CG2 1 
ATOM 120  N N   . GLY A 1 17  ? -4.869  -7.640  -17.818 1.00 97.24  ? 313 GLY C N   1 
ATOM 121  C CA  . GLY A 1 17  ? -5.737  -7.322  -18.921 1.00 102.59 ? 313 GLY C CA  1 
ATOM 122  C C   . GLY A 1 17  ? -6.116  -5.862  -18.956 1.00 107.43 ? 313 GLY C C   1 
ATOM 123  O O   . GLY A 1 17  ? -5.245  -4.988  -18.912 1.00 107.79 ? 313 GLY C O   1 
ATOM 124  N N   . ASP A 1 18  ? -7.423  -5.612  -19.014 1.00 117.03 ? 314 ASP C N   1 
ATOM 125  C CA  . ASP A 1 18  ? -7.982  -4.266  -19.097 1.00 126.65 ? 314 ASP C CA  1 
ATOM 126  C C   . ASP A 1 18  ? -7.982  -3.489  -17.793 1.00 125.05 ? 314 ASP C C   1 
ATOM 127  O O   . ASP A 1 18  ? -8.071  -2.260  -17.815 1.00 124.69 ? 314 ASP C O   1 
ATOM 128  C CB  . ASP A 1 18  ? -9.425  -4.320  -19.635 1.00 135.62 ? 314 ASP C CB  1 
ATOM 129  C CG  . ASP A 1 18  ? -9.537  -5.056  -20.966 1.00 141.77 ? 314 ASP C CG  1 
ATOM 130  O OD1 . ASP A 1 18  ? -8.806  -4.698  -21.918 1.00 149.69 ? 314 ASP C OD1 1 
ATOM 131  O OD2 . ASP A 1 18  ? -10.366 -5.988  -21.059 1.00 149.99 ? 314 ASP C OD2 1 
ATOM 132  N N   . THR A 1 19  ? -7.894  -4.192  -16.666 1.00 130.42 ? 315 THR C N   1 
ATOM 133  C CA  . THR A 1 19  ? -7.901  -3.533  -15.360 1.00 134.44 ? 315 THR C CA  1 
ATOM 134  C C   . THR A 1 19  ? -7.124  -2.209  -15.426 1.00 140.43 ? 315 THR C C   1 
ATOM 135  O O   . THR A 1 19  ? -5.926  -2.187  -15.697 1.00 144.23 ? 315 THR C O   1 
ATOM 136  C CB  . THR A 1 19  ? -7.296  -4.445  -14.263 1.00 127.21 ? 315 THR C CB  1 
ATOM 137  O OG1 . THR A 1 19  ? -8.011  -5.685  -14.211 1.00 119.66 ? 315 THR C OG1 1 
ATOM 138  C CG2 . THR A 1 19  ? -7.410  -3.779  -12.908 1.00 127.42 ? 315 THR C CG2 1 
ATOM 139  N N   . PRO A 1 20  ? -7.813  -1.083  -15.190 1.00 147.89 ? 316 PRO C N   1 
ATOM 140  C CA  . PRO A 1 20  ? -7.203  0.246   -15.228 1.00 148.69 ? 316 PRO C CA  1 
ATOM 141  C C   . PRO A 1 20  ? -5.931  0.408   -14.408 1.00 150.66 ? 316 PRO C C   1 
ATOM 142  O O   . PRO A 1 20  ? -5.957  0.485   -13.180 1.00 150.69 ? 316 PRO C O   1 
ATOM 143  C CB  . PRO A 1 20  ? -8.330  1.155   -14.744 1.00 153.45 ? 316 PRO C CB  1 
ATOM 144  C CG  . PRO A 1 20  ? -9.133  0.261   -13.856 1.00 154.86 ? 316 PRO C CG  1 
ATOM 145  C CD  . PRO A 1 20  ? -9.190  -1.001  -14.671 1.00 152.32 ? 316 PRO C CD  1 
ATOM 146  N N   . CYS A 1 21  ? -4.811  0.461   -15.116 1.00 150.60 ? 317 CYS C N   1 
ATOM 147  C CA  . CYS A 1 21  ? -3.505  0.632   -14.496 1.00 149.66 ? 317 CYS C CA  1 
ATOM 148  C C   . CYS A 1 21  ? -2.612  1.310   -15.522 1.00 149.32 ? 317 CYS C C   1 
ATOM 149  O O   . CYS A 1 21  ? -3.098  1.805   -16.544 1.00 150.38 ? 317 CYS C O   1 
ATOM 150  C CB  . CYS A 1 21  ? -2.904  -0.720  -14.108 1.00 147.48 ? 317 CYS C CB  1 
ATOM 151  S SG  . CYS A 1 21  ? -2.404  -1.749  -15.515 1.00 143.80 ? 317 CYS C SG  1 
ATOM 152  N N   . VAL A 1 22  ? -1.309  1.313   -15.261 1.00 149.34 ? 318 VAL C N   1 
ATOM 153  C CA  . VAL A 1 22  ? -0.363  1.955   -16.170 1.00 150.38 ? 318 VAL C CA  1 
ATOM 154  C C   . VAL A 1 22  ? 1.045   1.363   -16.155 1.00 144.59 ? 318 VAL C C   1 
ATOM 155  O O   . VAL A 1 22  ? 2.001   2.010   -16.577 1.00 145.15 ? 318 VAL C O   1 
ATOM 156  C CB  . VAL A 1 22  ? -0.252  3.447   -15.857 1.00 152.23 ? 318 VAL C CB  1 
ATOM 157  C CG1 . VAL A 1 22  ? -1.539  4.158   -16.255 1.00 155.15 ? 318 VAL C CG1 1 
ATOM 158  C CG2 . VAL A 1 22  ? 0.029   3.631   -14.367 1.00 155.43 ? 318 VAL C CG2 1 
ATOM 159  N N   . LEU A 1 23  ? 1.177   0.142   -15.662 1.00 139.00 ? 319 LEU C N   1 
ATOM 160  C CA  . LEU A 1 23  ? 2.478   -0.483  -15.645 1.00 129.42 ? 319 LEU C CA  1 
ATOM 161  C C   . LEU A 1 23  ? 2.931   -0.517  -17.084 1.00 128.57 ? 319 LEU C C   1 
ATOM 162  O O   . LEU A 1 23  ? 2.337   -1.198  -17.901 1.00 127.48 ? 319 LEU C O   1 
ATOM 163  C CB  . LEU A 1 23  ? 2.393   -1.919  -15.138 1.00 125.94 ? 319 LEU C CB  1 
ATOM 164  C CG  . LEU A 1 23  ? 1.796   -2.218  -13.770 1.00 117.94 ? 319 LEU C CG  1 
ATOM 165  C CD1 . LEU A 1 23  ? 2.363   -1.243  -12.769 1.00 122.95 ? 319 LEU C CD1 1 
ATOM 166  C CD2 . LEU A 1 23  ? 0.299   -2.108  -13.813 1.00 111.51 ? 319 LEU C CD2 1 
ATOM 167  N N   . THR A 1 24  ? 3.966   0.231   -17.414 1.00 123.60 ? 320 THR C N   1 
ATOM 168  C CA  . THR A 1 24  ? 4.460   0.222   -18.780 1.00 118.30 ? 320 THR C CA  1 
ATOM 169  C C   . THR A 1 24  ? 5.152   -1.113  -18.982 1.00 115.79 ? 320 THR C C   1 
ATOM 170  O O   . THR A 1 24  ? 5.434   -1.806  -18.010 1.00 116.76 ? 320 THR C O   1 
ATOM 171  C CB  . THR A 1 24  ? 5.472   1.323   -18.975 1.00 116.73 ? 320 THR C CB  1 
ATOM 172  O OG1 . THR A 1 24  ? 6.516   1.163   -18.007 1.00 114.32 ? 320 THR C OG1 1 
ATOM 173  C CG2 . THR A 1 24  ? 4.812   2.673   -18.782 1.00 117.51 ? 320 THR C CG2 1 
ATOM 174  N N   . LYS A 1 25  ? 5.423   -1.473  -20.236 1.00 115.40 ? 321 LYS C N   1 
ATOM 175  C CA  . LYS A 1 25  ? 6.107   -2.729  -20.545 1.00 118.39 ? 321 LYS C CA  1 
ATOM 176  C C   . LYS A 1 25  ? 7.316   -2.937  -19.640 1.00 117.20 ? 321 LYS C C   1 
ATOM 177  O O   . LYS A 1 25  ? 7.548   -4.036  -19.140 1.00 119.77 ? 321 LYS C O   1 
ATOM 178  C CB  . LYS A 1 25  ? 6.569   -2.736  -21.996 1.00 125.47 ? 321 LYS C CB  1 
ATOM 179  C CG  . LYS A 1 25  ? 5.452   -2.867  -22.990 1.00 120.44 ? 321 LYS C CG  1 
ATOM 180  C CD  . LYS A 1 25  ? 5.006   -4.309  -23.123 1.00 124.05 ? 321 LYS C CD  1 
ATOM 181  C CE  . LYS A 1 25  ? 3.780   -4.415  -24.020 1.00 125.31 ? 321 LYS C CE  1 
ATOM 182  N NZ  . LYS A 1 25  ? 2.621   -3.680  -23.435 1.00 118.22 ? 321 LYS C NZ  1 
ATOM 183  N N   . GLU A 1 26  ? 8.090   -1.872  -19.441 1.00 117.06 ? 322 GLU C N   1 
ATOM 184  C CA  . GLU A 1 26  ? 9.289   -1.915  -18.599 1.00 124.33 ? 322 GLU C CA  1 
ATOM 185  C C   . GLU A 1 26  ? 8.998   -2.662  -17.323 1.00 115.74 ? 322 GLU C C   1 
ATOM 186  O O   . GLU A 1 26  ? 9.691   -3.592  -16.943 1.00 117.60 ? 322 GLU C O   1 
ATOM 187  C CB  . GLU A 1 26  ? 9.707   -0.507  -18.183 1.00 133.75 ? 322 GLU C CB  1 
ATOM 188  C CG  . GLU A 1 26  ? 9.488   0.582   -19.214 1.00 148.62 ? 322 GLU C CG  1 
ATOM 189  C CD  . GLU A 1 26  ? 9.668   1.971   -18.619 1.00 154.31 ? 322 GLU C CD  1 
ATOM 190  O OE1 . GLU A 1 26  ? 9.643   2.947   -19.398 1.00 156.63 ? 322 GLU C OE1 1 
ATOM 191  O OE2 . GLU A 1 26  ? 9.824   2.085   -17.378 1.00 154.16 ? 322 GLU C OE2 1 
ATOM 192  N N   . ASP A 1 27  ? 7.957   -2.197  -16.663 1.00 111.53 ? 323 ASP C N   1 
ATOM 193  C CA  . ASP A 1 27  ? 7.515   -2.750  -15.408 1.00 110.34 ? 323 ASP C CA  1 
ATOM 194  C C   . ASP A 1 27  ? 7.237   -4.248  -15.463 1.00 106.49 ? 323 ASP C C   1 
ATOM 195  O O   . ASP A 1 27  ? 7.617   -4.957  -14.533 1.00 106.55 ? 323 ASP C O   1 
ATOM 196  C CB  . ASP A 1 27  ? 6.274   -1.993  -14.941 1.00 110.81 ? 323 ASP C CB  1 
ATOM 197  C CG  . ASP A 1 27  ? 6.452   -0.480  -15.016 1.00 111.35 ? 323 ASP C CG  1 
ATOM 198  O OD1 . ASP A 1 27  ? 7.382   0.033   -14.358 1.00 113.13 ? 323 ASP C OD1 1 
ATOM 199  O OD2 . ASP A 1 27  ? 5.670   0.192   -15.729 1.00 110.28 ? 323 ASP C OD2 1 
ATOM 200  N N   . TYR A 1 28  ? 6.590   -4.732  -16.535 1.00 102.20 ? 324 TYR C N   1 
ATOM 201  C CA  . TYR A 1 28  ? 6.273   -6.167  -16.675 1.00 101.98 ? 324 TYR C CA  1 
ATOM 202  C C   . TYR A 1 28  ? 7.512   -7.008  -16.828 1.00 98.89  ? 324 TYR C C   1 
ATOM 203  O O   . TYR A 1 28  ? 7.567   -8.117  -16.309 1.00 98.22  ? 324 TYR C O   1 
ATOM 204  C CB  . TYR A 1 28  ? 5.385   -6.445  -17.880 1.00 99.72  ? 324 TYR C CB  1 
ATOM 205  C CG  . TYR A 1 28  ? 3.987   -5.910  -17.758 1.00 113.58 ? 324 TYR C CG  1 
ATOM 206  C CD1 . TYR A 1 28  ? 3.694   -4.600  -18.102 1.00 101.99 ? 324 TYR C CD1 1 
ATOM 207  C CD2 . TYR A 1 28  ? 2.956   -6.706  -17.281 1.00 108.56 ? 324 TYR C CD2 1 
ATOM 208  C CE1 . TYR A 1 28  ? 2.400   -4.082  -17.977 1.00 117.73 ? 324 TYR C CE1 1 
ATOM 209  C CE2 . TYR A 1 28  ? 1.652   -6.204  -17.150 1.00 110.29 ? 324 TYR C CE2 1 
ATOM 210  C CZ  . TYR A 1 28  ? 1.382   -4.884  -17.501 1.00 124.90 ? 324 TYR C CZ  1 
ATOM 211  O OH  . TYR A 1 28  ? 0.106   -4.357  -17.382 1.00 128.17 ? 324 TYR C OH  1 
ATOM 212  N N   . ARG A 1 29  ? 8.493   -6.473  -17.560 1.00 99.57  ? 325 ARG C N   1 
ATOM 213  C CA  . ARG A 1 29  ? 9.778   -7.148  -17.807 1.00 100.79 ? 325 ARG C CA  1 
ATOM 214  C C   . ARG A 1 29  ? 10.404  -7.449  -16.460 1.00 95.07  ? 325 ARG C C   1 
ATOM 215  O O   . ARG A 1 29  ? 11.045  -8.475  -16.284 1.00 92.50  ? 325 ARG C O   1 
ATOM 216  C CB  . ARG A 1 29  ? 10.743  -6.239  -18.595 1.00 110.92 ? 325 ARG C CB  1 
ATOM 217  C CG  . ARG A 1 29  ? 10.139  -5.466  -19.765 1.00 129.67 ? 325 ARG C CG  1 
ATOM 218  C CD  . ARG A 1 29  ? 10.067  -6.298  -21.034 1.00 139.82 ? 325 ARG C CD  1 
ATOM 219  N NE  . ARG A 1 29  ? 9.273   -5.643  -22.081 1.00 150.78 ? 325 ARG C NE  1 
ATOM 220  C CZ  . ARG A 1 29  ? 9.529   -4.437  -22.588 1.00 156.20 ? 325 ARG C CZ  1 
ATOM 221  N NH1 . ARG A 1 29  ? 8.750   -3.930  -23.538 1.00 156.77 ? 325 ARG C NH1 1 
ATOM 222  N NH2 . ARG A 1 29  ? 10.564  -3.731  -22.142 1.00 156.84 ? 325 ARG C NH2 1 
ATOM 223  N N   . THR A 1 30  ? 10.198  -6.532  -15.519 1.00 90.75  ? 326 THR C N   1 
ATOM 224  C CA  . THR A 1 30  ? 10.731  -6.641  -14.170 1.00 90.69  ? 326 THR C CA  1 
ATOM 225  C C   . THR A 1 30  ? 10.055  -7.741  -13.370 1.00 89.04  ? 326 THR C C   1 
ATOM 226  O O   . THR A 1 30  ? 10.715  -8.649  -12.852 1.00 86.98  ? 326 THR C O   1 
ATOM 227  C CB  . THR A 1 30  ? 10.575  -5.295  -13.437 1.00 93.93  ? 326 THR C CB  1 
ATOM 228  O OG1 . THR A 1 30  ? 11.280  -4.287  -14.177 1.00 96.91  ? 326 THR C OG1 1 
ATOM 229  C CG2 . THR A 1 30  ? 11.158  -5.359  -12.018 1.00 94.97  ? 326 THR C CG2 1 
ATOM 230  N N   . LEU A 1 31  ? 8.737   -7.656  -13.271 1.00 87.44  ? 327 LEU C N   1 
ATOM 231  C CA  . LEU A 1 31  ? 7.955   -8.665  -12.558 1.00 86.54  ? 327 LEU C CA  1 
ATOM 232  C C   . LEU A 1 31  ? 8.127   -10.063 -13.187 1.00 85.02  ? 327 LEU C C   1 
ATOM 233  O O   . LEU A 1 31  ? 7.839   -11.075 -12.555 1.00 83.60  ? 327 LEU C O   1 
ATOM 234  C CB  . LEU A 1 31  ? 6.481   -8.247  -12.558 1.00 86.06  ? 327 LEU C CB  1 
ATOM 235  C CG  . LEU A 1 31  ? 6.270   -7.026  -11.680 1.00 83.57  ? 327 LEU C CG  1 
ATOM 236  C CD1 . LEU A 1 31  ? 4.917   -6.437  -11.896 1.00 84.15  ? 327 LEU C CD1 1 
ATOM 237  C CD2 . LEU A 1 31  ? 6.457   -7.449  -10.248 1.00 86.18  ? 327 LEU C CD2 1 
ATOM 238  N N   . GLY A 1 32  ? 8.592   -10.098 -14.434 1.00 83.44  ? 328 GLY C N   1 
ATOM 239  C CA  . GLY A 1 32  ? 8.831   -11.351 -15.115 1.00 83.51  ? 328 GLY C CA  1 
ATOM 240  C C   . GLY A 1 32  ? 10.083  -11.990 -14.539 1.00 85.89  ? 328 GLY C C   1 
ATOM 241  O O   . GLY A 1 32  ? 10.117  -13.214 -14.341 1.00 85.32  ? 328 GLY C O   1 
ATOM 242  N N   . ALA A 1 33  ? 11.106  -11.178 -14.264 1.00 84.95  ? 329 ALA C N   1 
ATOM 243  C CA  . ALA A 1 33  ? 12.353  -11.683 -13.698 1.00 88.35  ? 329 ALA C CA  1 
ATOM 244  C C   . ALA A 1 33  ? 12.258  -11.981 -12.187 1.00 91.44  ? 329 ALA C C   1 
ATOM 245  O O   . ALA A 1 33  ? 12.857  -12.968 -11.697 1.00 91.77  ? 329 ALA C O   1 
ATOM 246  C CB  . ALA A 1 33  ? 13.464  -10.710 -13.954 1.00 87.32  ? 329 ALA C CB  1 
ATOM 247  N N   . MET A 1 34  ? 11.520  -11.126 -11.457 1.00 88.81  ? 330 MET C N   1 
ATOM 248  C CA  . MET A 1 34  ? 11.301  -11.282 -10.009 1.00 89.65  ? 330 MET C CA  1 
ATOM 249  C C   . MET A 1 34  ? 10.749  -12.687 -9.763  1.00 91.08  ? 330 MET C C   1 
ATOM 250  O O   . MET A 1 34  ? 10.971  -13.307 -8.722  1.00 91.49  ? 330 MET C O   1 
ATOM 251  C CB  . MET A 1 34  ? 10.246  -10.293 -9.504  1.00 85.77  ? 330 MET C CB  1 
ATOM 252  C CG  . MET A 1 34  ? 10.400  -8.851  -9.923  1.00 91.74  ? 330 MET C CG  1 
ATOM 253  S SD  . MET A 1 34  ? 11.181  -7.805  -8.663  1.00 89.51  ? 330 MET C SD  1 
ATOM 254  C CE  . MET A 1 34  ? 9.853   -7.373  -7.632  1.00 92.37  ? 330 MET C CE  1 
ATOM 255  N N   . THR A 1 35  ? 10.027  -13.173 -10.765 1.00 94.96  ? 331 THR C N   1 
ATOM 256  C CA  . THR A 1 35  ? 9.363   -14.463 -10.717 1.00 100.45 ? 331 THR C CA  1 
ATOM 257  C C   . THR A 1 35  ? 10.101  -15.664 -11.298 1.00 105.96 ? 331 THR C C   1 
ATOM 258  O O   . THR A 1 35  ? 9.469   -16.664 -11.630 1.00 105.06 ? 331 THR C O   1 
ATOM 259  C CB  . THR A 1 35  ? 8.008   -14.361 -11.402 1.00 97.61  ? 331 THR C CB  1 
ATOM 260  O OG1 . THR A 1 35  ? 8.200   -14.044 -12.785 1.00 92.02  ? 331 THR C OG1 1 
ATOM 261  C CG2 . THR A 1 35  ? 7.179   -13.270 -10.747 1.00 89.83  ? 331 THR C CG2 1 
ATOM 262  N N   . GLU A 1 36  ? 11.423  -15.584 -11.406 1.00 114.19 ? 332 GLU C N   1 
ATOM 263  C CA  . GLU A 1 36  ? 12.174  -16.713 -11.940 1.00 122.88 ? 332 GLU C CA  1 
ATOM 264  C C   . GLU A 1 36  ? 11.833  -17.998 -11.170 1.00 125.39 ? 332 GLU C C   1 
ATOM 265  O O   . GLU A 1 36  ? 12.015  -18.077 -9.946  1.00 126.30 ? 332 GLU C O   1 
ATOM 266  C CB  . GLU A 1 36  ? 13.681  -16.435 -11.875 1.00 123.37 ? 332 GLU C CB  1 
ATOM 267  C CG  . GLU A 1 36  ? 14.363  -16.370 -13.251 1.00 127.75 ? 332 GLU C CG  1 
ATOM 268  C CD  . GLU A 1 36  ? 14.028  -17.567 -14.140 1.00 127.48 ? 332 GLU C CD  1 
ATOM 269  O OE1 . GLU A 1 36  ? 14.185  -18.716 -13.681 1.00 126.30 ? 332 GLU C OE1 1 
ATOM 270  O OE2 . GLU A 1 36  ? 13.611  -17.353 -15.300 1.00 125.37 ? 332 GLU C OE2 1 
ATOM 271  N N   . GLY A 1 37  ? 11.323  -18.995 -11.894 1.00 126.93 ? 333 GLY C N   1 
ATOM 272  C CA  . GLY A 1 37  ? 10.956  -20.259 -11.282 1.00 124.19 ? 333 GLY C CA  1 
ATOM 273  C C   . GLY A 1 37  ? 9.500   -20.337 -10.845 1.00 122.02 ? 333 GLY C C   1 
ATOM 274  O O   . GLY A 1 37  ? 9.084   -21.307 -10.223 1.00 120.96 ? 333 GLY C O   1 
ATOM 275  N N   . TYR A 1 38  ? 8.716   -19.313 -11.156 1.00 118.22 ? 334 TYR C N   1 
ATOM 276  C CA  . TYR A 1 38  ? 7.302   -19.292 -10.780 1.00 115.55 ? 334 TYR C CA  1 
ATOM 277  C C   . TYR A 1 38  ? 6.454   -20.062 -11.820 1.00 116.19 ? 334 TYR C C   1 
ATOM 278  O O   . TYR A 1 38  ? 6.922   -20.373 -12.921 1.00 118.59 ? 334 TYR C O   1 
ATOM 279  C CB  . TYR A 1 38  ? 6.802   -17.836 -10.670 1.00 109.50 ? 334 TYR C CB  1 
ATOM 280  C CG  . TYR A 1 38  ? 6.905   -17.162 -9.301  1.00 107.26 ? 334 TYR C CG  1 
ATOM 281  C CD1 . TYR A 1 38  ? 8.139   -16.902 -8.705  1.00 106.18 ? 334 TYR C CD1 1 
ATOM 282  C CD2 . TYR A 1 38  ? 5.750   -16.762 -8.623  1.00 96.94  ? 334 TYR C CD2 1 
ATOM 283  C CE1 . TYR A 1 38  ? 8.211   -16.262 -7.464  1.00 99.09  ? 334 TYR C CE1 1 
ATOM 284  C CE2 . TYR A 1 38  ? 5.814   -16.121 -7.397  1.00 108.09 ? 334 TYR C CE2 1 
ATOM 285  C CZ  . TYR A 1 38  ? 7.030   -15.878 -6.823  1.00 109.47 ? 334 TYR C CZ  1 
ATOM 286  O OH  . TYR A 1 38  ? 7.036   -15.267 -5.597  1.00 111.35 ? 334 TYR C OH  1 
ATOM 287  N N   . SER A 1 39  ? 5.210   -20.367 -11.466 1.00 112.03 ? 335 SER C N   1 
ATOM 288  C CA  . SER A 1 39  ? 4.336   -21.087 -12.372 1.00 107.84 ? 335 SER C CA  1 
ATOM 289  C C   . SER A 1 39  ? 3.145   -20.220 -12.754 1.00 104.95 ? 335 SER C C   1 
ATOM 290  O O   . SER A 1 39  ? 2.928   -19.153 -12.185 1.00 105.63 ? 335 SER C O   1 
ATOM 291  C CB  . SER A 1 39  ? 3.832   -22.378 -11.719 1.00 110.89 ? 335 SER C CB  1 
ATOM 292  O OG  . SER A 1 39  ? 2.528   -22.203 -11.189 1.00 110.60 ? 335 SER C OG  1 
ATOM 293  N N   . GLY A 1 40  ? 2.370   -20.691 -13.721 1.00 98.54  ? 336 GLY C N   1 
ATOM 294  C CA  . GLY A 1 40  ? 1.207   -19.944 -14.163 1.00 92.16  ? 336 GLY C CA  1 
ATOM 295  C C   . GLY A 1 40  ? 0.225   -19.630 -13.048 1.00 88.81  ? 336 GLY C C   1 
ATOM 296  O O   . GLY A 1 40  ? -0.190  -18.477 -12.899 1.00 89.76  ? 336 GLY C O   1 
ATOM 297  N N   . SER A 1 41  ? -0.163  -20.652 -12.279 1.00 85.84  ? 337 SER C N   1 
ATOM 298  C CA  . SER A 1 41  ? -1.090  -20.467 -11.158 1.00 82.36  ? 337 SER C CA  1 
ATOM 299  C C   . SER A 1 41  ? -0.480  -19.425 -10.219 1.00 83.91  ? 337 SER C C   1 
ATOM 300  O O   . SER A 1 41  ? -1.175  -18.487 -9.791  1.00 81.15  ? 337 SER C O   1 
ATOM 301  C CB  . SER A 1 41  ? -1.306  -21.790 -10.411 1.00 82.48  ? 337 SER C CB  1 
ATOM 302  O OG  . SER A 1 41  ? -0.321  -22.748 -10.765 1.00 83.89  ? 337 SER C OG  1 
ATOM 303  N N   . ASP A 1 42  ? 0.824   -19.590 -9.928  1.00 82.03  ? 338 ASP C N   1 
ATOM 304  C CA  . ASP A 1 42  ? 1.582   -18.684 -9.059  1.00 75.73  ? 338 ASP C CA  1 
ATOM 305  C C   . ASP A 1 42  ? 1.371   -17.239 -9.531  1.00 83.01  ? 338 ASP C C   1 
ATOM 306  O O   . ASP A 1 42  ? 0.621   -16.465 -8.925  1.00 78.50  ? 338 ASP C O   1 
ATOM 307  C CB  . ASP A 1 42  ? 3.081   -19.003 -9.112  1.00 78.64  ? 338 ASP C CB  1 
ATOM 308  C CG  . ASP A 1 42  ? 3.412   -20.392 -8.624  1.00 81.59  ? 338 ASP C CG  1 
ATOM 309  O OD1 . ASP A 1 42  ? 2.790   -20.843 -7.652  1.00 83.26  ? 338 ASP C OD1 1 
ATOM 310  O OD2 . ASP A 1 42  ? 4.312   -21.044 -9.190  1.00 82.30  ? 338 ASP C OD2 1 
ATOM 311  N N   . ILE A 1 43  ? 2.045   -16.887 -10.622 1.00 79.95  ? 339 ILE C N   1 
ATOM 312  C CA  . ILE A 1 43  ? 1.947   -15.566 -11.210 1.00 64.02  ? 339 ILE C CA  1 
ATOM 313  C C   . ILE A 1 43  ? 0.492   -15.108 -11.275 1.00 78.39  ? 339 ILE C C   1 
ATOM 314  O O   . ILE A 1 43  ? 0.191   -13.939 -11.095 1.00 72.67  ? 339 ILE C O   1 
ATOM 315  C CB  . ILE A 1 43  ? 2.532   -15.602 -12.610 1.00 75.73  ? 339 ILE C CB  1 
ATOM 316  C CG1 . ILE A 1 43  ? 4.016   -15.948 -12.521 1.00 79.23  ? 339 ILE C CG1 1 
ATOM 317  C CG2 . ILE A 1 43  ? 2.282   -14.296 -13.322 1.00 73.62  ? 339 ILE C CG2 1 
ATOM 318  C CD1 . ILE A 1 43  ? 4.717   -16.082 -13.874 1.00 89.75  ? 339 ILE C CD1 1 
ATOM 319  N N   . ALA A 1 44  ? -0.417  -16.038 -11.528 1.00 79.23  ? 340 ALA C N   1 
ATOM 320  C CA  . ALA A 1 44  ? -1.823  -15.707 -11.627 1.00 76.80  ? 340 ALA C CA  1 
ATOM 321  C C   . ALA A 1 44  ? -2.397  -15.353 -10.273 1.00 80.22  ? 340 ALA C C   1 
ATOM 322  O O   . ALA A 1 44  ? -3.225  -14.444 -10.166 1.00 80.87  ? 340 ALA C O   1 
ATOM 323  C CB  . ALA A 1 44  ? -2.588  -16.862 -12.224 1.00 83.65  ? 340 ALA C CB  1 
ATOM 324  N N   . VAL A 1 45  ? -1.992  -16.088 -9.243  1.00 80.34  ? 341 VAL C N   1 
ATOM 325  C CA  . VAL A 1 45  ? -2.476  -15.806 -7.885  1.00 79.81  ? 341 VAL C CA  1 
ATOM 326  C C   . VAL A 1 45  ? -1.964  -14.415 -7.564  1.00 77.40  ? 341 VAL C C   1 
ATOM 327  O O   . VAL A 1 45  ? -2.722  -13.496 -7.262  1.00 76.96  ? 341 VAL C O   1 
ATOM 328  C CB  . VAL A 1 45  ? -1.876  -16.772 -6.835  1.00 79.75  ? 341 VAL C CB  1 
ATOM 329  C CG1 . VAL A 1 45  ? -2.268  -16.322 -5.451  1.00 78.77  ? 341 VAL C CG1 1 
ATOM 330  C CG2 . VAL A 1 45  ? -2.357  -18.176 -7.087  1.00 80.24  ? 341 VAL C CG2 1 
ATOM 331  N N   . VAL A 1 46  ? -0.642  -14.307 -7.642  1.00 74.97  ? 342 VAL C N   1 
ATOM 332  C CA  . VAL A 1 46  ? 0.110   -13.080 -7.422  1.00 72.45  ? 342 VAL C CA  1 
ATOM 333  C C   . VAL A 1 46  ? -0.682  -11.850 -7.874  1.00 74.02  ? 342 VAL C C   1 
ATOM 334  O O   . VAL A 1 46  ? -0.940  -10.960 -7.093  1.00 74.43  ? 342 VAL C O   1 
ATOM 335  C CB  . VAL A 1 46  ? 1.432   -13.120 -8.235  1.00 66.63  ? 342 VAL C CB  1 
ATOM 336  C CG1 . VAL A 1 46  ? 2.195   -11.828 -8.042  1.00 60.46  ? 342 VAL C CG1 1 
ATOM 337  C CG2 . VAL A 1 46  ? 2.257   -14.361 -7.850  1.00 61.99  ? 342 VAL C CG2 1 
ATOM 338  N N   . VAL A 1 47  ? -1.065  -11.819 -9.143  1.00 75.23  ? 343 VAL C N   1 
ATOM 339  C CA  . VAL A 1 47  ? -1.810  -10.700 -9.695  1.00 73.13  ? 343 VAL C CA  1 
ATOM 340  C C   . VAL A 1 47  ? -3.204  -10.497 -9.095  1.00 79.63  ? 343 VAL C C   1 
ATOM 341  O O   . VAL A 1 47  ? -3.752  -9.399  -9.135  1.00 76.34  ? 343 VAL C O   1 
ATOM 342  C CB  . VAL A 1 47  ? -1.995  -10.855 -11.222 1.00 73.14  ? 343 VAL C CB  1 
ATOM 343  C CG1 . VAL A 1 47  ? -2.302  -9.497  -11.814 1.00 73.96  ? 343 VAL C CG1 1 
ATOM 344  C CG2 . VAL A 1 47  ? -0.767  -11.494 -11.881 1.00 68.37  ? 343 VAL C CG2 1 
ATOM 345  N N   . LYS A 1 48  ? -3.792  -11.561 -8.568  1.00 85.80  ? 344 LYS C N   1 
ATOM 346  C CA  . LYS A 1 48  ? -5.126  -11.453 -7.986  1.00 92.98  ? 344 LYS C CA  1 
ATOM 347  C C   . LYS A 1 48  ? -4.995  -10.746 -6.658  1.00 92.78  ? 344 LYS C C   1 
ATOM 348  O O   . LYS A 1 48  ? -5.882  -9.995  -6.249  1.00 91.69  ? 344 LYS C O   1 
ATOM 349  C CB  . LYS A 1 48  ? -5.750  -12.839 -7.782  1.00 102.68 ? 344 LYS C CB  1 
ATOM 350  C CG  . LYS A 1 48  ? -7.148  -12.786 -7.216  1.00 118.10 ? 344 LYS C CG  1 
ATOM 351  C CD  . LYS A 1 48  ? -8.039  -11.933 -8.103  1.00 130.30 ? 344 LYS C CD  1 
ATOM 352  C CE  . LYS A 1 48  ? -9.424  -11.753 -7.503  1.00 144.60 ? 344 LYS C CE  1 
ATOM 353  N NZ  . LYS A 1 48  ? -10.274 -10.834 -8.315  1.00 154.82 ? 344 LYS C NZ  1 
ATOM 354  N N   . ASP A 1 49  ? -3.869  -10.997 -5.992  1.00 95.42  ? 345 ASP C N   1 
ATOM 355  C CA  . ASP A 1 49  ? -3.577  -10.396 -4.701  1.00 99.93  ? 345 ASP C CA  1 
ATOM 356  C C   . ASP A 1 49  ? -3.337  -8.902  -4.910  1.00 97.69  ? 345 ASP C C   1 
ATOM 357  O O   . ASP A 1 49  ? -3.937  -8.076  -4.212  1.00 97.41  ? 345 ASP C O   1 
ATOM 358  C CB  . ASP A 1 49  ? -2.360  -11.060 -4.076  1.00 112.27 ? 345 ASP C CB  1 
ATOM 359  C CG  . ASP A 1 49  ? -2.278  -10.831 -2.581  1.00 123.01 ? 345 ASP C CG  1 
ATOM 360  O OD1 . ASP A 1 49  ? -2.064  -9.672  -2.160  1.00 126.92 ? 345 ASP C OD1 1 
ATOM 361  O OD2 . ASP A 1 49  ? -2.436  -11.811 -1.821  1.00 128.34 ? 345 ASP C OD2 1 
ATOM 362  N N   . ALA A 1 50  ? -2.466  -8.546  -5.856  1.00 95.84  ? 346 ALA C N   1 
ATOM 363  C CA  . ALA A 1 50  ? -2.256  -7.135  -6.178  1.00 96.36  ? 346 ALA C CA  1 
ATOM 364  C C   . ALA A 1 50  ? -3.677  -6.785  -6.593  1.00 98.76  ? 346 ALA C C   1 
ATOM 365  O O   . ALA A 1 50  ? -4.482  -7.698  -6.802  1.00 100.50 ? 346 ALA C O   1 
ATOM 366  C CB  . ALA A 1 50  ? -1.315  -6.983  -7.351  1.00 95.31  ? 346 ALA C CB  1 
ATOM 367  N N   . LEU A 1 51  ? -4.012  -5.513  -6.757  1.00 99.76  ? 347 LEU C N   1 
ATOM 368  C CA  . LEU A 1 51  ? -5.410  -5.178  -7.066  1.00 100.77 ? 347 LEU C CA  1 
ATOM 369  C C   . LEU A 1 51  ? -6.035  -5.553  -5.717  1.00 101.01 ? 347 LEU C C   1 
ATOM 370  O O   . LEU A 1 51  ? -5.367  -6.150  -4.872  1.00 99.32  ? 347 LEU C O   1 
ATOM 371  C CB  . LEU A 1 51  ? -5.983  -6.067  -8.192  1.00 105.10 ? 347 LEU C CB  1 
ATOM 372  C CG  . LEU A 1 51  ? -5.407  -6.036  -9.617  1.00 106.02 ? 347 LEU C CG  1 
ATOM 373  C CD1 . LEU A 1 51  ? -3.950  -6.420  -9.589  1.00 116.37 ? 347 LEU C CD1 1 
ATOM 374  C CD2 . LEU A 1 51  ? -6.164  -6.997  -10.516 1.00 101.95 ? 347 LEU C CD2 1 
ATOM 375  N N   . MET A 1 52  ? -7.287  -5.222  -5.463  1.00 102.25 ? 348 MET C N   1 
ATOM 376  C CA  . MET A 1 52  ? -7.808  -5.583  -4.152  1.00 105.29 ? 348 MET C CA  1 
ATOM 377  C C   . MET A 1 52  ? -6.919  -4.824  -3.173  1.00 104.19 ? 348 MET C C   1 
ATOM 378  O O   . MET A 1 52  ? -7.187  -4.774  -1.970  1.00 103.40 ? 348 MET C O   1 
ATOM 379  C CB  . MET A 1 52  ? -7.676  -7.097  -3.899  1.00 110.65 ? 348 MET C CB  1 
ATOM 380  C CG  . MET A 1 52  ? -9.005  -7.854  -3.925  1.00 118.26 ? 348 MET C CG  1 
ATOM 381  S SD  . MET A 1 52  ? -9.180  -9.111  -5.263  1.00 123.31 ? 348 MET C SD  1 
ATOM 382  C CE  . MET A 1 52  ? -8.900  -10.684 -4.330  1.00 123.57 ? 348 MET C CE  1 
ATOM 383  N N   . GLN A 1 53  ? -5.854  -4.239  -3.709  1.00 103.71 ? 349 GLN C N   1 
ATOM 384  C CA  . GLN A 1 53  ? -4.911  -3.448  -2.940  1.00 106.58 ? 349 GLN C CA  1 
ATOM 385  C C   . GLN A 1 53  ? -5.466  -2.044  -2.877  1.00 101.55 ? 349 GLN C C   1 
ATOM 386  O O   . GLN A 1 53  ? -5.704  -1.528  -1.790  1.00 100.67 ? 349 GLN C O   1 
ATOM 387  C CB  . GLN A 1 53  ? -3.546  -3.419  -3.611  1.00 108.17 ? 349 GLN C CB  1 
ATOM 388  C CG  . GLN A 1 53  ? -2.902  -4.769  -3.728  1.00 126.21 ? 349 GLN C CG  1 
ATOM 389  C CD  . GLN A 1 53  ? -2.491  -5.328  -2.389  1.00 132.36 ? 349 GLN C CD  1 
ATOM 390  O OE1 . GLN A 1 53  ? -1.555  -4.838  -1.757  1.00 139.79 ? 349 GLN C OE1 1 
ATOM 391  N NE2 . GLN A 1 53  ? -3.196  -6.361  -1.943  1.00 140.05 ? 349 GLN C NE2 1 
ATOM 392  N N   . PRO A 1 54  ? -5.693  -1.402  -4.039  1.00 94.40  ? 350 PRO C N   1 
ATOM 393  C CA  . PRO A 1 54  ? -6.234  -0.043  -4.025  1.00 99.50  ? 350 PRO C CA  1 
ATOM 394  C C   . PRO A 1 54  ? -7.372  0.033   -3.047  1.00 96.39  ? 350 PRO C C   1 
ATOM 395  O O   . PRO A 1 54  ? -7.610  1.064   -2.429  1.00 94.88  ? 350 PRO C O   1 
ATOM 396  C CB  . PRO A 1 54  ? -6.677  0.157   -5.461  1.00 94.82  ? 350 PRO C CB  1 
ATOM 397  C CG  . PRO A 1 54  ? -5.600  -0.530  -6.207  1.00 92.71  ? 350 PRO C CG  1 
ATOM 398  C CD  . PRO A 1 54  ? -5.469  -1.833  -5.428  1.00 96.58  ? 350 PRO C CD  1 
ATOM 399  N N   . ILE A 1 55  ? -8.050  -1.094  -2.900  1.00 94.87  ? 351 ILE C N   1 
ATOM 400  C CA  . ILE A 1 55  ? -9.179  -1.226  -1.989  1.00 97.56  ? 351 ILE C CA  1 
ATOM 401  C C   . ILE A 1 55  ? -8.710  -1.349  -0.535  1.00 96.75  ? 351 ILE C C   1 
ATOM 402  O O   . ILE A 1 55  ? -9.260  -0.711  0.359   1.00 96.86  ? 351 ILE C O   1 
ATOM 403  C CB  . ILE A 1 55  ? -10.055 -2.443  -2.394  1.00 98.26  ? 351 ILE C CB  1 
ATOM 404  C CG1 . ILE A 1 55  ? -10.874 -2.106  -3.645  1.00 100.97 ? 351 ILE C CG1 1 
ATOM 405  C CG2 . ILE A 1 55  ? -10.962 -2.831  -1.276  1.00 99.04  ? 351 ILE C CG2 1 
ATOM 406  C CD1 . ILE A 1 55  ? -10.049 -1.910  -4.915  1.00 103.19 ? 351 ILE C CD1 1 
ATOM 407  N N   . ARG A 1 56  ? -7.692  -2.160  -0.290  1.00 95.73  ? 352 ARG C N   1 
ATOM 408  C CA  . ARG A 1 56  ? -7.187  -2.293  1.064   1.00 100.10 ? 352 ARG C CA  1 
ATOM 409  C C   . ARG A 1 56  ? -6.696  -0.938  1.557   1.00 100.82 ? 352 ARG C C   1 
ATOM 410  O O   . ARG A 1 56  ? -6.927  -0.580  2.704   1.00 98.33  ? 352 ARG C O   1 
ATOM 411  C CB  . ARG A 1 56  ? -6.049  -3.298  1.112   1.00 100.93 ? 352 ARG C CB  1 
ATOM 412  C CG  . ARG A 1 56  ? -6.438  -4.665  0.629   1.00 109.37 ? 352 ARG C CG  1 
ATOM 413  C CD  . ARG A 1 56  ? -5.457  -5.708  1.120   1.00 122.08 ? 352 ARG C CD  1 
ATOM 414  N NE  . ARG A 1 56  ? -5.777  -7.039  0.604   1.00 137.10 ? 352 ARG C NE  1 
ATOM 415  C CZ  . ARG A 1 56  ? -5.325  -8.180  1.123   1.00 149.04 ? 352 ARG C CZ  1 
ATOM 416  N NH1 . ARG A 1 56  ? -4.527  -8.166  2.186   1.00 154.80 ? 352 ARG C NH1 1 
ATOM 417  N NH2 . ARG A 1 56  ? -5.669  -9.338  0.571   1.00 155.32 ? 352 ARG C NH2 1 
ATOM 418  N N   . LYS A 1 57  ? -6.026  -0.186  0.686   1.00 105.19 ? 353 LYS C N   1 
ATOM 419  C CA  . LYS A 1 57  ? -5.510  1.129   1.031   1.00 113.98 ? 353 LYS C CA  1 
ATOM 420  C C   . LYS A 1 57  ? -6.570  2.029   1.611   1.00 118.61 ? 353 LYS C C   1 
ATOM 421  O O   . LYS A 1 57  ? -6.309  2.788   2.535   1.00 116.30 ? 353 LYS C O   1 
ATOM 422  C CB  . LYS A 1 57  ? -4.934  1.824   -0.187  1.00 117.33 ? 353 LYS C CB  1 
ATOM 423  C CG  . LYS A 1 57  ? -3.510  1.461   -0.496  1.00 119.93 ? 353 LYS C CG  1 
ATOM 424  C CD  . LYS A 1 57  ? -2.970  2.355   -1.607  1.00 129.72 ? 353 LYS C CD  1 
ATOM 425  C CE  . LYS A 1 57  ? -1.534  2.006   -1.980  1.00 130.98 ? 353 LYS C CE  1 
ATOM 426  N NZ  . LYS A 1 57  ? -1.050  2.804   -3.139  1.00 128.88 ? 353 LYS C NZ  1 
ATOM 427  N N   . ILE A 1 58  ? -7.769  1.954   1.058   1.00 123.24 ? 354 ILE C N   1 
ATOM 428  C CA  . ILE A 1 58  ? -8.860  2.791   1.522   1.00 127.53 ? 354 ILE C CA  1 
ATOM 429  C C   . ILE A 1 58  ? -9.610  2.162   2.701   1.00 133.04 ? 354 ILE C C   1 
ATOM 430  O O   . ILE A 1 58  ? -10.367 2.836   3.409   1.00 133.74 ? 354 ILE C O   1 
ATOM 431  C CB  . ILE A 1 58  ? -9.833  3.092   0.356   1.00 125.66 ? 354 ILE C CB  1 
ATOM 432  C CG1 . ILE A 1 58  ? -10.984 2.098   0.331   1.00 121.86 ? 354 ILE C CG1 1 
ATOM 433  C CG2 . ILE A 1 58  ? -9.098  3.002   -0.957  1.00 126.71 ? 354 ILE C CG2 1 
ATOM 434  C CD1 . ILE A 1 58  ? -12.271 2.661   0.872   1.00 118.05 ? 354 ILE C CD1 1 
ATOM 435  N N   . GLN A 1 59  ? -9.388  0.871   2.925   1.00 133.95 ? 355 GLN C N   1 
ATOM 436  C CA  . GLN A 1 59  ? -10.050 0.168   4.014   1.00 132.46 ? 355 GLN C CA  1 
ATOM 437  C C   . GLN A 1 59  ? -9.349  0.322   5.348   1.00 130.48 ? 355 GLN C C   1 
ATOM 438  O O   . GLN A 1 59  ? -9.998  0.499   6.376   1.00 129.73 ? 355 GLN C O   1 
ATOM 439  C CB  . GLN A 1 59  ? -10.149 -1.305  3.686   1.00 132.89 ? 355 GLN C CB  1 
ATOM 440  C CG  . GLN A 1 59  ? -11.001 -1.601  2.486   1.00 134.10 ? 355 GLN C CG  1 
ATOM 441  C CD  . GLN A 1 59  ? -11.176 -3.084  2.281   1.00 134.74 ? 355 GLN C CD  1 
ATOM 442  O OE1 . GLN A 1 59  ? -10.194 -3.815  2.111   1.00 138.15 ? 355 GLN C OE1 1 
ATOM 443  N NE2 . GLN A 1 59  ? -12.424 -3.543  2.302   1.00 130.99 ? 355 GLN C NE2 1 
ATOM 444  N N   . SER A 1 60  ? -8.025  0.239   5.326   1.00 128.11 ? 356 SER C N   1 
ATOM 445  C CA  . SER A 1 60  ? -7.232  0.364   6.542   1.00 126.24 ? 356 SER C CA  1 
ATOM 446  C C   . SER A 1 60  ? -6.844  1.815   6.841   1.00 124.08 ? 356 SER C C   1 
ATOM 447  O O   . SER A 1 60  ? -6.983  2.281   7.981   1.00 124.82 ? 356 SER C O   1 
ATOM 448  C CB  . SER A 1 60  ? -5.963  -0.513  6.457   1.00 126.64 ? 356 SER C CB  1 
ATOM 449  O OG  . SER A 1 60  ? -5.090  -0.105  5.415   1.00 124.77 ? 356 SER C OG  1 
ATOM 450  N N   . ALA A 1 61  ? -6.378  2.528   5.817   1.00 120.75 ? 357 ALA C N   1 
ATOM 451  C CA  . ALA A 1 61  ? -5.963  3.917   5.987   1.00 118.12 ? 357 ALA C CA  1 
ATOM 452  C C   . ALA A 1 61  ? -7.126  4.828   6.331   1.00 114.53 ? 357 ALA C C   1 
ATOM 453  O O   . ALA A 1 61  ? -7.981  5.088   5.496   1.00 111.21 ? 357 ALA C O   1 
ATOM 454  C CB  . ALA A 1 61  ? -5.248  4.426   4.723   1.00 116.75 ? 357 ALA C CB  1 
ATOM 455  N N   . THR A 1 62  ? -7.145  5.293   7.576   1.00 112.92 ? 358 THR C N   1 
ATOM 456  C CA  . THR A 1 62  ? -8.184  6.201   8.052   1.00 112.78 ? 358 THR C CA  1 
ATOM 457  C C   . THR A 1 62  ? -7.561  7.594   8.103   1.00 109.66 ? 358 THR C C   1 
ATOM 458  O O   . THR A 1 62  ? -7.014  8.010   9.120   1.00 109.85 ? 358 THR C O   1 
ATOM 459  C CB  . THR A 1 62  ? -8.695  5.791   9.458   1.00 106.80 ? 358 THR C CB  1 
ATOM 460  O OG1 . THR A 1 62  ? -9.256  4.466   9.400   1.00 107.04 ? 358 THR C OG1 1 
ATOM 461  C CG2 . THR A 1 62  ? -9.764  6.771   9.945   1.00 107.98 ? 358 THR C CG2 1 
ATOM 462  N N   . HIS A 1 63  ? -7.650  8.289   6.975   1.00 107.73 ? 359 HIS C N   1 
ATOM 463  C CA  . HIS A 1 63  ? -7.083  9.616   6.786   1.00 110.10 ? 359 HIS C CA  1 
ATOM 464  C C   . HIS A 1 63  ? -7.112  9.786   5.281   1.00 110.68 ? 359 HIS C C   1 
ATOM 465  O O   . HIS A 1 63  ? -6.383  9.116   4.558   1.00 108.48 ? 359 HIS C O   1 
ATOM 466  C CB  . HIS A 1 63  ? -5.623  9.642   7.230   1.00 110.66 ? 359 HIS C CB  1 
ATOM 467  C CG  . HIS A 1 63  ? -5.341  10.563  8.365   1.00 115.69 ? 359 HIS C CG  1 
ATOM 468  N ND1 . HIS A 1 63  ? -5.558  11.927  8.291   1.00 120.80 ? 359 HIS C ND1 1 
ATOM 469  C CD2 . HIS A 1 63  ? -4.840  10.334  9.601   1.00 119.08 ? 359 HIS C CD2 1 
ATOM 470  C CE1 . HIS A 1 63  ? -5.203  12.485  9.427   1.00 120.23 ? 359 HIS C CE1 1 
ATOM 471  N NE2 . HIS A 1 63  ? -4.762  11.539  10.246  1.00 117.89 ? 359 HIS C NE2 1 
ATOM 472  N N   . PHE A 1 64  ? -7.961  10.663  4.793   1.00 112.35 ? 360 PHE C N   1 
ATOM 473  C CA  . PHE A 1 64  ? -8.019  10.851  3.365   1.00 119.58 ? 360 PHE C CA  1 
ATOM 474  C C   . PHE A 1 64  ? -7.703  12.274  3.002   1.00 124.66 ? 360 PHE C C   1 
ATOM 475  O O   . PHE A 1 64  ? -8.073  13.196  3.713   1.00 123.58 ? 360 PHE C O   1 
ATOM 476  C CB  . PHE A 1 64  ? -9.402  10.493  2.838   1.00 116.69 ? 360 PHE C CB  1 
ATOM 477  C CG  . PHE A 1 64  ? -9.755  9.059   3.014   1.00 116.67 ? 360 PHE C CG  1 
ATOM 478  C CD1 . PHE A 1 64  ? -8.767  8.118   3.236   1.00 116.53 ? 360 PHE C CD1 1 
ATOM 479  C CD2 . PHE A 1 64  ? -11.080 8.639   2.946   1.00 116.01 ? 360 PHE C CD2 1 
ATOM 480  C CE1 . PHE A 1 64  ? -9.083  6.776   3.379   1.00 117.49 ? 360 PHE C CE1 1 
ATOM 481  C CE2 . PHE A 1 64  ? -11.415 7.293   3.088   1.00 115.76 ? 360 PHE C CE2 1 
ATOM 482  C CZ  . PHE A 1 64  ? -10.413 6.360   3.310   1.00 115.89 ? 360 PHE C CZ  1 
ATOM 483  N N   . LYS A 1 65  ? -7.010  12.452  1.890   1.00 132.06 ? 361 LYS C N   1 
ATOM 484  C CA  . LYS A 1 65  ? -6.674  13.788  1.434   1.00 142.63 ? 361 LYS C CA  1 
ATOM 485  C C   . LYS A 1 65  ? -7.539  14.103  0.204   1.00 146.87 ? 361 LYS C C   1 
ATOM 486  O O   . LYS A 1 65  ? -8.024  13.179  -0.446  1.00 150.23 ? 361 LYS C O   1 
ATOM 487  C CB  . LYS A 1 65  ? -5.177  13.853  1.097   1.00 147.31 ? 361 LYS C CB  1 
ATOM 488  C CG  . LYS A 1 65  ? -4.682  15.229  0.707   1.00 153.14 ? 361 LYS C CG  1 
ATOM 489  C CD  . LYS A 1 65  ? -3.196  15.402  0.978   1.00 154.87 ? 361 LYS C CD  1 
ATOM 490  C CE  . LYS A 1 65  ? -2.304  14.609  0.060   1.00 154.78 ? 361 LYS C CE  1 
ATOM 491  N NZ  . LYS A 1 65  ? -2.188  13.227  0.555   1.00 154.59 ? 361 LYS C NZ  1 
ATOM 492  N N   . ASP A 1 66  ? -7.756  15.390  -0.096  1.00 150.08 ? 362 ASP C N   1 
ATOM 493  C CA  . ASP A 1 66  ? -8.556  15.800  -1.262  1.00 152.71 ? 362 ASP C CA  1 
ATOM 494  C C   . ASP A 1 66  ? -7.621  16.161  -2.419  1.00 154.38 ? 362 ASP C C   1 
ATOM 495  O O   . ASP A 1 66  ? -6.761  17.028  -2.270  1.00 156.30 ? 362 ASP C O   1 
ATOM 496  C CB  . ASP A 1 66  ? -9.439  17.016  -0.917  1.00 153.49 ? 362 ASP C CB  1 
ATOM 497  C CG  . ASP A 1 66  ? -10.364 17.437  -2.073  1.00 149.81 ? 362 ASP C CG  1 
ATOM 498  O OD1 . ASP A 1 66  ? -11.117 18.423  -1.913  1.00 151.69 ? 362 ASP C OD1 1 
ATOM 499  O OD2 . ASP A 1 66  ? -10.351 16.791  -3.141  1.00 148.37 ? 362 ASP C OD2 1 
ATOM 500  N N   . VAL A 1 67  ? -7.787  15.500  -3.566  1.00 155.97 ? 363 VAL C N   1 
ATOM 501  C CA  . VAL A 1 67  ? -6.945  15.759  -4.741  1.00 157.17 ? 363 VAL C CA  1 
ATOM 502  C C   . VAL A 1 67  ? -7.780  16.153  -5.977  1.00 156.74 ? 363 VAL C C   1 
ATOM 503  O O   . VAL A 1 67  ? -7.283  16.160  -7.109  1.00 157.43 ? 363 VAL C O   1 
ATOM 504  C CB  . VAL A 1 67  ? -6.076  14.517  -5.072  1.00 157.09 ? 363 VAL C CB  1 
ATOM 505  C CG1 . VAL A 1 67  ? -5.040  14.863  -6.141  1.00 158.16 ? 363 VAL C CG1 1 
ATOM 506  C CG2 . VAL A 1 67  ? -5.389  14.017  -3.810  1.00 156.55 ? 363 VAL C CG2 1 
ATOM 507  N N   . SER A 1 68  ? -9.046  16.496  -5.738  1.00 154.79 ? 364 SER C N   1 
ATOM 508  C CA  . SER A 1 68  ? -9.974  16.897  -6.789  1.00 152.65 ? 364 SER C CA  1 
ATOM 509  C C   . SER A 1 68  ? -9.402  17.983  -7.686  1.00 154.00 ? 364 SER C C   1 
ATOM 510  O O   . SER A 1 68  ? -8.941  19.013  -7.208  1.00 155.44 ? 364 SER C O   1 
ATOM 511  C CB  . SER A 1 68  ? -11.275 17.398  -6.167  1.00 146.18 ? 364 SER C CB  1 
ATOM 512  O OG  . SER A 1 68  ? -12.045 18.119  -7.110  1.00 137.30 ? 364 SER C OG  1 
ATOM 513  N N   . GLU A 1 73  ? -16.307 15.924  -10.993 1.00 123.09 ? 369 GLU C N   1 
ATOM 514  C CA  . GLU A 1 73  ? -14.992 16.097  -10.360 1.00 123.33 ? 369 GLU C CA  1 
ATOM 515  C C   . GLU A 1 73  ? -15.098 16.531  -8.892  1.00 123.33 ? 369 GLU C C   1 
ATOM 516  O O   . GLU A 1 73  ? -14.510 15.895  -8.006  1.00 122.66 ? 369 GLU C O   1 
ATOM 517  C CB  . GLU A 1 73  ? -14.143 17.147  -11.112 1.00 122.37 ? 369 GLU C CB  1 
ATOM 518  C CG  . GLU A 1 73  ? -13.963 16.895  -12.597 1.00 122.35 ? 369 GLU C CG  1 
ATOM 519  C CD  . GLU A 1 73  ? -12.995 17.872  -13.237 1.00 122.76 ? 369 GLU C CD  1 
ATOM 520  O OE1 . GLU A 1 73  ? -13.162 19.100  -13.044 1.00 123.28 ? 369 GLU C OE1 1 
ATOM 521  O OE2 . GLU A 1 73  ? -12.068 17.414  -13.940 1.00 122.23 ? 369 GLU C OE2 1 
ATOM 522  N N   . THR A 1 74  ? -15.849 17.616  -8.655  1.00 123.39 ? 370 THR C N   1 
ATOM 523  C CA  . THR A 1 74  ? -16.039 18.202  -7.321  1.00 122.90 ? 370 THR C CA  1 
ATOM 524  C C   . THR A 1 74  ? -15.729 17.233  -6.186  1.00 122.69 ? 370 THR C C   1 
ATOM 525  O O   . THR A 1 74  ? -16.572 16.407  -5.814  1.00 122.31 ? 370 THR C O   1 
ATOM 526  C CB  . THR A 1 74  ? -17.489 18.715  -7.110  1.00 122.92 ? 370 THR C CB  1 
ATOM 527  O OG1 . THR A 1 74  ? -18.014 19.236  -8.341  1.00 121.75 ? 370 THR C OG1 1 
ATOM 528  C CG2 . THR A 1 74  ? -17.502 19.818  -6.037  1.00 121.85 ? 370 THR C CG2 1 
ATOM 529  N N   . ARG A 1 75  ? -14.514 17.328  -5.648  1.00 122.29 ? 371 ARG C N   1 
ATOM 530  C CA  . ARG A 1 75  ? -14.103 16.473  -4.540  1.00 122.15 ? 371 ARG C CA  1 
ATOM 531  C C   . ARG A 1 75  ? -13.779 15.036  -4.953  1.00 122.06 ? 371 ARG C C   1 
ATOM 532  O O   . ARG A 1 75  ? -14.502 14.412  -5.734  1.00 121.76 ? 371 ARG C O   1 
ATOM 533  C CB  . ARG A 1 75  ? -15.202 16.444  -3.475  1.00 122.05 ? 371 ARG C CB  1 
ATOM 534  C CG  . ARG A 1 75  ? -15.732 17.808  -3.078  1.00 121.75 ? 371 ARG C CG  1 
ATOM 535  C CD  . ARG A 1 75  ? -17.005 17.656  -2.261  1.00 122.26 ? 371 ARG C CD  1 
ATOM 536  N NE  . ARG A 1 75  ? -16.887 16.615  -1.235  1.00 122.83 ? 371 ARG C NE  1 
ATOM 537  C CZ  . ARG A 1 75  ? -15.872 16.520  -0.377  1.00 123.07 ? 371 ARG C CZ  1 
ATOM 538  N NH1 . ARG A 1 75  ? -14.876 17.405  -0.423  1.00 123.01 ? 371 ARG C NH1 1 
ATOM 539  N NH2 . ARG A 1 75  ? -15.856 15.547  0.530   1.00 122.22 ? 371 ARG C NH2 1 
ATOM 540  N N   . LYS A 1 76  ? -12.689 14.517  -4.401  1.00 122.47 ? 372 LYS C N   1 
ATOM 541  C CA  . LYS A 1 76  ? -12.226 13.154  -4.665  1.00 122.42 ? 372 LYS C CA  1 
ATOM 542  C C   . LYS A 1 76  ? -11.199 12.832  -3.573  1.00 122.28 ? 372 LYS C C   1 
ATOM 543  O O   . LYS A 1 76  ? -9.995  12.928  -3.801  1.00 122.30 ? 372 LYS C O   1 
ATOM 544  C CB  . LYS A 1 76  ? -11.541 13.068  -6.041  1.00 122.82 ? 372 LYS C CB  1 
ATOM 545  C CG  . LYS A 1 76  ? -12.412 13.419  -7.254  1.00 122.69 ? 372 LYS C CG  1 
ATOM 546  C CD  . LYS A 1 76  ? -11.563 13.614  -8.515  1.00 121.98 ? 372 LYS C CD  1 
ATOM 547  C CE  . LYS A 1 76  ? -12.383 14.205  -9.656  1.00 121.44 ? 372 LYS C CE  1 
ATOM 548  N NZ  . LYS A 1 76  ? -11.552 14.548  -10.850 1.00 121.76 ? 372 LYS C NZ  1 
ATOM 549  N N   . LEU A 1 77  ? -11.664 12.463  -2.385  1.00 122.14 ? 373 LEU C N   1 
ATOM 550  C CA  . LEU A 1 77  ? -10.746 12.150  -1.292  1.00 121.96 ? 373 LEU C CA  1 
ATOM 551  C C   . LEU A 1 77  ? -10.223 10.708  -1.367  1.00 121.75 ? 373 LEU C C   1 
ATOM 552  O O   . LEU A 1 77  ? -10.968 9.797   -1.736  1.00 121.58 ? 373 LEU C O   1 
ATOM 553  C CB  . LEU A 1 77  ? -11.429 12.406  0.068   1.00 122.39 ? 373 LEU C CB  1 
ATOM 554  C CG  . LEU A 1 77  ? -12.934 12.721  0.155   1.00 121.97 ? 373 LEU C CG  1 
ATOM 555  C CD1 . LEU A 1 77  ? -13.346 12.822  1.613   1.00 121.40 ? 373 LEU C CD1 1 
ATOM 556  C CD2 . LEU A 1 77  ? -13.244 14.023  -0.558  1.00 122.09 ? 373 LEU C CD2 1 
ATOM 557  N N   . THR A 1 78  ? -8.943  10.517  -1.034  1.00 121.33 ? 374 THR C N   1 
ATOM 558  C CA  . THR A 1 78  ? -8.312  9.196   -1.048  1.00 121.23 ? 374 THR C CA  1 
ATOM 559  C C   . THR A 1 78  ? -7.315  9.013   0.107   1.00 121.06 ? 374 THR C C   1 
ATOM 560  O O   . THR A 1 78  ? -6.895  9.976   0.751   1.00 121.51 ? 374 THR C O   1 
ATOM 561  C CB  . THR A 1 78  ? -7.580  8.929   -2.375  1.00 121.11 ? 374 THR C CB  1 
ATOM 562  O OG1 . THR A 1 78  ? -6.629  9.966   -2.585  1.00 121.96 ? 374 THR C OG1 1 
ATOM 563  C CG2 . THR A 1 78  ? -8.566  8.874   -3.559  1.00 121.90 ? 374 THR C CG2 1 
ATOM 564  N N   . PRO A 1 79  ? -6.918  7.759   0.370   1.00 120.75 ? 375 PRO C N   1 
ATOM 565  C CA  . PRO A 1 79  ? -5.986  7.417   1.440   1.00 120.76 ? 375 PRO C CA  1 
ATOM 566  C C   . PRO A 1 79  ? -4.670  8.148   1.395   1.00 120.37 ? 375 PRO C C   1 
ATOM 567  O O   . PRO A 1 79  ? -4.001  8.173   0.376   1.00 120.50 ? 375 PRO C O   1 
ATOM 568  C CB  . PRO A 1 79  ? -5.796  5.919   1.257   1.00 121.40 ? 375 PRO C CB  1 
ATOM 569  C CG  . PRO A 1 79  ? -7.053  5.477   0.602   1.00 120.30 ? 375 PRO C CG  1 
ATOM 570  C CD  . PRO A 1 79  ? -7.266  6.554   -0.399  1.00 120.73 ? 375 PRO C CD  1 
ATOM 571  N N   . CYS A 1 80  ? -4.281  8.727   2.514   1.00 120.75 ? 376 CYS C N   1 
ATOM 572  C CA  . CYS A 1 80  ? -3.009  9.421   2.548   1.00 120.69 ? 376 CYS C CA  1 
ATOM 573  C C   . CYS A 1 80  ? -2.376  9.316   3.904   1.00 121.10 ? 376 CYS C C   1 
ATOM 574  O O   . CYS A 1 80  ? -3.036  8.987   4.906   1.00 121.25 ? 376 CYS C O   1 
ATOM 575  C CB  . CYS A 1 80  ? -3.189  10.892  2.213   1.00 119.41 ? 376 CYS C CB  1 
ATOM 576  S SG  . CYS A 1 80  ? -4.150  11.806  3.429   1.00 115.11 ? 376 CYS C SG  1 
ATOM 577  N N   . SER A 1 81  ? -1.080  9.590   3.931   1.00 120.99 ? 377 SER C N   1 
ATOM 578  C CA  . SER A 1 81  ? -0.372  9.607   5.182   1.00 121.27 ? 377 SER C CA  1 
ATOM 579  C C   . SER A 1 81  ? -1.152  10.787  5.749   1.00 121.56 ? 377 SER C C   1 
ATOM 580  O O   . SER A 1 81  ? -2.227  11.154  5.255   1.00 121.67 ? 377 SER C O   1 
ATOM 581  C CB  . SER A 1 81  ? 1.056   10.058  4.947   1.00 121.09 ? 377 SER C CB  1 
ATOM 582  O OG  . SER A 1 81  ? 0.913   11.309  4.338   1.00 121.92 ? 377 SER C OG  1 
ATOM 583  N N   . PRO A 1 82  ? -0.711  11.307  6.873   1.00 119.30 ? 378 PRO C N   1 
ATOM 584  C CA  . PRO A 1 82  ? -1.464  12.467  7.352   1.00 119.24 ? 378 PRO C CA  1 
ATOM 585  C C   . PRO A 1 82  ? -0.570  13.714  7.199   1.00 119.09 ? 378 PRO C C   1 
ATOM 586  O O   . PRO A 1 82  ? -1.039  14.866  7.346   1.00 118.29 ? 378 PRO C O   1 
ATOM 587  C CB  . PRO A 1 82  ? -1.822  12.107  8.780   1.00 118.56 ? 378 PRO C CB  1 
ATOM 588  C CG  . PRO A 1 82  ? -0.932  11.004  9.157   1.00 118.84 ? 378 PRO C CG  1 
ATOM 589  C CD  . PRO A 1 82  ? -0.493  10.312  7.939   1.00 118.93 ? 378 PRO C CD  1 
ATOM 590  N N   . GLY A 1 83  ? 0.711   13.438  6.907   1.00 119.15 ? 379 GLY C N   1 
ATOM 591  C CA  . GLY A 1 83  ? 1.711   14.447  6.613   1.00 119.58 ? 379 GLY C CA  1 
ATOM 592  C C   . GLY A 1 83  ? 1.714   14.376  5.109   1.00 119.38 ? 379 GLY C C   1 
ATOM 593  O O   . GLY A 1 83  ? 2.476   13.651  4.469   1.00 119.33 ? 379 GLY C O   1 
ATOM 594  N N   . ASP A 1 84  ? 0.693   15.004  4.582   1.00 119.27 ? 380 ASP C N   1 
ATOM 595  C CA  . ASP A 1 84  ? 0.532   15.170  3.172   1.00 119.13 ? 380 ASP C CA  1 
ATOM 596  C C   . ASP A 1 84  ? -0.394  16.332  3.419   1.00 119.78 ? 380 ASP C C   1 
ATOM 597  O O   . ASP A 1 84  ? -1.147  16.262  4.339   1.00 120.16 ? 380 ASP C O   1 
ATOM 598  C CB  . ASP A 1 84  ? -0.177  13.973  2.518   1.00 118.47 ? 380 ASP C CB  1 
ATOM 599  C CG  . ASP A 1 84  ? 0.774   13.156  1.573   1.00 119.65 ? 380 ASP C CG  1 
ATOM 600  O OD1 . ASP A 1 84  ? 1.018   13.535  0.397   1.00 121.15 ? 380 ASP C OD1 1 
ATOM 601  O OD2 . ASP A 1 84  ? 1.302   12.100  1.989   1.00 119.94 ? 380 ASP C OD2 1 
ATOM 602  N N   . ASP A 1 85  ? -0.230  17.440  2.726   1.00 120.02 ? 381 ASP C N   1 
ATOM 603  C CA  . ASP A 1 85  ? -1.092  18.620  2.786   1.00 119.78 ? 381 ASP C CA  1 
ATOM 604  C C   . ASP A 1 85  ? -2.649  18.299  2.662   1.00 119.63 ? 381 ASP C C   1 
ATOM 605  O O   . ASP A 1 85  ? -3.115  17.837  1.591   1.00 119.25 ? 381 ASP C O   1 
ATOM 606  C CB  . ASP A 1 85  ? -0.625  19.407  1.581   1.00 119.57 ? 381 ASP C CB  1 
ATOM 607  C CG  . ASP A 1 85  ? -0.945  20.868  1.640   1.00 120.39 ? 381 ASP C CG  1 
ATOM 608  O OD1 . ASP A 1 85  ? -0.847  21.404  2.759   1.00 120.78 ? 381 ASP C OD1 1 
ATOM 609  O OD2 . ASP A 1 85  ? -1.258  21.492  0.577   1.00 120.21 ? 381 ASP C OD2 1 
ATOM 610  N N   . GLY A 1 86  ? -3.394  18.611  3.741   1.00 122.09 ? 382 GLY C N   1 
ATOM 611  C CA  . GLY A 1 86  ? -4.852  18.459  3.879   1.00 122.59 ? 382 GLY C CA  1 
ATOM 612  C C   . GLY A 1 86  ? -5.439  17.227  4.586   1.00 122.85 ? 382 GLY C C   1 
ATOM 613  O O   . GLY A 1 86  ? -6.661  17.166  4.756   1.00 122.55 ? 382 GLY C O   1 
ATOM 614  N N   . ALA A 1 87  ? -4.614  16.234  4.946   1.00 122.66 ? 383 ALA C N   1 
ATOM 615  C CA  . ALA A 1 87  ? -5.078  15.016  5.628   1.00 121.92 ? 383 ALA C CA  1 
ATOM 616  C C   . ALA A 1 87  ? -6.365  15.279  6.399   1.00 121.48 ? 383 ALA C C   1 
ATOM 617  O O   . ALA A 1 87  ? -6.380  16.100  7.305   1.00 121.29 ? 383 ALA C O   1 
ATOM 618  C CB  . ALA A 1 87  ? -4.013  14.533  6.578   1.00 121.34 ? 383 ALA C CB  1 
ATOM 619  N N   . ILE A 1 88  ? -7.444  14.598  6.018   1.00 121.88 ? 384 ILE C N   1 
ATOM 620  C CA  . ILE A 1 88  ? -8.730  14.746  6.690   1.00 121.14 ? 384 ILE C CA  1 
ATOM 621  C C   . ILE A 1 88  ? -9.054  13.409  7.348   1.00 121.54 ? 384 ILE C C   1 
ATOM 622  O O   . ILE A 1 88  ? -9.435  12.434  6.687   1.00 121.36 ? 384 ILE C O   1 
ATOM 623  C CB  . ILE A 1 88  ? -9.871  15.106  5.709   1.00 119.68 ? 384 ILE C CB  1 
ATOM 624  C CG1 . ILE A 1 88  ? -9.614  16.465  5.058   1.00 118.36 ? 384 ILE C CG1 1 
ATOM 625  C CG2 . ILE A 1 88  ? -11.192 15.160  6.457   1.00 121.10 ? 384 ILE C CG2 1 
ATOM 626  C CD1 . ILE A 1 88  ? -9.586  17.622  6.039   1.00 115.51 ? 384 ILE C CD1 1 
ATOM 627  N N   . GLU A 1 89  ? -8.884  13.368  8.659   1.00 121.47 ? 385 GLU C N   1 
ATOM 628  C CA  . GLU A 1 89  ? -9.153  12.159  9.398   1.00 121.26 ? 385 GLU C CA  1 
ATOM 629  C C   . GLU A 1 89  ? -10.585 11.719  9.176   1.00 121.03 ? 385 GLU C C   1 
ATOM 630  O O   . GLU A 1 89  ? -11.517 12.406  9.582   1.00 120.73 ? 385 GLU C O   1 
ATOM 631  C CB  . GLU A 1 89  ? -8.908  12.393  10.885  1.00 121.15 ? 385 GLU C CB  1 
ATOM 632  C CG  . GLU A 1 89  ? -7.903  11.419  11.491  1.00 122.55 ? 385 GLU C CG  1 
ATOM 633  C CD  . GLU A 1 89  ? -8.490  10.596  12.631  1.00 123.14 ? 385 GLU C CD  1 
ATOM 634  O OE1 . GLU A 1 89  ? -8.793  11.201  13.684  1.00 123.09 ? 385 GLU C OE1 1 
ATOM 635  O OE2 . GLU A 1 89  ? -8.651  9.351   12.476  1.00 122.55 ? 385 GLU C OE2 1 
ATOM 636  N N   . MET A 1 90  ? -10.756 10.584  8.510   1.00 121.43 ? 386 MET C N   1 
ATOM 637  C CA  . MET A 1 90  ? -12.085 10.037  8.266   1.00 121.78 ? 386 MET C CA  1 
ATOM 638  C C   . MET A 1 90  ? -12.023 8.691   7.551   1.00 121.52 ? 386 MET C C   1 
ATOM 639  O O   . MET A 1 90  ? -11.217 8.497   6.646   1.00 121.55 ? 386 MET C O   1 
ATOM 640  C CB  . MET A 1 90  ? -12.947 11.025  7.465   1.00 122.18 ? 386 MET C CB  1 
ATOM 641  C CG  . MET A 1 90  ? -12.398 11.440  6.106   1.00 122.09 ? 386 MET C CG  1 
ATOM 642  S SD  . MET A 1 90  ? -13.659 11.280  4.781   1.00 122.67 ? 386 MET C SD  1 
ATOM 643  C CE  . MET A 1 90  ? -15.054 12.273  5.450   1.00 121.76 ? 386 MET C CE  1 
ATOM 644  N N   . SER A 1 91  ? -12.873 7.762   7.973   1.00 121.12 ? 387 SER C N   1 
ATOM 645  C CA  . SER A 1 91  ? -12.898 6.441   7.376   1.00 120.82 ? 387 SER C CA  1 
ATOM 646  C C   . SER A 1 91  ? -14.029 6.341   6.372   1.00 120.54 ? 387 SER C C   1 
ATOM 647  O O   . SER A 1 91  ? -13.811 5.971   5.222   1.00 121.05 ? 387 SER C O   1 
ATOM 648  C CB  . SER A 1 91  ? -13.067 5.375   8.455   1.00 120.60 ? 387 SER C CB  1 
ATOM 649  O OG  . SER A 1 91  ? -12.761 4.089   7.947   1.00 120.07 ? 387 SER C OG  1 
ATOM 650  N N   . PRO A 1 103 ? -7.258  5.121   -5.433  1.00 121.21 ? 399 PRO C N   1 
ATOM 651  C CA  . PRO A 1 103 ? -5.839  5.214   -5.810  1.00 122.69 ? 399 PRO C CA  1 
ATOM 652  C C   . PRO A 1 103 ? -5.459  4.396   -7.053  1.00 119.81 ? 399 PRO C C   1 
ATOM 653  O O   . PRO A 1 103 ? -6.262  3.596   -7.554  1.00 121.51 ? 399 PRO C O   1 
ATOM 654  C CB  . PRO A 1 103 ? -5.095  4.777   -4.531  1.00 127.18 ? 399 PRO C CB  1 
ATOM 655  C CG  . PRO A 1 103 ? -6.119  4.012   -3.735  1.00 126.71 ? 399 PRO C CG  1 
ATOM 656  C CD  . PRO A 1 103 ? -7.395  4.776   -4.005  1.00 124.69 ? 399 PRO C CD  1 
ATOM 657  N N   . ASP A 1 104 ? -4.230  4.597   -7.536  1.00 116.36 ? 400 ASP C N   1 
ATOM 658  C CA  . ASP A 1 104 ? -3.750  3.936   -8.751  1.00 117.46 ? 400 ASP C CA  1 
ATOM 659  C C   . ASP A 1 104 ? -2.876  2.735   -8.534  1.00 109.51 ? 400 ASP C C   1 
ATOM 660  O O   . ASP A 1 104 ? -2.180  2.642   -7.533  1.00 103.15 ? 400 ASP C O   1 
ATOM 661  C CB  . ASP A 1 104 ? -2.964  4.920   -9.610  1.00 123.73 ? 400 ASP C CB  1 
ATOM 662  C CG  . ASP A 1 104 ? -3.476  6.333   -9.496  1.00 133.31 ? 400 ASP C CG  1 
ATOM 663  O OD1 . ASP A 1 104 ? -3.199  6.976   -8.465  1.00 137.61 ? 400 ASP C OD1 1 
ATOM 664  O OD2 . ASP A 1 104 ? -4.160  6.798   -10.431 1.00 138.01 ? 400 ASP C OD2 1 
ATOM 665  N N   . LEU A 1 105 ? -2.890  1.841   -9.515  1.00 107.59 ? 401 LEU C N   1 
ATOM 666  C CA  . LEU A 1 105 ? -2.093  0.625   -9.476  1.00 110.81 ? 401 LEU C CA  1 
ATOM 667  C C   . LEU A 1 105 ? -0.695  0.819   -10.054 1.00 108.81 ? 401 LEU C C   1 
ATOM 668  O O   . LEU A 1 105 ? -0.471  0.517   -11.225 1.00 103.32 ? 401 LEU C O   1 
ATOM 669  C CB  . LEU A 1 105 ? -2.776  -0.497  -10.261 1.00 120.01 ? 401 LEU C CB  1 
ATOM 670  C CG  . LEU A 1 105 ? -3.339  -1.710  -9.512  1.00 122.65 ? 401 LEU C CG  1 
ATOM 671  C CD1 . LEU A 1 105 ? -3.805  -2.737  -10.529 1.00 135.59 ? 401 LEU C CD1 1 
ATOM 672  C CD2 . LEU A 1 105 ? -2.295  -2.321  -8.606  1.00 128.92 ? 401 LEU C CD2 1 
ATOM 673  N N   . THR A 1 106 ? 0.230   1.314   -9.223  1.00 107.25 ? 402 THR C N   1 
ATOM 674  C CA  . THR A 1 106 ? 1.640   1.545   -9.586  1.00 105.52 ? 402 THR C CA  1 
ATOM 675  C C   . THR A 1 106 ? 2.339   0.203   -9.607  1.00 107.72 ? 402 THR C C   1 
ATOM 676  O O   . THR A 1 106 ? 1.848   -0.756  -9.050  1.00 102.59 ? 402 THR C O   1 
ATOM 677  C CB  . THR A 1 106 ? 2.352   2.416   -8.522  1.00 115.25 ? 402 THR C CB  1 
ATOM 678  O OG1 . THR A 1 106 ? 1.737   3.711   -8.488  1.00 120.50 ? 402 THR C OG1 1 
ATOM 679  C CG2 . THR A 1 106 ? 3.867   2.548   -8.814  1.00 114.64 ? 402 THR C CG2 1 
ATOM 680  N N   . ILE A 1 107 ? 3.492   0.123   -10.243 1.00 108.97 ? 403 ILE C N   1 
ATOM 681  C CA  . ILE A 1 107 ? 4.198   -1.141  -10.267 1.00 111.33 ? 403 ILE C CA  1 
ATOM 682  C C   . ILE A 1 107 ? 4.484   -1.563  -8.826  1.00 113.13 ? 403 ILE C C   1 
ATOM 683  O O   . ILE A 1 107 ? 4.607   -2.750  -8.523  1.00 112.15 ? 403 ILE C O   1 
ATOM 684  C CB  . ILE A 1 107 ? 5.520   -1.002  -11.026 1.00 118.93 ? 403 ILE C CB  1 
ATOM 685  C CG1 . ILE A 1 107 ? 6.188   -2.377  -11.211 1.00 119.90 ? 403 ILE C CG1 1 
ATOM 686  C CG2 . ILE A 1 107 ? 6.421   -0.003  -10.286 1.00 127.21 ? 403 ILE C CG2 1 
ATOM 687  C CD1 . ILE A 1 107 ? 7.051   -2.833  -10.046 1.00 113.94 ? 403 ILE C CD1 1 
ATOM 688  N N   . LYS A 1 108 ? 4.563   -0.587  -7.929  1.00 113.45 ? 404 LYS C N   1 
ATOM 689  C CA  . LYS A 1 108 ? 4.856   -0.887  -6.542  1.00 114.28 ? 404 LYS C CA  1 
ATOM 690  C C   . LYS A 1 108 ? 3.852   -1.812  -5.884  1.00 111.98 ? 404 LYS C C   1 
ATOM 691  O O   . LYS A 1 108 ? 4.178   -2.428  -4.871  1.00 113.14 ? 404 LYS C O   1 
ATOM 692  C CB  . LYS A 1 108 ? 4.962   0.397   -5.722  1.00 119.09 ? 404 LYS C CB  1 
ATOM 693  C CG  . LYS A 1 108 ? 3.640   1.005   -5.320  1.00 127.31 ? 404 LYS C CG  1 
ATOM 694  C CD  . LYS A 1 108 ? 3.846   2.054   -4.230  1.00 127.16 ? 404 LYS C CD  1 
ATOM 695  C CE  . LYS A 1 108 ? 2.529   2.676   -3.766  1.00 130.61 ? 404 LYS C CE  1 
ATOM 696  N NZ  . LYS A 1 108 ? 1.585   1.680   -3.177  1.00 125.60 ? 404 LYS C NZ  1 
ATOM 697  N N   . ASP A 1 109 ? 2.643   -1.909  -6.448  1.00 112.28 ? 405 ASP C N   1 
ATOM 698  C CA  . ASP A 1 109 ? 1.562   -2.762  -5.896  1.00 112.64 ? 405 ASP C CA  1 
ATOM 699  C C   . ASP A 1 109 ? 1.802   -4.241  -6.200  1.00 111.69 ? 405 ASP C C   1 
ATOM 700  O O   . ASP A 1 109 ? 1.585   -5.107  -5.349  1.00 111.10 ? 405 ASP C O   1 
ATOM 701  C CB  . ASP A 1 109 ? 0.180   -2.353  -6.453  1.00 117.05 ? 405 ASP C CB  1 
ATOM 702  C CG  . ASP A 1 109 ? -0.256  -0.939  -6.031  1.00 114.71 ? 405 ASP C CG  1 
ATOM 703  O OD1 . ASP A 1 109 ? 0.485   0.039   -6.293  1.00 118.54 ? 405 ASP C OD1 1 
ATOM 704  O OD2 . ASP A 1 109 ? -1.349  -0.794  -5.451  1.00 115.27 ? 405 ASP C OD2 1 
ATOM 705  N N   . PHE A 1 110 ? 2.242   -4.532  -7.420  1.00 111.46 ? 406 PHE C N   1 
ATOM 706  C CA  . PHE A 1 110 ? 2.531   -5.909  -7.795  1.00 113.50 ? 406 PHE C CA  1 
ATOM 707  C C   . PHE A 1 110 ? 3.769   -6.357  -7.011  1.00 112.31 ? 406 PHE C C   1 
ATOM 708  O O   . PHE A 1 110 ? 3.974   -7.540  -6.757  1.00 110.82 ? 406 PHE C O   1 
ATOM 709  C CB  . PHE A 1 110 ? 2.770   -5.994  -9.301  1.00 116.19 ? 406 PHE C CB  1 
ATOM 710  C CG  . PHE A 1 110 ? 1.525   -5.809  -10.127 1.00 122.13 ? 406 PHE C CG  1 
ATOM 711  C CD1 . PHE A 1 110 ? 0.754   -4.657  -10.025 1.00 120.85 ? 406 PHE C CD1 1 
ATOM 712  C CD2 . PHE A 1 110 ? 1.127   -6.785  -11.017 1.00 125.31 ? 406 PHE C CD2 1 
ATOM 713  C CE1 . PHE A 1 110 ? -0.396  -4.484  -10.800 1.00 123.65 ? 406 PHE C CE1 1 
ATOM 714  C CE2 . PHE A 1 110 ? -0.024  -6.620  -11.793 1.00 125.61 ? 406 PHE C CE2 1 
ATOM 715  C CZ  . PHE A 1 110 ? -0.782  -5.465  -11.684 1.00 127.08 ? 406 PHE C CZ  1 
ATOM 716  N N   . LEU A 1 111 ? 4.574   -5.373  -6.612  1.00 113.43 ? 407 LEU C N   1 
ATOM 717  C CA  . LEU A 1 111 ? 5.802   -5.593  -5.847  1.00 114.16 ? 407 LEU C CA  1 
ATOM 718  C C   . LEU A 1 111 ? 5.496   -6.182  -4.470  1.00 110.70 ? 407 LEU C C   1 
ATOM 719  O O   . LEU A 1 111 ? 6.108   -7.167  -4.047  1.00 110.66 ? 407 LEU C O   1 
ATOM 720  C CB  . LEU A 1 111 ? 6.542   -4.260  -5.680  1.00 120.25 ? 407 LEU C CB  1 
ATOM 721  C CG  . LEU A 1 111 ? 8.046   -4.239  -5.944  1.00 124.95 ? 407 LEU C CG  1 
ATOM 722  C CD1 . LEU A 1 111 ? 8.730   -5.307  -5.107  1.00 129.19 ? 407 LEU C CD1 1 
ATOM 723  C CD2 . LEU A 1 111 ? 8.302   -4.471  -7.419  1.00 125.74 ? 407 LEU C CD2 1 
ATOM 724  N N   . LYS A 1 112 ? 4.546   -5.565  -3.772  1.00 108.87 ? 408 LYS C N   1 
ATOM 725  C CA  . LYS A 1 112 ? 4.146   -6.008  -2.442  1.00 110.39 ? 408 LYS C CA  1 
ATOM 726  C C   . LYS A 1 112 ? 3.734   -7.482  -2.384  1.00 110.14 ? 408 LYS C C   1 
ATOM 727  O O   . LYS A 1 112 ? 4.309   -8.264  -1.620  1.00 109.09 ? 408 LYS C O   1 
ATOM 728  C CB  . LYS A 1 112 ? 2.999   -5.122  -1.921  1.00 115.40 ? 408 LYS C CB  1 
ATOM 729  C CG  . LYS A 1 112 ? 2.275   -5.674  -0.687  1.00 116.98 ? 408 LYS C CG  1 
ATOM 730  C CD  . LYS A 1 112 ? 1.696   -4.567  0.192   1.00 123.88 ? 408 LYS C CD  1 
ATOM 731  C CE  . LYS A 1 112 ? 2.790   -3.808  0.952   1.00 133.00 ? 408 LYS C CE  1 
ATOM 732  N NZ  . LYS A 1 112 ? 2.265   -2.733  1.859   1.00 141.64 ? 408 LYS C NZ  1 
ATOM 733  N N   . ALA A 1 113 ? 2.751   -7.849  -3.211  1.00 111.46 ? 409 ALA C N   1 
ATOM 734  C CA  . ALA A 1 113 ? 2.225   -9.211  -3.268  1.00 113.73 ? 409 ALA C CA  1 
ATOM 735  C C   . ALA A 1 113 ? 3.211   -10.265 -3.788  1.00 118.22 ? 409 ALA C C   1 
ATOM 736  O O   . ALA A 1 113 ? 2.829   -11.409 -4.004  1.00 115.66 ? 409 ALA C O   1 
ATOM 737  C CB  . ALA A 1 113 ? 0.944   -9.232  -4.102  1.00 113.71 ? 409 ALA C CB  1 
ATOM 738  N N   . ILE A 1 114 ? 4.470   -9.882  -3.993  1.00 122.85 ? 410 ILE C N   1 
ATOM 739  C CA  . ILE A 1 114 ? 5.485   -10.823 -4.451  1.00 124.65 ? 410 ILE C CA  1 
ATOM 740  C C   . ILE A 1 114 ? 6.024   -11.502 -3.204  1.00 135.27 ? 410 ILE C C   1 
ATOM 741  O O   . ILE A 1 114 ? 6.282   -12.708 -3.205  1.00 134.25 ? 410 ILE C O   1 
ATOM 742  C CB  . ILE A 1 114 ? 6.656   -10.125 -5.163  1.00 118.01 ? 410 ILE C CB  1 
ATOM 743  C CG1 . ILE A 1 114 ? 6.163   -9.454  -6.451  1.00 115.76 ? 410 ILE C CG1 1 
ATOM 744  C CG2 . ILE A 1 114 ? 7.763   -11.138 -5.466  1.00 114.03 ? 410 ILE C CG2 1 
ATOM 745  C CD1 . ILE A 1 114 ? 5.759   -10.412 -7.551  1.00 111.79 ? 410 ILE C CD1 1 
ATOM 746  N N   . LYS A 1 115 ? 6.191   -10.716 -2.140  1.00 140.69 ? 411 LYS C N   1 
ATOM 747  C CA  . LYS A 1 115 ? 6.681   -11.221 -0.855  1.00 144.32 ? 411 LYS C CA  1 
ATOM 748  C C   . LYS A 1 115 ? 5.599   -11.966 -0.069  1.00 139.53 ? 411 LYS C C   1 
ATOM 749  O O   . LYS A 1 115 ? 5.847   -13.050 0.475   1.00 144.34 ? 411 LYS C O   1 
ATOM 750  C CB  . LYS A 1 115 ? 7.203   -10.066 0.000   1.00 147.24 ? 411 LYS C CB  1 
ATOM 751  C CG  . LYS A 1 115 ? 7.253   -10.375 1.499   1.00 151.10 ? 411 LYS C CG  1 
ATOM 752  C CD  . LYS A 1 115 ? 8.035   -9.323  2.292   1.00 151.86 ? 411 LYS C CD  1 
ATOM 753  C CE  . LYS A 1 115 ? 9.546   -9.411  2.032   1.00 149.39 ? 411 LYS C CE  1 
ATOM 754  N NZ  . LYS A 1 115 ? 10.350  -8.375  2.752   1.00 146.07 ? 411 LYS C NZ  1 
ATOM 755  N N   . SER A 1 116 ? 4.408   -11.364 -0.013  1.00 130.75 ? 412 SER C N   1 
ATOM 756  C CA  . SER A 1 116 ? 3.257   -11.909 0.709   1.00 126.49 ? 412 SER C CA  1 
ATOM 757  C C   . SER A 1 116 ? 2.632   -13.178 0.120   1.00 125.18 ? 412 SER C C   1 
ATOM 758  O O   . SER A 1 116 ? 1.472   -13.479 0.378   1.00 125.48 ? 412 SER C O   1 
ATOM 759  C CB  . SER A 1 116 ? 2.188   -10.820 0.848   1.00 127.53 ? 412 SER C CB  1 
ATOM 760  O OG  . SER A 1 116 ? 1.988   -10.136 -0.373  1.00 115.22 ? 412 SER C OG  1 
ATOM 761  N N   . THR A 1 117 ? 3.402   -13.933 -0.656  1.00 123.21 ? 413 THR C N   1 
ATOM 762  C CA  . THR A 1 117 ? 2.894   -15.156 -1.262  1.00 126.43 ? 413 THR C CA  1 
ATOM 763  C C   . THR A 1 117 ? 3.980   -16.226 -1.374  1.00 127.15 ? 413 THR C C   1 
ATOM 764  O O   . THR A 1 117 ? 5.162   -15.884 -1.151  1.00 129.61 ? 413 THR C O   1 
ATOM 765  C CB  . THR A 1 117 ? 2.327   -14.869 -2.660  1.00 127.96 ? 413 THR C CB  1 
ATOM 766  O OG1 . THR A 1 117 ? 3.318   -14.182 -3.434  1.00 127.77 ? 413 THR C OG1 1 
ATOM 767  C CG2 . THR A 1 117 ? 1.065   -14.017 -2.566  1.00 129.75 ? 413 THR C CG2 1 
ATOM 768  O OXT . THR A 1 117 ? 3.638   -17.393 -1.689  1.00 128.81 ? 413 THR C OXT 1 
ATOM 769  N N   . ASP B 2 1   ? -8.228  11.748  32.550  1.00 82.67  ? 289 ASP A N   1 
ATOM 770  C CA  . ASP B 2 1   ? -6.921  11.427  31.901  1.00 84.41  ? 289 ASP A CA  1 
ATOM 771  C C   . ASP B 2 1   ? -6.347  10.099  32.375  1.00 83.66  ? 289 ASP A C   1 
ATOM 772  O O   . ASP B 2 1   ? -6.804  9.538   33.383  1.00 82.15  ? 289 ASP A O   1 
ATOM 773  C CB  . ASP B 2 1   ? -5.903  12.554  32.108  1.00 88.09  ? 289 ASP A CB  1 
ATOM 774  C CG  . ASP B 2 1   ? -6.066  13.672  31.078  1.00 86.43  ? 289 ASP A CG  1 
ATOM 775  O OD1 . ASP B 2 1   ? -6.802  14.674  31.327  1.00 91.21  ? 289 ASP A OD1 1 
ATOM 776  O OD2 . ASP B 2 1   ? -5.465  13.531  29.986  1.00 91.70  ? 289 ASP A OD2 1 
ATOM 777  N N   . ARG B 2 2   ? -5.353  9.609   31.627  1.00 81.19  ? 290 ARG A N   1 
ATOM 778  C CA  . ARG B 2 2   ? -4.698  8.316   31.866  1.00 81.23  ? 290 ARG A CA  1 
ATOM 779  C C   . ARG B 2 2   ? -5.461  7.236   31.134  1.00 80.86  ? 290 ARG A C   1 
ATOM 780  O O   . ARG B 2 2   ? -4.928  6.525   30.298  1.00 82.48  ? 290 ARG A O   1 
ATOM 781  C CB  . ARG B 2 2   ? -4.673  7.958   33.334  1.00 81.08  ? 290 ARG A CB  1 
ATOM 782  C CG  . ARG B 2 2   ? -4.870  6.481   33.622  1.00 87.62  ? 290 ARG A CG  1 
ATOM 783  C CD  . ARG B 2 2   ? -3.779  5.579   33.081  1.00 93.34  ? 290 ARG A CD  1 
ATOM 784  N NE  . ARG B 2 2   ? -3.855  4.274   33.742  1.00 94.99  ? 290 ARG A NE  1 
ATOM 785  C CZ  . ARG B 2 2   ? -2.801  3.500   34.019  1.00 100.75 ? 290 ARG A CZ  1 
ATOM 786  N NH1 . ARG B 2 2   ? -1.563  3.884   33.680  1.00 104.78 ? 290 ARG A NH1 1 
ATOM 787  N NH2 . ARG B 2 2   ? -2.968  2.358   34.684  1.00 102.09 ? 290 ARG A NH2 1 
ATOM 788  N N   . ALA B 2 3   ? -6.727  7.102   31.486  1.00 82.25  ? 291 ALA A N   1 
ATOM 789  C CA  . ALA B 2 3   ? -7.573  6.129   30.849  1.00 81.37  ? 291 ALA A CA  1 
ATOM 790  C C   . ALA B 2 3   ? -7.620  6.591   29.405  1.00 80.66  ? 291 ALA A C   1 
ATOM 791  O O   . ALA B 2 3   ? -7.838  5.793   28.504  1.00 83.97  ? 291 ALA A O   1 
ATOM 792  C CB  . ALA B 2 3   ? -8.948  6.171   31.479  1.00 82.35  ? 291 ALA A CB  1 
ATOM 793  N N   . SER B 2 4   ? -7.404  7.889   29.194  1.00 78.55  ? 292 SER A N   1 
ATOM 794  C CA  . SER B 2 4   ? -7.413  8.493   27.862  1.00 78.07  ? 292 SER A CA  1 
ATOM 795  C C   . SER B 2 4   ? -5.991  8.585   27.316  1.00 77.91  ? 292 SER A C   1 
ATOM 796  O O   . SER B 2 4   ? -5.734  8.316   26.140  1.00 76.32  ? 292 SER A O   1 
ATOM 797  C CB  . SER B 2 4   ? -8.030  9.880   27.929  1.00 75.41  ? 292 SER A CB  1 
ATOM 798  O OG  . SER B 2 4   ? -7.476  10.587  29.011  1.00 72.90  ? 292 SER A OG  1 
ATOM 799  N N   . LYS B 2 5   ? -5.059  8.988   28.165  1.00 77.88  ? 293 LYS A N   1 
ATOM 800  C CA  . LYS B 2 5   ? -3.676  9.049   27.729  1.00 80.40  ? 293 LYS A CA  1 
ATOM 801  C C   . LYS B 2 5   ? -3.312  7.669   27.128  1.00 81.77  ? 293 LYS A C   1 
ATOM 802  O O   . LYS B 2 5   ? -2.706  7.577   26.066  1.00 79.79  ? 293 LYS A O   1 
ATOM 803  C CB  . LYS B 2 5   ? -2.774  9.412   28.921  1.00 84.56  ? 293 LYS A CB  1 
ATOM 804  C CG  . LYS B 2 5   ? -2.960  10.886  29.377  1.00 86.26  ? 293 LYS A CG  1 
ATOM 805  C CD  . LYS B 2 5   ? -2.147  11.316  30.637  1.00 90.21  ? 293 LYS A CD  1 
ATOM 806  C CE  . LYS B 2 5   ? -0.653  11.340  30.408  1.00 88.25  ? 293 LYS A CE  1 
ATOM 807  N NZ  . LYS B 2 5   ? -0.052  9.977   30.463  1.00 84.96  ? 293 LYS A NZ  1 
ATOM 808  N N   . ILE B 2 6   ? -3.722  6.601   27.804  1.00 82.82  ? 294 ILE A N   1 
ATOM 809  C CA  . ILE B 2 6   ? -3.457  5.245   27.339  1.00 84.81  ? 294 ILE A CA  1 
ATOM 810  C C   . ILE B 2 6   ? -4.207  5.023   26.039  1.00 86.85  ? 294 ILE A C   1 
ATOM 811  O O   . ILE B 2 6   ? -3.832  4.183   25.231  1.00 89.01  ? 294 ILE A O   1 
ATOM 812  C CB  . ILE B 2 6   ? -3.951  4.178   28.335  1.00 90.42  ? 294 ILE A CB  1 
ATOM 813  C CG1 . ILE B 2 6   ? -5.436  4.433   28.629  1.00 92.72  ? 294 ILE A CG1 1 
ATOM 814  C CG2 . ILE B 2 6   ? -3.077  4.169   29.588  1.00 88.17  ? 294 ILE A CG2 1 
ATOM 815  C CD1 . ILE B 2 6   ? -5.996  3.691   29.846  1.00 101.79 ? 294 ILE A CD1 1 
ATOM 816  N N   . GLU B 2 7   ? -5.281  5.762   25.833  1.00 85.56  ? 295 GLU A N   1 
ATOM 817  C CA  . GLU B 2 7   ? -6.047  5.591   24.604  1.00 85.56  ? 295 GLU A CA  1 
ATOM 818  C C   . GLU B 2 7   ? -5.487  6.403   23.448  1.00 82.60  ? 295 GLU A C   1 
ATOM 819  O O   . GLU B 2 7   ? -5.697  6.039   22.293  1.00 83.75  ? 295 GLU A O   1 
ATOM 820  C CB  . GLU B 2 7   ? -7.504  5.996   24.817  1.00 86.30  ? 295 GLU A CB  1 
ATOM 821  C CG  . GLU B 2 7   ? -8.233  6.367   23.533  1.00 90.57  ? 295 GLU A CG  1 
ATOM 822  C CD  . GLU B 2 7   ? -9.497  7.192   23.797  1.00 92.35  ? 295 GLU A CD  1 
ATOM 823  O OE1 . GLU B 2 7   ? -9.408  8.243   24.494  1.00 95.34  ? 295 GLU A OE1 1 
ATOM 824  O OE2 . GLU B 2 7   ? -10.584 6.789   23.304  1.00 95.42  ? 295 GLU A OE2 1 
ATOM 825  N N   . GLN B 2 8   ? -4.788  7.493   23.765  1.00 80.44  ? 296 GLN A N   1 
ATOM 826  C CA  . GLN B 2 8   ? -4.230  8.364   22.743  1.00 83.82  ? 296 GLN A CA  1 
ATOM 827  C C   . GLN B 2 8   ? -2.895  7.869   22.181  1.00 83.64  ? 296 GLN A C   1 
ATOM 828  O O   . GLN B 2 8   ? -2.469  8.264   21.089  1.00 78.95  ? 296 GLN A O   1 
ATOM 829  C CB  . GLN B 2 8   ? -4.082  9.761   23.313  1.00 85.11  ? 296 GLN A CB  1 
ATOM 830  C CG  . GLN B 2 8   ? -3.297  10.706  22.436  1.00 93.14  ? 296 GLN A CG  1 
ATOM 831  C CD  . GLN B 2 8   ? -3.916  10.872  21.066  1.00 98.53  ? 296 GLN A CD  1 
ATOM 832  O OE1 . GLN B 2 8   ? -5.086  11.233  20.946  1.00 97.80  ? 296 GLN A OE1 1 
ATOM 833  N NE2 . GLN B 2 8   ? -3.125  10.620  20.022  1.00 104.26 ? 296 GLN A NE2 1 
ATOM 834  N N   . ILE B 2 9   ? -2.230  7.004   22.928  1.00 83.90  ? 297 ILE A N   1 
ATOM 835  C CA  . ILE B 2 9   ? -0.971  6.441   22.470  1.00 88.37  ? 297 ILE A CA  1 
ATOM 836  C C   . ILE B 2 9   ? -1.353  5.557   21.293  1.00 85.87  ? 297 ILE A C   1 
ATOM 837  O O   . ILE B 2 9   ? -0.753  5.635   20.206  1.00 83.75  ? 297 ILE A O   1 
ATOM 838  C CB  . ILE B 2 9   ? -0.327  5.578   23.565  1.00 83.66  ? 297 ILE A CB  1 
ATOM 839  C CG1 . ILE B 2 9   ? 0.022   6.470   24.762  1.00 86.93  ? 297 ILE A CG1 1 
ATOM 840  C CG2 . ILE B 2 9   ? 0.914   4.900   23.036  1.00 76.42  ? 297 ILE A CG2 1 
ATOM 841  C CD1 . ILE B 2 9   ? 0.353   5.720   26.030  1.00 95.72  ? 297 ILE A CD1 1 
ATOM 842  N N   . GLN B 2 10  ? -2.371  4.732   21.516  1.00 83.93  ? 298 GLN A N   1 
ATOM 843  C CA  . GLN B 2 10  ? -2.855  3.831   20.497  1.00 85.81  ? 298 GLN A CA  1 
ATOM 844  C C   . GLN B 2 10  ? -3.289  4.640   19.307  1.00 83.21  ? 298 GLN A C   1 
ATOM 845  O O   . GLN B 2 10  ? -3.002  4.272   18.180  1.00 82.66  ? 298 GLN A O   1 
ATOM 846  C CB  . GLN B 2 10  ? -4.025  3.030   21.029  1.00 92.19  ? 298 GLN A CB  1 
ATOM 847  C CG  . GLN B 2 10  ? -3.672  2.110   22.189  1.00 94.87  ? 298 GLN A CG  1 
ATOM 848  C CD  . GLN B 2 10  ? -4.896  1.655   22.965  1.00 92.85  ? 298 GLN A CD  1 
ATOM 849  O OE1 . GLN B 2 10  ? -5.582  2.459   23.597  1.00 98.05  ? 298 GLN A OE1 1 
ATOM 850  N NE2 . GLN B 2 10  ? -5.172  0.367   22.918  1.00 97.72  ? 298 GLN A NE2 1 
ATOM 851  N N   . LYS B 2 11  ? -3.972  5.749   19.554  1.00 80.72  ? 299 LYS A N   1 
ATOM 852  C CA  . LYS B 2 11  ? -4.431  6.613   18.473  1.00 82.23  ? 299 LYS A CA  1 
ATOM 853  C C   . LYS B 2 11  ? -3.226  7.040   17.654  1.00 79.74  ? 299 LYS A C   1 
ATOM 854  O O   . LYS B 2 11  ? -3.285  7.084   16.424  1.00 77.76  ? 299 LYS A O   1 
ATOM 855  C CB  . LYS B 2 11  ? -5.114  7.849   19.031  1.00 89.40  ? 299 LYS A CB  1 
ATOM 856  C CG  . LYS B 2 11  ? -5.886  8.652   18.007  1.00 104.38 ? 299 LYS A CG  1 
ATOM 857  C CD  . LYS B 2 11  ? -7.231  8.006   17.721  1.00 112.34 ? 299 LYS A CD  1 
ATOM 858  C CE  . LYS B 2 11  ? -8.123  7.984   18.958  1.00 120.12 ? 299 LYS A CE  1 
ATOM 859  N NZ  . LYS B 2 11  ? -8.393  9.361   19.475  1.00 120.57 ? 299 LYS A NZ  1 
ATOM 860  N N   . LEU B 2 12  ? -2.133  7.365   18.350  1.00 78.72  ? 300 LEU A N   1 
ATOM 861  C CA  . LEU B 2 12  ? -0.878  7.770   17.702  1.00 75.74  ? 300 LEU A CA  1 
ATOM 862  C C   . LEU B 2 12  ? -0.259  6.626   16.919  1.00 77.10  ? 300 LEU A C   1 
ATOM 863  O O   . LEU B 2 12  ? -0.103  6.700   15.687  1.00 73.85  ? 300 LEU A O   1 
ATOM 864  C CB  . LEU B 2 12  ? 0.139   8.228   18.725  1.00 79.79  ? 300 LEU A CB  1 
ATOM 865  C CG  . LEU B 2 12  ? 0.001   9.651   19.240  1.00 77.81  ? 300 LEU A CG  1 
ATOM 866  C CD1 . LEU B 2 12  ? 1.374   10.068  19.756  1.00 81.65  ? 300 LEU A CD1 1 
ATOM 867  C CD2 . LEU B 2 12  ? -0.461  10.577  18.140  1.00 79.17  ? 300 LEU A CD2 1 
ATOM 868  N N   . ALA B 2 13  ? 0.104   5.577   17.653  1.00 72.04  ? 301 ALA A N   1 
ATOM 869  C CA  . ALA B 2 13  ? 0.677   4.380   17.075  1.00 69.53  ? 301 ALA A CA  1 
ATOM 870  C C   . ALA B 2 13  ? -0.148  3.826   15.906  1.00 75.17  ? 301 ALA A C   1 
ATOM 871  O O   . ALA B 2 13  ? 0.343   2.982   15.146  1.00 72.13  ? 301 ALA A O   1 
ATOM 872  C CB  . ALA B 2 13  ? 0.806   3.334   18.121  1.00 68.79  ? 301 ALA A CB  1 
ATOM 873  N N   . LYS B 2 14  ? -1.405  4.236   15.768  1.00 74.10  ? 302 LYS A N   1 
ATOM 874  C CA  . LYS B 2 14  ? -2.170  3.763   14.628  1.00 77.31  ? 302 LYS A CA  1 
ATOM 875  C C   . LYS B 2 14  ? -1.736  4.668   13.477  1.00 78.51  ? 302 LYS A C   1 
ATOM 876  O O   . LYS B 2 14  ? -1.219  4.183   12.473  1.00 79.39  ? 302 LYS A O   1 
ATOM 877  C CB  . LYS B 2 14  ? -3.672  3.917   14.853  1.00 85.28  ? 302 LYS A CB  1 
ATOM 878  C CG  . LYS B 2 14  ? -4.265  2.873   15.765  1.00 92.42  ? 302 LYS A CG  1 
ATOM 879  C CD  . LYS B 2 14  ? -5.749  3.140   16.011  1.00 99.29  ? 302 LYS A CD  1 
ATOM 880  C CE  . LYS B 2 14  ? -6.362  2.142   17.009  1.00 102.45 ? 302 LYS A CE  1 
ATOM 881  N NZ  . LYS B 2 14  ? -7.712  2.584   17.509  1.00 99.04  ? 302 LYS A NZ  1 
ATOM 882  N N   . TYR B 2 15  ? -1.939  5.986   13.640  1.00 76.12  ? 303 TYR A N   1 
ATOM 883  C CA  . TYR B 2 15  ? -1.566  6.963   12.626  1.00 77.56  ? 303 TYR A CA  1 
ATOM 884  C C   . TYR B 2 15  ? -0.181  6.635   12.122  1.00 76.03  ? 303 TYR A C   1 
ATOM 885  O O   . TYR B 2 15  ? 0.046   6.619   10.918  1.00 73.54  ? 303 TYR A O   1 
ATOM 886  C CB  . TYR B 2 15  ? -1.564  8.369   13.207  1.00 83.39  ? 303 TYR A CB  1 
ATOM 887  C CG  . TYR B 2 15  ? -2.933  8.894   13.536  1.00 96.68  ? 303 TYR A CG  1 
ATOM 888  C CD1 . TYR B 2 15  ? -4.013  8.025   13.701  1.00 106.33 ? 303 TYR A CD1 1 
ATOM 889  C CD2 . TYR B 2 15  ? -3.142  10.260  13.731  1.00 99.84  ? 303 TYR A CD2 1 
ATOM 890  C CE1 . TYR B 2 15  ? -5.259  8.506   14.058  1.00 109.29 ? 303 TYR A CE1 1 
ATOM 891  C CE2 . TYR B 2 15  ? -4.383  10.753  14.089  1.00 116.55 ? 303 TYR A CE2 1 
ATOM 892  C CZ  . TYR B 2 15  ? -5.434  9.874   14.255  1.00 113.19 ? 303 TYR A CZ  1 
ATOM 893  O OH  . TYR B 2 15  ? -6.649  10.365  14.658  1.00 130.78 ? 303 TYR A OH  1 
ATOM 894  N N   . ALA B 2 16  ? 0.739   6.380   13.039  1.00 73.93  ? 304 ALA A N   1 
ATOM 895  C CA  . ALA B 2 16  ? 2.088   6.025   12.643  1.00 75.55  ? 304 ALA A CA  1 
ATOM 896  C C   . ALA B 2 16  ? 2.031   4.858   11.662  1.00 77.04  ? 304 ALA A C   1 
ATOM 897  O O   . ALA B 2 16  ? 2.585   4.944   10.563  1.00 75.78  ? 304 ALA A O   1 
ATOM 898  C CB  . ALA B 2 16  ? 2.909   5.640   13.850  1.00 75.68  ? 304 ALA A CB  1 
ATOM 899  N N   . ILE B 2 17  ? 1.366   3.766   12.043  1.00 76.37  ? 305 ILE A N   1 
ATOM 900  C CA  . ILE B 2 17  ? 1.254   2.608   11.134  1.00 78.57  ? 305 ILE A CA  1 
ATOM 901  C C   . ILE B 2 17  ? 0.709   3.097   9.780   1.00 77.31  ? 305 ILE A C   1 
ATOM 902  O O   . ILE B 2 17  ? 1.380   2.950   8.754   1.00 78.61  ? 305 ILE A O   1 
ATOM 903  C CB  . ILE B 2 17  ? 0.312   1.471   11.711  1.00 80.88  ? 305 ILE A CB  1 
ATOM 904  C CG1 . ILE B 2 17  ? 0.918   0.866   12.986  1.00 84.62  ? 305 ILE A CG1 1 
ATOM 905  C CG2 . ILE B 2 17  ? 0.141   0.356   10.697  1.00 73.79  ? 305 ILE A CG2 1 
ATOM 906  C CD1 . ILE B 2 17  ? 0.105   -0.267  13.548  1.00 93.75  ? 305 ILE A CD1 1 
ATOM 907  N N   . SER B 2 18  ? -0.489  3.695   9.800   1.00 76.55  ? 306 SER A N   1 
ATOM 908  C CA  . SER B 2 18  ? -1.142  4.237   8.606   1.00 76.69  ? 306 SER A CA  1 
ATOM 909  C C   . SER B 2 18  ? -0.201  5.066   7.760   1.00 79.08  ? 306 SER A C   1 
ATOM 910  O O   . SER B 2 18  ? -0.330  5.084   6.533   1.00 79.83  ? 306 SER A O   1 
ATOM 911  C CB  . SER B 2 18  ? -2.308  5.127   8.993   1.00 75.50  ? 306 SER A CB  1 
ATOM 912  O OG  . SER B 2 18  ? -2.591  6.057   7.965   1.00 72.52  ? 306 SER A OG  1 
ATOM 913  N N   . ALA B 2 19  ? 0.735   5.765   8.417   1.00 79.68  ? 307 ALA A N   1 
ATOM 914  C CA  . ALA B 2 19  ? 1.705   6.613   7.728   1.00 77.32  ? 307 ALA A CA  1 
ATOM 915  C C   . ALA B 2 19  ? 2.733   5.809   6.943   1.00 79.86  ? 307 ALA A C   1 
ATOM 916  O O   . ALA B 2 19  ? 3.033   6.190   5.805   1.00 76.75  ? 307 ALA A O   1 
ATOM 917  C CB  . ALA B 2 19  ? 2.398   7.494   8.707   1.00 79.05  ? 307 ALA A CB  1 
ATOM 918  N N   . LEU B 2 20  ? 3.262   4.727   7.544   1.00 78.05  ? 308 LEU A N   1 
ATOM 919  C CA  . LEU B 2 20  ? 4.255   3.869   6.888   1.00 74.99  ? 308 LEU A CA  1 
ATOM 920  C C   . LEU B 2 20  ? 3.655   3.196   5.658   1.00 84.14  ? 308 LEU A C   1 
ATOM 921  O O   . LEU B 2 20  ? 4.363   2.570   4.872   1.00 78.23  ? 308 LEU A O   1 
ATOM 922  C CB  . LEU B 2 20  ? 4.774   2.766   7.811   1.00 80.13  ? 308 LEU A CB  1 
ATOM 923  C CG  . LEU B 2 20  ? 5.640   3.021   9.059   1.00 80.97  ? 308 LEU A CG  1 
ATOM 924  C CD1 . LEU B 2 20  ? 6.074   1.658   9.628   1.00 86.26  ? 308 LEU A CD1 1 
ATOM 925  C CD2 . LEU B 2 20  ? 6.876   3.865   8.753   1.00 84.32  ? 308 LEU A CD2 1 
ATOM 926  N N   . ASN B 2 21  ? 2.346   3.305   5.484   1.00 83.66  ? 309 ASN A N   1 
ATOM 927  C CA  . ASN B 2 21  ? 1.708   2.710   4.317   1.00 85.02  ? 309 ASN A CA  1 
ATOM 928  C C   . ASN B 2 21  ? 1.914   3.597   3.076   1.00 89.80  ? 309 ASN A C   1 
ATOM 929  O O   . ASN B 2 21  ? 1.317   3.355   2.021   1.00 88.73  ? 309 ASN A O   1 
ATOM 930  C CB  . ASN B 2 21  ? 0.210   2.535   4.580   1.00 86.47  ? 309 ASN A CB  1 
ATOM 931  C CG  . ASN B 2 21  ? -0.083  1.475   5.633   1.00 88.27  ? 309 ASN A CG  1 
ATOM 932  O OD1 . ASN B 2 21  ? 0.545   1.455   6.689   1.00 88.50  ? 309 ASN A OD1 1 
ATOM 933  N ND2 . ASN B 2 21  ? -1.042  0.591   5.346   1.00 87.36  ? 309 ASN A ND2 1 
ATOM 934  N N   . TYR B 2 22  ? 2.750   4.631   3.220   1.00 89.92  ? 310 TYR A N   1 
ATOM 935  C CA  . TYR B 2 22  ? 3.072   5.575   2.146   1.00 88.04  ? 310 TYR A CA  1 
ATOM 936  C C   . TYR B 2 22  ? 4.540   5.853   2.309   1.00 88.71  ? 310 TYR A C   1 
ATOM 937  O O   . TYR B 2 22  ? 5.065   6.814   1.767   1.00 87.29  ? 310 TYR A O   1 
ATOM 938  C CB  . TYR B 2 22  ? 2.260   6.877   2.294   1.00 89.88  ? 310 TYR A CB  1 
ATOM 939  C CG  . TYR B 2 22  ? 0.764   6.630   2.246   1.00 89.12  ? 310 TYR A CG  1 
ATOM 940  C CD1 . TYR B 2 22  ? -0.019  6.742   3.394   1.00 89.47  ? 310 TYR A CD1 1 
ATOM 941  C CD2 . TYR B 2 22  ? 0.158   6.182   1.083   1.00 91.14  ? 310 TYR A CD2 1 
ATOM 942  C CE1 . TYR B 2 22  ? -1.371  6.398   3.383   1.00 91.82  ? 310 TYR A CE1 1 
ATOM 943  C CE2 . TYR B 2 22  ? -1.196  5.836   1.061   1.00 89.26  ? 310 TYR A CE2 1 
ATOM 944  C CZ  . TYR B 2 22  ? -1.952  5.941   2.211   1.00 92.88  ? 310 TYR A CZ  1 
ATOM 945  O OH  . TYR B 2 22  ? -3.281  5.554   2.200   1.00 93.45  ? 310 TYR A OH  1 
ATOM 946  N N   . GLU B 2 23  ? 5.183   4.971   3.065   1.00 88.05  ? 311 GLU A N   1 
ATOM 947  C CA  . GLU B 2 23  ? 6.602   5.050   3.390   1.00 90.51  ? 311 GLU A CA  1 
ATOM 948  C C   . GLU B 2 23  ? 7.036   6.365   4.088   1.00 88.46  ? 311 GLU A C   1 
ATOM 949  O O   . GLU B 2 23  ? 8.235   6.612   4.323   1.00 91.16  ? 311 GLU A O   1 
ATOM 950  C CB  . GLU B 2 23  ? 7.428   4.783   2.138   1.00 93.32  ? 311 GLU A CB  1 
ATOM 951  C CG  . GLU B 2 23  ? 7.479   3.307   1.774   1.00 114.36 ? 311 GLU A CG  1 
ATOM 952  C CD  . GLU B 2 23  ? 8.530   3.007   0.735   1.00 121.91 ? 311 GLU A CD  1 
ATOM 953  O OE1 . GLU B 2 23  ? 8.959   1.832   0.651   1.00 126.23 ? 311 GLU A OE1 1 
ATOM 954  O OE2 . GLU B 2 23  ? 8.924   3.945   -0.001  1.00 126.49 ? 311 GLU A OE2 1 
ATOM 955  N N   . ASP B 2 24  ? 6.043   7.178   4.461   1.00 88.13  ? 312 ASP A N   1 
ATOM 956  C CA  . ASP B 2 24  ? 6.277   8.453   5.130   1.00 82.98  ? 312 ASP A CA  1 
ATOM 957  C C   . ASP B 2 24  ? 6.999   8.261   6.446   1.00 84.26  ? 312 ASP A C   1 
ATOM 958  O O   . ASP B 2 24  ? 6.360   8.244   7.490   1.00 85.65  ? 312 ASP A O   1 
ATOM 959  C CB  . ASP B 2 24  ? 4.956   9.142   5.410   1.00 81.07  ? 312 ASP A CB  1 
ATOM 960  C CG  . ASP B 2 24  ? 5.145   10.524  5.958   1.00 74.20  ? 312 ASP A CG  1 
ATOM 961  O OD1 . ASP B 2 24  ? 6.032   10.709  6.814   1.00 72.03  ? 312 ASP A OD1 1 
ATOM 962  O OD2 . ASP B 2 24  ? 4.404   11.429  5.535   1.00 73.58  ? 312 ASP A OD2 1 
ATOM 963  N N   . LEU B 2 25  ? 8.319   8.128   6.411   1.00 84.84  ? 313 LEU A N   1 
ATOM 964  C CA  . LEU B 2 25  ? 9.063   7.943   7.644   1.00 86.44  ? 313 LEU A CA  1 
ATOM 965  C C   . LEU B 2 25  ? 8.921   9.154   8.584   1.00 88.45  ? 313 LEU A C   1 
ATOM 966  O O   . LEU B 2 25  ? 8.783   8.986   9.796   1.00 89.26  ? 313 LEU A O   1 
ATOM 967  C CB  . LEU B 2 25  ? 10.533  7.669   7.336   1.00 85.89  ? 313 LEU A CB  1 
ATOM 968  C CG  . LEU B 2 25  ? 10.802  6.571   6.295   1.00 85.94  ? 313 LEU A CG  1 
ATOM 969  C CD1 . LEU B 2 25  ? 12.302  6.240   6.270   1.00 85.41  ? 313 LEU A CD1 1 
ATOM 970  C CD2 . LEU B 2 25  ? 9.998   5.335   6.626   1.00 84.36  ? 313 LEU A CD2 1 
ATOM 971  N N   . PRO B 2 26  ? 8.950   10.392  8.038   1.00 90.08  ? 314 PRO A N   1 
ATOM 972  C CA  . PRO B 2 26  ? 8.817   11.624  8.833   1.00 90.27  ? 314 PRO A CA  1 
ATOM 973  C C   . PRO B 2 26  ? 7.700   11.567  9.863   1.00 89.28  ? 314 PRO A C   1 
ATOM 974  O O   . PRO B 2 26  ? 7.968   11.592  11.067  1.00 88.41  ? 314 PRO A O   1 
ATOM 975  C CB  . PRO B 2 26  ? 8.565   12.687  7.769   1.00 90.26  ? 314 PRO A CB  1 
ATOM 976  C CG  . PRO B 2 26  ? 9.471   12.237  6.687   1.00 91.30  ? 314 PRO A CG  1 
ATOM 977  C CD  . PRO B 2 26  ? 9.216   10.731  6.623   1.00 90.93  ? 314 PRO A CD  1 
ATOM 978  N N   . THR B 2 27  ? 6.457   11.513  9.381   1.00 87.14  ? 315 THR A N   1 
ATOM 979  C CA  . THR B 2 27  ? 5.282   11.423  10.251  1.00 85.86  ? 315 THR A CA  1 
ATOM 980  C C   . THR B 2 27  ? 5.471   10.321  11.290  1.00 86.98  ? 315 THR A C   1 
ATOM 981  O O   . THR B 2 27  ? 5.304   10.530  12.496  1.00 84.59  ? 315 THR A O   1 
ATOM 982  C CB  . THR B 2 27  ? 4.040   11.030  9.466   1.00 82.99  ? 315 THR A CB  1 
ATOM 983  O OG1 . THR B 2 27  ? 3.843   11.966  8.403   1.00 85.49  ? 315 THR A OG1 1 
ATOM 984  C CG2 . THR B 2 27  ? 2.825   10.998  10.373  1.00 81.74  ? 315 THR A CG2 1 
ATOM 985  N N   . ALA B 2 28  ? 5.806   9.138   10.790  1.00 86.59  ? 316 ALA A N   1 
ATOM 986  C CA  . ALA B 2 28  ? 6.011   7.967   11.615  1.00 85.97  ? 316 ALA A CA  1 
ATOM 987  C C   . ALA B 2 28  ? 6.938   8.200   12.776  1.00 87.61  ? 316 ALA A C   1 
ATOM 988  O O   . ALA B 2 28  ? 6.525   8.103   13.923  1.00 85.02  ? 316 ALA A O   1 
ATOM 989  C CB  . ALA B 2 28  ? 6.540   6.841   10.770  1.00 85.76  ? 316 ALA A CB  1 
ATOM 990  N N   . LYS B 2 29  ? 8.196   8.498   12.474  1.00 91.22  ? 317 LYS A N   1 
ATOM 991  C CA  . LYS B 2 29  ? 9.199   8.720   13.515  1.00 95.76  ? 317 LYS A CA  1 
ATOM 992  C C   . LYS B 2 29  ? 8.744   9.759   14.551  1.00 95.44  ? 317 LYS A C   1 
ATOM 993  O O   . LYS B 2 29  ? 9.262   9.824   15.665  1.00 91.83  ? 317 LYS A O   1 
ATOM 994  C CB  . LYS B 2 29  ? 10.539  9.144   12.880  1.00 108.25 ? 317 LYS A CB  1 
ATOM 995  C CG  . LYS B 2 29  ? 11.779  8.944   13.790  1.00 113.74 ? 317 LYS A CG  1 
ATOM 996  C CD  . LYS B 2 29  ? 13.119  9.403   13.141  1.00 115.17 ? 317 LYS A CD  1 
ATOM 997  C CE  . LYS B 2 29  ? 13.740  8.389   12.144  1.00 119.53 ? 317 LYS A CE  1 
ATOM 998  N NZ  . LYS B 2 29  ? 13.095  8.310   10.792  1.00 112.32 ? 317 LYS A NZ  1 
ATOM 999  N N   . ASP B 2 30  ? 7.749   10.552  14.175  1.00 95.71  ? 318 ASP A N   1 
ATOM 1000 C CA  . ASP B 2 30  ? 7.216   11.584  15.045  1.00 95.92  ? 318 ASP A CA  1 
ATOM 1001 C C   . ASP B 2 30  ? 6.076   11.073  15.946  1.00 93.67  ? 318 ASP A C   1 
ATOM 1002 O O   . ASP B 2 30  ? 6.176   11.160  17.174  1.00 92.08  ? 318 ASP A O   1 
ATOM 1003 C CB  . ASP B 2 30  ? 6.755   12.754  14.180  1.00 105.63 ? 318 ASP A CB  1 
ATOM 1004 C CG  . ASP B 2 30  ? 5.744   13.618  14.866  1.00 111.13 ? 318 ASP A CG  1 
ATOM 1005 O OD1 . ASP B 2 30  ? 6.055   14.134  15.965  1.00 120.07 ? 318 ASP A OD1 1 
ATOM 1006 O OD2 . ASP B 2 30  ? 4.637   13.781  14.302  1.00 111.63 ? 318 ASP A OD2 1 
ATOM 1007 N N   . GLU B 2 31  ? 5.006   10.543  15.339  1.00 90.77  ? 319 GLU A N   1 
ATOM 1008 C CA  . GLU B 2 31  ? 3.853   10.000  16.071  1.00 89.01  ? 319 GLU A CA  1 
ATOM 1009 C C   . GLU B 2 31  ? 4.284   8.832   16.962  1.00 84.72  ? 319 GLU A C   1 
ATOM 1010 O O   . GLU B 2 31  ? 3.867   8.722   18.109  1.00 82.31  ? 319 GLU A O   1 
ATOM 1011 C CB  . GLU B 2 31  ? 2.800   9.527   15.087  1.00 96.90  ? 319 GLU A CB  1 
ATOM 1012 C CG  . GLU B 2 31  ? 2.649   10.436  13.880  1.00 110.74 ? 319 GLU A CG  1 
ATOM 1013 C CD  . GLU B 2 31  ? 1.307   11.135  13.819  1.00 111.61 ? 319 GLU A CD  1 
ATOM 1014 O OE1 . GLU B 2 31  ? 0.275   10.459  13.995  1.00 129.36 ? 319 GLU A OE1 1 
ATOM 1015 O OE2 . GLU B 2 31  ? 1.274   12.357  13.577  1.00 118.91 ? 319 GLU A OE2 1 
ATOM 1016 N N   . LEU B 2 32  ? 5.111   7.950   16.431  1.00 82.47  ? 320 LEU A N   1 
ATOM 1017 C CA  . LEU B 2 32  ? 5.624   6.839   17.215  1.00 87.38  ? 320 LEU A CA  1 
ATOM 1018 C C   . LEU B 2 32  ? 6.473   7.372   18.371  1.00 92.42  ? 320 LEU A C   1 
ATOM 1019 O O   . LEU B 2 32  ? 6.901   6.599   19.242  1.00 89.74  ? 320 LEU A O   1 
ATOM 1020 C CB  . LEU B 2 32  ? 6.519   5.950   16.364  1.00 87.08  ? 320 LEU A CB  1 
ATOM 1021 C CG  . LEU B 2 32  ? 5.998   4.725   15.631  1.00 87.87  ? 320 LEU A CG  1 
ATOM 1022 C CD1 . LEU B 2 32  ? 7.176   4.198   14.828  1.00 91.08  ? 320 LEU A CD1 1 
ATOM 1023 C CD2 . LEU B 2 32  ? 5.478   3.652   16.592  1.00 86.58  ? 320 LEU A CD2 1 
ATOM 1024 N N   . THR B 2 33  ? 6.763   8.673   18.343  1.00 95.87  ? 321 THR A N   1 
ATOM 1025 C CA  . THR B 2 33  ? 7.550   9.317   19.394  1.00 98.94  ? 321 THR A CA  1 
ATOM 1026 C C   . THR B 2 33  ? 6.620   10.076  20.329  1.00 97.18  ? 321 THR A C   1 
ATOM 1027 O O   . THR B 2 33  ? 6.650   9.858   21.536  1.00 96.79  ? 321 THR A O   1 
ATOM 1028 C CB  . THR B 2 33  ? 8.591   10.298  18.825  1.00 104.67 ? 321 THR A CB  1 
ATOM 1029 O OG1 . THR B 2 33  ? 9.658   9.560   18.215  1.00 113.98 ? 321 THR A OG1 1 
ATOM 1030 C CG2 . THR B 2 33  ? 9.165   11.183  19.943  1.00 114.92 ? 321 THR A CG2 1 
ATOM 1031 N N   . LYS B 2 34  ? 5.792   10.971  19.790  1.00 94.06  ? 322 LYS A N   1 
ATOM 1032 C CA  . LYS B 2 34  ? 4.848   11.699  20.633  1.00 92.86  ? 322 LYS A CA  1 
ATOM 1033 C C   . LYS B 2 34  ? 4.145   10.674  21.530  1.00 93.61  ? 322 LYS A C   1 
ATOM 1034 O O   . LYS B 2 34  ? 3.810   10.973  22.675  1.00 93.47  ? 322 LYS A O   1 
ATOM 1035 C CB  . LYS B 2 34  ? 3.807   12.418  19.787  1.00 94.21  ? 322 LYS A CB  1 
ATOM 1036 C CG  . LYS B 2 34  ? 4.359   13.381  18.768  1.00 97.13  ? 322 LYS A CG  1 
ATOM 1037 C CD  . LYS B 2 34  ? 3.231   14.236  18.202  1.00 102.48 ? 322 LYS A CD  1 
ATOM 1038 C CE  . LYS B 2 34  ? 3.772   15.387  17.374  1.00 105.71 ? 322 LYS A CE  1 
ATOM 1039 N NZ  . LYS B 2 34  ? 2.775   16.474  17.201  1.00 106.25 ? 322 LYS A NZ  1 
ATOM 1040 N N   . ALA B 2 35  ? 3.937   9.466   20.994  1.00 96.60  ? 323 ALA A N   1 
ATOM 1041 C CA  . ALA B 2 35  ? 3.300   8.362   21.710  1.00 99.75  ? 323 ALA A CA  1 
ATOM 1042 C C   . ALA B 2 35  ? 4.181   7.830   22.844  1.00 100.55 ? 323 ALA A C   1 
ATOM 1043 O O   . ALA B 2 35  ? 3.777   7.817   24.001  1.00 101.06 ? 323 ALA A O   1 
ATOM 1044 C CB  . ALA B 2 35  ? 2.976   7.239   20.744  1.00 97.70  ? 323 ALA A CB  1 
ATOM 1045 N N   . LEU B 2 36  ? 5.380   7.384   22.508  1.00 101.07 ? 324 LEU A N   1 
ATOM 1046 C CA  . LEU B 2 36  ? 6.317   6.864   23.502  1.00 100.53 ? 324 LEU A CA  1 
ATOM 1047 C C   . LEU B 2 36  ? 6.549   7.805   24.692  1.00 100.62 ? 324 LEU A C   1 
ATOM 1048 O O   . LEU B 2 36  ? 6.476   7.379   25.849  1.00 100.11 ? 324 LEU A O   1 
ATOM 1049 C CB  . LEU B 2 36  ? 7.666   6.562   22.846  1.00 96.38  ? 324 LEU A CB  1 
ATOM 1050 C CG  . LEU B 2 36  ? 8.698   5.944   23.779  1.00 94.91  ? 324 LEU A CG  1 
ATOM 1051 C CD1 . LEU B 2 36  ? 8.243   4.555   24.208  1.00 93.33  ? 324 LEU A CD1 1 
ATOM 1052 C CD2 . LEU B 2 36  ? 10.025  5.864   23.074  1.00 95.79  ? 324 LEU A CD2 1 
ATOM 1053 N N   . ASP B 2 37  ? 6.850   9.076   24.405  1.00 103.47 ? 325 ASP A N   1 
ATOM 1054 C CA  . ASP B 2 37  ? 7.082   10.088  25.450  1.00 104.43 ? 325 ASP A CA  1 
ATOM 1055 C C   . ASP B 2 37  ? 5.893   10.055  26.407  1.00 101.34 ? 325 ASP A C   1 
ATOM 1056 O O   . ASP B 2 37  ? 6.053   10.032  27.625  1.00 98.50  ? 325 ASP A O   1 
ATOM 1057 C CB  . ASP B 2 37  ? 7.192   11.510  24.846  1.00 116.01 ? 325 ASP A CB  1 
ATOM 1058 C CG  . ASP B 2 37  ? 8.496   11.742  24.050  1.00 119.63 ? 325 ASP A CG  1 
ATOM 1059 O OD1 . ASP B 2 37  ? 8.762   12.905  23.657  1.00 128.93 ? 325 ASP A OD1 1 
ATOM 1060 O OD2 . ASP B 2 37  ? 9.251   10.776  23.808  1.00 123.54 ? 325 ASP A OD2 1 
ATOM 1061 N N   . LEU B 2 38  ? 4.694   10.036  25.830  1.00 97.20  ? 326 LEU A N   1 
ATOM 1062 C CA  . LEU B 2 38  ? 3.452   9.999   26.594  1.00 94.33  ? 326 LEU A CA  1 
ATOM 1063 C C   . LEU B 2 38  ? 3.262   8.730   27.448  1.00 92.51  ? 326 LEU A C   1 
ATOM 1064 O O   . LEU B 2 38  ? 2.588   8.783   28.472  1.00 91.65  ? 326 LEU A O   1 
ATOM 1065 C CB  . LEU B 2 38  ? 2.265   10.179  25.643  1.00 93.54  ? 326 LEU A CB  1 
ATOM 1066 C CG  . LEU B 2 38  ? 1.028   10.881  26.209  1.00 93.61  ? 326 LEU A CG  1 
ATOM 1067 C CD1 . LEU B 2 38  ? 1.425   12.172  26.915  1.00 91.87  ? 326 LEU A CD1 1 
ATOM 1068 C CD2 . LEU B 2 38  ? 0.052   11.156  25.069  1.00 95.03  ? 326 LEU A CD2 1 
ATOM 1069 N N   . LEU B 2 39  ? 3.839   7.601   27.034  1.00 90.83  ? 327 LEU A N   1 
ATOM 1070 C CA  . LEU B 2 39  ? 3.742   6.346   27.796  1.00 91.16  ? 327 LEU A CA  1 
ATOM 1071 C C   . LEU B 2 39  ? 4.693   6.438   28.995  1.00 90.91  ? 327 LEU A C   1 
ATOM 1072 O O   . LEU B 2 39  ? 4.643   5.627   29.933  1.00 90.49  ? 327 LEU A O   1 
ATOM 1073 C CB  . LEU B 2 39  ? 4.115   5.140   26.912  1.00 92.19  ? 327 LEU A CB  1 
ATOM 1074 C CG  . LEU B 2 39  ? 4.449   3.769   27.533  1.00 92.15  ? 327 LEU A CG  1 
ATOM 1075 C CD1 . LEU B 2 39  ? 3.401   3.383   28.557  1.00 92.10  ? 327 LEU A CD1 1 
ATOM 1076 C CD2 . LEU B 2 39  ? 4.536   2.714   26.435  1.00 93.39  ? 327 LEU A CD2 1 
ATOM 1077 N N   . ASN B 2 40  ? 5.566   7.436   28.951  1.00 90.56  ? 328 ASN A N   1 
ATOM 1078 C CA  . ASN B 2 40  ? 6.509   7.652   30.031  1.00 93.37  ? 328 ASN A CA  1 
ATOM 1079 C C   . ASN B 2 40  ? 5.871   8.713   30.915  1.00 95.57  ? 328 ASN A C   1 
ATOM 1080 O O   . ASN B 2 40  ? 6.166   8.802   32.101  1.00 93.41  ? 328 ASN A O   1 
ATOM 1081 C CB  . ASN B 2 40  ? 7.847   8.134   29.475  1.00 98.41  ? 328 ASN A CB  1 
ATOM 1082 C CG  . ASN B 2 40  ? 8.359   7.246   28.360  1.00 96.85  ? 328 ASN A CG  1 
ATOM 1083 O OD1 . ASN B 2 40  ? 8.591   6.051   28.561  1.00 102.40 ? 328 ASN A OD1 1 
ATOM 1084 N ND2 . ASN B 2 40  ? 8.533   7.826   27.174  1.00 101.21 ? 328 ASN A ND2 1 
ATOM 1085 N N   . SER B 2 41  ? 4.987   9.509   30.322  1.00 95.34  ? 329 SER A N   1 
ATOM 1086 C CA  . SER B 2 41  ? 4.273   10.543  31.056  1.00 99.91  ? 329 SER A CA  1 
ATOM 1087 C C   . SER B 2 41  ? 3.263   9.862   31.977  1.00 105.92 ? 329 SER A C   1 
ATOM 1088 O O   . SER B 2 41  ? 2.818   10.460  32.965  1.00 100.39 ? 329 SER A O   1 
ATOM 1089 C CB  . SER B 2 41  ? 3.542   11.486  30.097  1.00 94.92  ? 329 SER A CB  1 
ATOM 1090 O OG  . SER B 2 41  ? 2.642   12.348  30.778  1.00 93.56  ? 329 SER A OG  1 
ATOM 1091 N N   . ILE B 2 42  ? 2.901   8.617   31.637  1.00 110.65 ? 330 ILE A N   1 
ATOM 1092 C CA  . ILE B 2 42  ? 1.957   7.800   32.429  1.00 116.34 ? 330 ILE A CA  1 
ATOM 1093 C C   . ILE B 2 42  ? 2.582   7.577   33.817  1.00 121.25 ? 330 ILE A C   1 
ATOM 1094 O O   . ILE B 2 42  ? 3.763   7.964   34.013  1.00 131.11 ? 330 ILE A O   1 
ATOM 1095 C CB  . ILE B 2 42  ? 1.683   6.390   31.764  1.00 116.24 ? 330 ILE A CB  1 
ATOM 1096 C CG1 . ILE B 2 42  ? 0.839   6.544   30.501  1.00 114.34 ? 330 ILE A CG1 1 
ATOM 1097 C CG2 . ILE B 2 42  ? 0.945   5.465   32.726  1.00 115.74 ? 330 ILE A CG2 1 
ATOM 1098 C CD1 . ILE B 2 42  ? -0.618  6.882   30.753  1.00 112.10 ? 330 ILE A CD1 1 
ATOM 1099 O OXT . ILE B 2 42  ? 1.890   7.018   34.699  1.00 131.31 ? 330 ILE A OXT 1 
# 
loop_
_pdbx_poly_seq_scheme.asym_id 
_pdbx_poly_seq_scheme.entity_id 
_pdbx_poly_seq_scheme.seq_id 
_pdbx_poly_seq_scheme.mon_id 
_pdbx_poly_seq_scheme.ndb_seq_num 
_pdbx_poly_seq_scheme.pdb_seq_num 
_pdbx_poly_seq_scheme.auth_seq_num 
_pdbx_poly_seq_scheme.pdb_mon_id 
_pdbx_poly_seq_scheme.auth_mon_id 
_pdbx_poly_seq_scheme.pdb_strand_id 
_pdbx_poly_seq_scheme.pdb_ins_code 
_pdbx_poly_seq_scheme.hetero 
A 1 1   GLY 1   297 297 GLY GLY C . n 
A 1 2   SER 2   298 298 SER SER C . n 
A 1 3   PRO 3   299 299 PRO PRO C . n 
A 1 4   ASP 4   300 300 ASP ASP C . n 
A 1 5   LEU 5   301 301 LEU LEU C . n 
A 1 6   ALA 6   302 302 ALA ALA C . n 
A 1 7   ALA 7   303 303 ALA ALA C . n 
A 1 8   ARG 8   304 304 ARG ARG C . n 
A 1 9   THR 9   305 305 THR THR C . n 
A 1 10  THR 10  306 306 THR THR C . n 
A 1 11  MET 11  307 307 MET MET C . n 
A 1 12  PHE 12  308 308 PHE PHE C . n 
A 1 13  GLU 13  309 309 GLU GLU C . n 
A 1 14  ILE 14  310 310 ILE ILE C . n 
A 1 15  ASN 15  311 311 ASN ASN C . n 
A 1 16  VAL 16  312 312 VAL VAL C . n 
A 1 17  GLY 17  313 313 GLY GLY C . n 
A 1 18  ASP 18  314 314 ASP ASP C . n 
A 1 19  THR 19  315 315 THR THR C . n 
A 1 20  PRO 20  316 316 PRO PRO C . n 
A 1 21  CYS 21  317 317 CYS CYS C . n 
A 1 22  VAL 22  318 318 VAL VAL C . n 
A 1 23  LEU 23  319 319 LEU LEU C . n 
A 1 24  THR 24  320 320 THR THR C . n 
A 1 25  LYS 25  321 321 LYS LYS C . n 
A 1 26  GLU 26  322 322 GLU GLU C . n 
A 1 27  ASP 27  323 323 ASP ASP C . n 
A 1 28  TYR 28  324 324 TYR TYR C . n 
A 1 29  ARG 29  325 325 ARG ARG C . n 
A 1 30  THR 30  326 326 THR THR C . n 
A 1 31  LEU 31  327 327 LEU LEU C . n 
A 1 32  GLY 32  328 328 GLY GLY C . n 
A 1 33  ALA 33  329 329 ALA ALA C . n 
A 1 34  MET 34  330 330 MET MET C . n 
A 1 35  THR 35  331 331 THR THR C . n 
A 1 36  GLU 36  332 332 GLU GLU C . n 
A 1 37  GLY 37  333 333 GLY GLY C . n 
A 1 38  TYR 38  334 334 TYR TYR C . n 
A 1 39  SER 39  335 335 SER SER C . n 
A 1 40  GLY 40  336 336 GLY GLY C . n 
A 1 41  SER 41  337 337 SER SER C . n 
A 1 42  ASP 42  338 338 ASP ASP C . n 
A 1 43  ILE 43  339 339 ILE ILE C . n 
A 1 44  ALA 44  340 340 ALA ALA C . n 
A 1 45  VAL 45  341 341 VAL VAL C . n 
A 1 46  VAL 46  342 342 VAL VAL C . n 
A 1 47  VAL 47  343 343 VAL VAL C . n 
A 1 48  LYS 48  344 344 LYS LYS C . n 
A 1 49  ASP 49  345 345 ASP ASP C . n 
A 1 50  ALA 50  346 346 ALA ALA C . n 
A 1 51  LEU 51  347 347 LEU LEU C . n 
A 1 52  MET 52  348 348 MET MET C . n 
A 1 53  GLN 53  349 349 GLN GLN C . n 
A 1 54  PRO 54  350 350 PRO PRO C . n 
A 1 55  ILE 55  351 351 ILE ILE C . n 
A 1 56  ARG 56  352 352 ARG ARG C . n 
A 1 57  LYS 57  353 353 LYS LYS C . n 
A 1 58  ILE 58  354 354 ILE ILE C . n 
A 1 59  GLN 59  355 355 GLN GLN C . n 
A 1 60  SER 60  356 356 SER SER C . n 
A 1 61  ALA 61  357 357 ALA ALA C . n 
A 1 62  THR 62  358 358 THR THR C . n 
A 1 63  HIS 63  359 359 HIS HIS C . n 
A 1 64  PHE 64  360 360 PHE PHE C . n 
A 1 65  LYS 65  361 361 LYS LYS C . n 
A 1 66  ASP 66  362 362 ASP ASP C . n 
A 1 67  VAL 67  363 363 VAL VAL C . n 
A 1 68  SER 68  364 364 SER SER C . n 
A 1 69  THR 69  365 ?   ?   ?   C . n 
A 1 70  GLU 70  366 ?   ?   ?   C . n 
A 1 71  ASP 71  367 ?   ?   ?   C . n 
A 1 72  ASP 72  368 ?   ?   ?   C . n 
A 1 73  GLU 73  369 369 GLU GLU C . n 
A 1 74  THR 74  370 370 THR THR C . n 
A 1 75  ARG 75  371 371 ARG ARG C . n 
A 1 76  LYS 76  372 372 LYS LYS C . n 
A 1 77  LEU 77  373 373 LEU LEU C . n 
A 1 78  THR 78  374 374 THR THR C . n 
A 1 79  PRO 79  375 375 PRO PRO C . n 
A 1 80  CYS 80  376 376 CYS CYS C . n 
A 1 81  SER 81  377 377 SER SER C . n 
A 1 82  PRO 82  378 378 PRO PRO C . n 
A 1 83  GLY 83  379 379 GLY GLY C . n 
A 1 84  ASP 84  380 380 ASP ASP C . n 
A 1 85  ASP 85  381 381 ASP ASP C . n 
A 1 86  GLY 86  382 382 GLY GLY C . n 
A 1 87  ALA 87  383 383 ALA ALA C . n 
A 1 88  ILE 88  384 384 ILE ILE C . n 
A 1 89  GLU 89  385 385 GLU GLU C . n 
A 1 90  MET 90  386 386 MET MET C . n 
A 1 91  SER 91  387 387 SER SER C . n 
A 1 92  TRP 92  388 ?   ?   ?   C . n 
A 1 93  THR 93  389 ?   ?   ?   C . n 
A 1 94  ASP 94  390 ?   ?   ?   C . n 
A 1 95  ILE 95  391 ?   ?   ?   C . n 
A 1 96  GLU 96  392 ?   ?   ?   C . n 
A 1 97  ALA 97  393 ?   ?   ?   C . n 
A 1 98  ASP 98  394 ?   ?   ?   C . n 
A 1 99  GLU 99  395 ?   ?   ?   C . n 
A 1 100 LEU 100 396 ?   ?   ?   C . n 
A 1 101 LYS 101 397 ?   ?   ?   C . n 
A 1 102 GLU 102 398 ?   ?   ?   C . n 
A 1 103 PRO 103 399 399 PRO PRO C . n 
A 1 104 ASP 104 400 400 ASP ASP C . n 
A 1 105 LEU 105 401 401 LEU LEU C . n 
A 1 106 THR 106 402 402 THR THR C . n 
A 1 107 ILE 107 403 403 ILE ILE C . n 
A 1 108 LYS 108 404 404 LYS LYS C . n 
A 1 109 ASP 109 405 405 ASP ASP C . n 
A 1 110 PHE 110 406 406 PHE PHE C . n 
A 1 111 LEU 111 407 407 LEU LEU C . n 
A 1 112 LYS 112 408 408 LYS LYS C . n 
A 1 113 ALA 113 409 409 ALA ALA C . n 
A 1 114 ILE 114 410 410 ILE ILE C . n 
A 1 115 LYS 115 411 411 LYS LYS C . n 
A 1 116 SER 116 412 412 SER SER C . n 
A 1 117 THR 117 413 413 THR THR C . n 
B 2 1   ASP 1   289 289 ASP ASP A . n 
B 2 2   ARG 2   290 290 ARG ARG A . n 
B 2 3   ALA 3   291 291 ALA ALA A . n 
B 2 4   SER 4   292 292 SER SER A . n 
B 2 5   LYS 5   293 293 LYS LYS A . n 
B 2 6   ILE 6   294 294 ILE ILE A . n 
B 2 7   GLU 7   295 295 GLU GLU A . n 
B 2 8   GLN 8   296 296 GLN GLN A . n 
B 2 9   ILE 9   297 297 ILE ILE A . n 
B 2 10  GLN 10  298 298 GLN GLN A . n 
B 2 11  LYS 11  299 299 LYS LYS A . n 
B 2 12  LEU 12  300 300 LEU LEU A . n 
B 2 13  ALA 13  301 301 ALA ALA A . n 
B 2 14  LYS 14  302 302 LYS LYS A . n 
B 2 15  TYR 15  303 303 TYR TYR A . n 
B 2 16  ALA 16  304 304 ALA ALA A . n 
B 2 17  ILE 17  305 305 ILE ILE A . n 
B 2 18  SER 18  306 306 SER SER A . n 
B 2 19  ALA 19  307 307 ALA ALA A . n 
B 2 20  LEU 20  308 308 LEU LEU A . n 
B 2 21  ASN 21  309 309 ASN ASN A . n 
B 2 22  TYR 22  310 310 TYR TYR A . n 
B 2 23  GLU 23  311 311 GLU GLU A . n 
B 2 24  ASP 24  312 312 ASP ASP A . n 
B 2 25  LEU 25  313 313 LEU LEU A . n 
B 2 26  PRO 26  314 314 PRO PRO A . n 
B 2 27  THR 27  315 315 THR THR A . n 
B 2 28  ALA 28  316 316 ALA ALA A . n 
B 2 29  LYS 29  317 317 LYS LYS A . n 
B 2 30  ASP 30  318 318 ASP ASP A . n 
B 2 31  GLU 31  319 319 GLU GLU A . n 
B 2 32  LEU 32  320 320 LEU LEU A . n 
B 2 33  THR 33  321 321 THR THR A . n 
B 2 34  LYS 34  322 322 LYS LYS A . n 
B 2 35  ALA 35  323 323 ALA ALA A . n 
B 2 36  LEU 36  324 324 LEU LEU A . n 
B 2 37  ASP 37  325 325 ASP ASP A . n 
B 2 38  LEU 38  326 326 LEU LEU A . n 
B 2 39  LEU 39  327 327 LEU LEU A . n 
B 2 40  ASN 40  328 328 ASN ASN A . n 
B 2 41  SER 41  329 329 SER SER A . n 
B 2 42  ILE 42  330 330 ILE ILE A . n 
# 
_pdbx_struct_assembly.id                   1 
_pdbx_struct_assembly.details              author_defined_assembly 
_pdbx_struct_assembly.method_details       ? 
_pdbx_struct_assembly.oligomeric_details   tetrameric 
_pdbx_struct_assembly.oligomeric_count     4 
# 
_pdbx_struct_assembly_gen.assembly_id       1 
_pdbx_struct_assembly_gen.oper_expression   1,2 
_pdbx_struct_assembly_gen.asym_id_list      A,B 
# 
loop_
_pdbx_struct_oper_list.id 
_pdbx_struct_oper_list.type 
_pdbx_struct_oper_list.name 
_pdbx_struct_oper_list.symmetry_operation 
_pdbx_struct_oper_list.matrix[1][1] 
_pdbx_struct_oper_list.matrix[1][2] 
_pdbx_struct_oper_list.matrix[1][3] 
_pdbx_struct_oper_list.vector[1] 
_pdbx_struct_oper_list.matrix[2][1] 
_pdbx_struct_oper_list.matrix[2][2] 
_pdbx_struct_oper_list.matrix[2][3] 
_pdbx_struct_oper_list.vector[2] 
_pdbx_struct_oper_list.matrix[3][1] 
_pdbx_struct_oper_list.matrix[3][2] 
_pdbx_struct_oper_list.matrix[3][3] 
_pdbx_struct_oper_list.vector[3] 
1 'identity operation'         1_555 x,y,z   1.0000000000 0.0000000000 0.0000000000 0.0000000000   0.0000000000 1.0000000000  0.0000000000 0.0000000000  0.0000000000 0.0000000000 1.0000000000  0.0000000000  
2 'crystal symmetry operation' 4_555 x,-y,-z 0.3556357142 0.6865841624 0.6341336032 -10.5996316045 0.6865841624 -0.6522680783 0.3211674672 -4.0904527087 0.6341336032 0.3211674672 -0.7033676359 27.0884228804 
# 
loop_
_pdbx_audit_revision_history.ordinal 
_pdbx_audit_revision_history.data_content_type 
_pdbx_audit_revision_history.major_revision 
_pdbx_audit_revision_history.minor_revision 
_pdbx_audit_revision_history.revision_date 
1 'Structure model' 1 0 2010-10-06 
2 'Structure model' 1 1 2011-07-13 
3 'Structure model' 1 2 2023-11-01 
# 
_pdbx_audit_revision_details.ordinal             1 
_pdbx_audit_revision_details.revision_ordinal    1 
_pdbx_audit_revision_details.data_content_type   'Structure model' 
_pdbx_audit_revision_details.provider            repository 
_pdbx_audit_revision_details.type                'Initial release' 
_pdbx_audit_revision_details.description         ? 
_pdbx_audit_revision_details.details             ? 
# 
loop_
_pdbx_audit_revision_group.ordinal 
_pdbx_audit_revision_group.revision_ordinal 
_pdbx_audit_revision_group.data_content_type 
_pdbx_audit_revision_group.group 
1 2 'Structure model' 'Version format compliance' 
2 3 'Structure model' 'Data collection'           
3 3 'Structure model' 'Database references'       
4 3 'Structure model' 'Refinement description'    
# 
loop_
_pdbx_audit_revision_category.ordinal 
_pdbx_audit_revision_category.revision_ordinal 
_pdbx_audit_revision_category.data_content_type 
_pdbx_audit_revision_category.category 
1 3 'Structure model' chem_comp_atom                
2 3 'Structure model' chem_comp_bond                
3 3 'Structure model' database_2                    
4 3 'Structure model' pdbx_initial_refinement_model 
5 3 'Structure model' struct_ref_seq_dif            
# 
loop_
_pdbx_audit_revision_item.ordinal 
_pdbx_audit_revision_item.revision_ordinal 
_pdbx_audit_revision_item.data_content_type 
_pdbx_audit_revision_item.item 
1 3 'Structure model' '_database_2.pdbx_DOI'                
2 3 'Structure model' '_database_2.pdbx_database_accession' 
3 3 'Structure model' '_struct_ref_seq_dif.details'         
# 
loop_
_software.name 
_software.classification 
_software.version 
_software.citation_id 
_software.pdbx_ordinal 
HKL-2000 'data collection' . ? 1 
MOLREP   phasing           . ? 2 
PHASER   phasing           . ? 3 
CNS      refinement        . ? 4 
HKL-2000 'data reduction'  . ? 5 
HKL-2000 'data scaling'    . ? 6 
# 
loop_
_pdbx_validate_rmsd_angle.id 
_pdbx_validate_rmsd_angle.PDB_model_num 
_pdbx_validate_rmsd_angle.auth_atom_id_1 
_pdbx_validate_rmsd_angle.auth_asym_id_1 
_pdbx_validate_rmsd_angle.auth_comp_id_1 
_pdbx_validate_rmsd_angle.auth_seq_id_1 
_pdbx_validate_rmsd_angle.PDB_ins_code_1 
_pdbx_validate_rmsd_angle.label_alt_id_1 
_pdbx_validate_rmsd_angle.auth_atom_id_2 
_pdbx_validate_rmsd_angle.auth_asym_id_2 
_pdbx_validate_rmsd_angle.auth_comp_id_2 
_pdbx_validate_rmsd_angle.auth_seq_id_2 
_pdbx_validate_rmsd_angle.PDB_ins_code_2 
_pdbx_validate_rmsd_angle.label_alt_id_2 
_pdbx_validate_rmsd_angle.auth_atom_id_3 
_pdbx_validate_rmsd_angle.auth_asym_id_3 
_pdbx_validate_rmsd_angle.auth_comp_id_3 
_pdbx_validate_rmsd_angle.auth_seq_id_3 
_pdbx_validate_rmsd_angle.PDB_ins_code_3 
_pdbx_validate_rmsd_angle.label_alt_id_3 
_pdbx_validate_rmsd_angle.angle_value 
_pdbx_validate_rmsd_angle.angle_target_value 
_pdbx_validate_rmsd_angle.angle_deviation 
_pdbx_validate_rmsd_angle.angle_standard_deviation 
_pdbx_validate_rmsd_angle.linker_flag 
1 1 N C SER 377 ? ? CA C SER 377 ? ? C  C SER 377 ? ? 94.64  111.00 -16.36 2.70 N 
2 1 C C SER 377 ? ? N  C PRO 378 ? ? CD C PRO 378 ? ? 113.64 128.40 -14.76 2.10 Y 
3 1 N C ASP 380 ? ? CA C ASP 380 ? ? C  C ASP 380 ? ? 89.84  111.00 -21.16 2.70 N 
# 
loop_
_pdbx_validate_torsion.id 
_pdbx_validate_torsion.PDB_model_num 
_pdbx_validate_torsion.auth_comp_id 
_pdbx_validate_torsion.auth_asym_id 
_pdbx_validate_torsion.auth_seq_id 
_pdbx_validate_torsion.PDB_ins_code 
_pdbx_validate_torsion.label_alt_id 
_pdbx_validate_torsion.phi 
_pdbx_validate_torsion.psi 
1  1 PRO C 299 ? ? -48.63  151.26  
2  1 LEU C 301 ? ? 63.47   -22.52  
3  1 GLU C 309 ? ? -54.48  -82.52  
4  1 ILE C 310 ? ? -24.38  -52.30  
5  1 THR C 315 ? ? -37.36  117.02  
6  1 PRO C 316 ? ? -50.62  105.60  
7  1 VAL C 318 ? ? -152.23 19.25   
8  1 ASP C 338 ? ? -50.96  -76.23  
9  1 LEU C 347 ? ? 68.88   169.80  
10 1 MET C 348 ? ? 61.27   -9.22   
11 1 HIS C 359 ? ? 164.78  110.42  
12 1 THR C 370 ? ? -20.09  97.16   
13 1 ARG C 371 ? ? 75.56   136.84  
14 1 LYS C 372 ? ? -164.94 80.39   
15 1 SER C 377 ? ? -64.30  -170.78 
16 1 ALA C 383 ? ? -25.58  117.54  
17 1 MET C 386 ? ? -176.83 139.02  
18 1 ALA C 409 ? ? -66.32  7.12    
19 1 SER C 412 ? ? -68.91  23.12   
20 1 ARG A 290 ? ? 88.09   -59.48  
21 1 TYR A 310 ? ? -140.91 16.91   
22 1 GLU A 311 ? ? 57.26   8.35    
23 1 ASP A 312 ? ? -60.45  82.43   
# 
loop_
_pdbx_unobs_or_zero_occ_residues.id 
_pdbx_unobs_or_zero_occ_residues.PDB_model_num 
_pdbx_unobs_or_zero_occ_residues.polymer_flag 
_pdbx_unobs_or_zero_occ_residues.occupancy_flag 
_pdbx_unobs_or_zero_occ_residues.auth_asym_id 
_pdbx_unobs_or_zero_occ_residues.auth_comp_id 
_pdbx_unobs_or_zero_occ_residues.auth_seq_id 
_pdbx_unobs_or_zero_occ_residues.PDB_ins_code 
_pdbx_unobs_or_zero_occ_residues.label_asym_id 
_pdbx_unobs_or_zero_occ_residues.label_comp_id 
_pdbx_unobs_or_zero_occ_residues.label_seq_id 
1  1 Y 1 C THR 365 ? A THR 69  
2  1 Y 1 C GLU 366 ? A GLU 70  
3  1 Y 1 C ASP 367 ? A ASP 71  
4  1 Y 1 C ASP 368 ? A ASP 72  
5  1 Y 1 C TRP 388 ? A TRP 92  
6  1 Y 1 C THR 389 ? A THR 93  
7  1 Y 1 C ASP 390 ? A ASP 94  
8  1 Y 1 C ILE 391 ? A ILE 95  
9  1 Y 1 C GLU 392 ? A GLU 96  
10 1 Y 1 C ALA 393 ? A ALA 97  
11 1 Y 1 C ASP 394 ? A ASP 98  
12 1 Y 1 C GLU 395 ? A GLU 99  
13 1 Y 1 C LEU 396 ? A LEU 100 
14 1 Y 1 C LYS 397 ? A LYS 101 
15 1 Y 1 C GLU 398 ? A GLU 102 
# 
loop_
_chem_comp_atom.comp_id 
_chem_comp_atom.atom_id 
_chem_comp_atom.type_symbol 
_chem_comp_atom.pdbx_aromatic_flag 
_chem_comp_atom.pdbx_stereo_config 
_chem_comp_atom.pdbx_ordinal 
ALA N    N N N 1   
ALA CA   C N S 2   
ALA C    C N N 3   
ALA O    O N N 4   
ALA CB   C N N 5   
ALA OXT  O N N 6   
ALA H    H N N 7   
ALA H2   H N N 8   
ALA HA   H N N 9   
ALA HB1  H N N 10  
ALA HB2  H N N 11  
ALA HB3  H N N 12  
ALA HXT  H N N 13  
ARG N    N N N 14  
ARG CA   C N S 15  
ARG C    C N N 16  
ARG O    O N N 17  
ARG CB   C N N 18  
ARG CG   C N N 19  
ARG CD   C N N 20  
ARG NE   N N N 21  
ARG CZ   C N N 22  
ARG NH1  N N N 23  
ARG NH2  N N N 24  
ARG OXT  O N N 25  
ARG H    H N N 26  
ARG H2   H N N 27  
ARG HA   H N N 28  
ARG HB2  H N N 29  
ARG HB3  H N N 30  
ARG HG2  H N N 31  
ARG HG3  H N N 32  
ARG HD2  H N N 33  
ARG HD3  H N N 34  
ARG HE   H N N 35  
ARG HH11 H N N 36  
ARG HH12 H N N 37  
ARG HH21 H N N 38  
ARG HH22 H N N 39  
ARG HXT  H N N 40  
ASN N    N N N 41  
ASN CA   C N S 42  
ASN C    C N N 43  
ASN O    O N N 44  
ASN CB   C N N 45  
ASN CG   C N N 46  
ASN OD1  O N N 47  
ASN ND2  N N N 48  
ASN OXT  O N N 49  
ASN H    H N N 50  
ASN H2   H N N 51  
ASN HA   H N N 52  
ASN HB2  H N N 53  
ASN HB3  H N N 54  
ASN HD21 H N N 55  
ASN HD22 H N N 56  
ASN HXT  H N N 57  
ASP N    N N N 58  
ASP CA   C N S 59  
ASP C    C N N 60  
ASP O    O N N 61  
ASP CB   C N N 62  
ASP CG   C N N 63  
ASP OD1  O N N 64  
ASP OD2  O N N 65  
ASP OXT  O N N 66  
ASP H    H N N 67  
ASP H2   H N N 68  
ASP HA   H N N 69  
ASP HB2  H N N 70  
ASP HB3  H N N 71  
ASP HD2  H N N 72  
ASP HXT  H N N 73  
CYS N    N N N 74  
CYS CA   C N R 75  
CYS C    C N N 76  
CYS O    O N N 77  
CYS CB   C N N 78  
CYS SG   S N N 79  
CYS OXT  O N N 80  
CYS H    H N N 81  
CYS H2   H N N 82  
CYS HA   H N N 83  
CYS HB2  H N N 84  
CYS HB3  H N N 85  
CYS HG   H N N 86  
CYS HXT  H N N 87  
GLN N    N N N 88  
GLN CA   C N S 89  
GLN C    C N N 90  
GLN O    O N N 91  
GLN CB   C N N 92  
GLN CG   C N N 93  
GLN CD   C N N 94  
GLN OE1  O N N 95  
GLN NE2  N N N 96  
GLN OXT  O N N 97  
GLN H    H N N 98  
GLN H2   H N N 99  
GLN HA   H N N 100 
GLN HB2  H N N 101 
GLN HB3  H N N 102 
GLN HG2  H N N 103 
GLN HG3  H N N 104 
GLN HE21 H N N 105 
GLN HE22 H N N 106 
GLN HXT  H N N 107 
GLU N    N N N 108 
GLU CA   C N S 109 
GLU C    C N N 110 
GLU O    O N N 111 
GLU CB   C N N 112 
GLU CG   C N N 113 
GLU CD   C N N 114 
GLU OE1  O N N 115 
GLU OE2  O N N 116 
GLU OXT  O N N 117 
GLU H    H N N 118 
GLU H2   H N N 119 
GLU HA   H N N 120 
GLU HB2  H N N 121 
GLU HB3  H N N 122 
GLU HG2  H N N 123 
GLU HG3  H N N 124 
GLU HE2  H N N 125 
GLU HXT  H N N 126 
GLY N    N N N 127 
GLY CA   C N N 128 
GLY C    C N N 129 
GLY O    O N N 130 
GLY OXT  O N N 131 
GLY H    H N N 132 
GLY H2   H N N 133 
GLY HA2  H N N 134 
GLY HA3  H N N 135 
GLY HXT  H N N 136 
HIS N    N N N 137 
HIS CA   C N S 138 
HIS C    C N N 139 
HIS O    O N N 140 
HIS CB   C N N 141 
HIS CG   C Y N 142 
HIS ND1  N Y N 143 
HIS CD2  C Y N 144 
HIS CE1  C Y N 145 
HIS NE2  N Y N 146 
HIS OXT  O N N 147 
HIS H    H N N 148 
HIS H2   H N N 149 
HIS HA   H N N 150 
HIS HB2  H N N 151 
HIS HB3  H N N 152 
HIS HD1  H N N 153 
HIS HD2  H N N 154 
HIS HE1  H N N 155 
HIS HE2  H N N 156 
HIS HXT  H N N 157 
ILE N    N N N 158 
ILE CA   C N S 159 
ILE C    C N N 160 
ILE O    O N N 161 
ILE CB   C N S 162 
ILE CG1  C N N 163 
ILE CG2  C N N 164 
ILE CD1  C N N 165 
ILE OXT  O N N 166 
ILE H    H N N 167 
ILE H2   H N N 168 
ILE HA   H N N 169 
ILE HB   H N N 170 
ILE HG12 H N N 171 
ILE HG13 H N N 172 
ILE HG21 H N N 173 
ILE HG22 H N N 174 
ILE HG23 H N N 175 
ILE HD11 H N N 176 
ILE HD12 H N N 177 
ILE HD13 H N N 178 
ILE HXT  H N N 179 
LEU N    N N N 180 
LEU CA   C N S 181 
LEU C    C N N 182 
LEU O    O N N 183 
LEU CB   C N N 184 
LEU CG   C N N 185 
LEU CD1  C N N 186 
LEU CD2  C N N 187 
LEU OXT  O N N 188 
LEU H    H N N 189 
LEU H2   H N N 190 
LEU HA   H N N 191 
LEU HB2  H N N 192 
LEU HB3  H N N 193 
LEU HG   H N N 194 
LEU HD11 H N N 195 
LEU HD12 H N N 196 
LEU HD13 H N N 197 
LEU HD21 H N N 198 
LEU HD22 H N N 199 
LEU HD23 H N N 200 
LEU HXT  H N N 201 
LYS N    N N N 202 
LYS CA   C N S 203 
LYS C    C N N 204 
LYS O    O N N 205 
LYS CB   C N N 206 
LYS CG   C N N 207 
LYS CD   C N N 208 
LYS CE   C N N 209 
LYS NZ   N N N 210 
LYS OXT  O N N 211 
LYS H    H N N 212 
LYS H2   H N N 213 
LYS HA   H N N 214 
LYS HB2  H N N 215 
LYS HB3  H N N 216 
LYS HG2  H N N 217 
LYS HG3  H N N 218 
LYS HD2  H N N 219 
LYS HD3  H N N 220 
LYS HE2  H N N 221 
LYS HE3  H N N 222 
LYS HZ1  H N N 223 
LYS HZ2  H N N 224 
LYS HZ3  H N N 225 
LYS HXT  H N N 226 
MET N    N N N 227 
MET CA   C N S 228 
MET C    C N N 229 
MET O    O N N 230 
MET CB   C N N 231 
MET CG   C N N 232 
MET SD   S N N 233 
MET CE   C N N 234 
MET OXT  O N N 235 
MET H    H N N 236 
MET H2   H N N 237 
MET HA   H N N 238 
MET HB2  H N N 239 
MET HB3  H N N 240 
MET HG2  H N N 241 
MET HG3  H N N 242 
MET HE1  H N N 243 
MET HE2  H N N 244 
MET HE3  H N N 245 
MET HXT  H N N 246 
PHE N    N N N 247 
PHE CA   C N S 248 
PHE C    C N N 249 
PHE O    O N N 250 
PHE CB   C N N 251 
PHE CG   C Y N 252 
PHE CD1  C Y N 253 
PHE CD2  C Y N 254 
PHE CE1  C Y N 255 
PHE CE2  C Y N 256 
PHE CZ   C Y N 257 
PHE OXT  O N N 258 
PHE H    H N N 259 
PHE H2   H N N 260 
PHE HA   H N N 261 
PHE HB2  H N N 262 
PHE HB3  H N N 263 
PHE HD1  H N N 264 
PHE HD2  H N N 265 
PHE HE1  H N N 266 
PHE HE2  H N N 267 
PHE HZ   H N N 268 
PHE HXT  H N N 269 
PRO N    N N N 270 
PRO CA   C N S 271 
PRO C    C N N 272 
PRO O    O N N 273 
PRO CB   C N N 274 
PRO CG   C N N 275 
PRO CD   C N N 276 
PRO OXT  O N N 277 
PRO H    H N N 278 
PRO HA   H N N 279 
PRO HB2  H N N 280 
PRO HB3  H N N 281 
PRO HG2  H N N 282 
PRO HG3  H N N 283 
PRO HD2  H N N 284 
PRO HD3  H N N 285 
PRO HXT  H N N 286 
SER N    N N N 287 
SER CA   C N S 288 
SER C    C N N 289 
SER O    O N N 290 
SER CB   C N N 291 
SER OG   O N N 292 
SER OXT  O N N 293 
SER H    H N N 294 
SER H2   H N N 295 
SER HA   H N N 296 
SER HB2  H N N 297 
SER HB3  H N N 298 
SER HG   H N N 299 
SER HXT  H N N 300 
THR N    N N N 301 
THR CA   C N S 302 
THR C    C N N 303 
THR O    O N N 304 
THR CB   C N R 305 
THR OG1  O N N 306 
THR CG2  C N N 307 
THR OXT  O N N 308 
THR H    H N N 309 
THR H2   H N N 310 
THR HA   H N N 311 
THR HB   H N N 312 
THR HG1  H N N 313 
THR HG21 H N N 314 
THR HG22 H N N 315 
THR HG23 H N N 316 
THR HXT  H N N 317 
TRP N    N N N 318 
TRP CA   C N S 319 
TRP C    C N N 320 
TRP O    O N N 321 
TRP CB   C N N 322 
TRP CG   C Y N 323 
TRP CD1  C Y N 324 
TRP CD2  C Y N 325 
TRP NE1  N Y N 326 
TRP CE2  C Y N 327 
TRP CE3  C Y N 328 
TRP CZ2  C Y N 329 
TRP CZ3  C Y N 330 
TRP CH2  C Y N 331 
TRP OXT  O N N 332 
TRP H    H N N 333 
TRP H2   H N N 334 
TRP HA   H N N 335 
TRP HB2  H N N 336 
TRP HB3  H N N 337 
TRP HD1  H N N 338 
TRP HE1  H N N 339 
TRP HE3  H N N 340 
TRP HZ2  H N N 341 
TRP HZ3  H N N 342 
TRP HH2  H N N 343 
TRP HXT  H N N 344 
TYR N    N N N 345 
TYR CA   C N S 346 
TYR C    C N N 347 
TYR O    O N N 348 
TYR CB   C N N 349 
TYR CG   C Y N 350 
TYR CD1  C Y N 351 
TYR CD2  C Y N 352 
TYR CE1  C Y N 353 
TYR CE2  C Y N 354 
TYR CZ   C Y N 355 
TYR OH   O N N 356 
TYR OXT  O N N 357 
TYR H    H N N 358 
TYR H2   H N N 359 
TYR HA   H N N 360 
TYR HB2  H N N 361 
TYR HB3  H N N 362 
TYR HD1  H N N 363 
TYR HD2  H N N 364 
TYR HE1  H N N 365 
TYR HE2  H N N 366 
TYR HH   H N N 367 
TYR HXT  H N N 368 
VAL N    N N N 369 
VAL CA   C N S 370 
VAL C    C N N 371 
VAL O    O N N 372 
VAL CB   C N N 373 
VAL CG1  C N N 374 
VAL CG2  C N N 375 
VAL OXT  O N N 376 
VAL H    H N N 377 
VAL H2   H N N 378 
VAL HA   H N N 379 
VAL HB   H N N 380 
VAL HG11 H N N 381 
VAL HG12 H N N 382 
VAL HG13 H N N 383 
VAL HG21 H N N 384 
VAL HG22 H N N 385 
VAL HG23 H N N 386 
VAL HXT  H N N 387 
# 
loop_
_chem_comp_bond.comp_id 
_chem_comp_bond.atom_id_1 
_chem_comp_bond.atom_id_2 
_chem_comp_bond.value_order 
_chem_comp_bond.pdbx_aromatic_flag 
_chem_comp_bond.pdbx_stereo_config 
_chem_comp_bond.pdbx_ordinal 
ALA N   CA   sing N N 1   
ALA N   H    sing N N 2   
ALA N   H2   sing N N 3   
ALA CA  C    sing N N 4   
ALA CA  CB   sing N N 5   
ALA CA  HA   sing N N 6   
ALA C   O    doub N N 7   
ALA C   OXT  sing N N 8   
ALA CB  HB1  sing N N 9   
ALA CB  HB2  sing N N 10  
ALA CB  HB3  sing N N 11  
ALA OXT HXT  sing N N 12  
ARG N   CA   sing N N 13  
ARG N   H    sing N N 14  
ARG N   H2   sing N N 15  
ARG CA  C    sing N N 16  
ARG CA  CB   sing N N 17  
ARG CA  HA   sing N N 18  
ARG C   O    doub N N 19  
ARG C   OXT  sing N N 20  
ARG CB  CG   sing N N 21  
ARG CB  HB2  sing N N 22  
ARG CB  HB3  sing N N 23  
ARG CG  CD   sing N N 24  
ARG CG  HG2  sing N N 25  
ARG CG  HG3  sing N N 26  
ARG CD  NE   sing N N 27  
ARG CD  HD2  sing N N 28  
ARG CD  HD3  sing N N 29  
ARG NE  CZ   sing N N 30  
ARG NE  HE   sing N N 31  
ARG CZ  NH1  sing N N 32  
ARG CZ  NH2  doub N N 33  
ARG NH1 HH11 sing N N 34  
ARG NH1 HH12 sing N N 35  
ARG NH2 HH21 sing N N 36  
ARG NH2 HH22 sing N N 37  
ARG OXT HXT  sing N N 38  
ASN N   CA   sing N N 39  
ASN N   H    sing N N 40  
ASN N   H2   sing N N 41  
ASN CA  C    sing N N 42  
ASN CA  CB   sing N N 43  
ASN CA  HA   sing N N 44  
ASN C   O    doub N N 45  
ASN C   OXT  sing N N 46  
ASN CB  CG   sing N N 47  
ASN CB  HB2  sing N N 48  
ASN CB  HB3  sing N N 49  
ASN CG  OD1  doub N N 50  
ASN CG  ND2  sing N N 51  
ASN ND2 HD21 sing N N 52  
ASN ND2 HD22 sing N N 53  
ASN OXT HXT  sing N N 54  
ASP N   CA   sing N N 55  
ASP N   H    sing N N 56  
ASP N   H2   sing N N 57  
ASP CA  C    sing N N 58  
ASP CA  CB   sing N N 59  
ASP CA  HA   sing N N 60  
ASP C   O    doub N N 61  
ASP C   OXT  sing N N 62  
ASP CB  CG   sing N N 63  
ASP CB  HB2  sing N N 64  
ASP CB  HB3  sing N N 65  
ASP CG  OD1  doub N N 66  
ASP CG  OD2  sing N N 67  
ASP OD2 HD2  sing N N 68  
ASP OXT HXT  sing N N 69  
CYS N   CA   sing N N 70  
CYS N   H    sing N N 71  
CYS N   H2   sing N N 72  
CYS CA  C    sing N N 73  
CYS CA  CB   sing N N 74  
CYS CA  HA   sing N N 75  
CYS C   O    doub N N 76  
CYS C   OXT  sing N N 77  
CYS CB  SG   sing N N 78  
CYS CB  HB2  sing N N 79  
CYS CB  HB3  sing N N 80  
CYS SG  HG   sing N N 81  
CYS OXT HXT  sing N N 82  
GLN N   CA   sing N N 83  
GLN N   H    sing N N 84  
GLN N   H2   sing N N 85  
GLN CA  C    sing N N 86  
GLN CA  CB   sing N N 87  
GLN CA  HA   sing N N 88  
GLN C   O    doub N N 89  
GLN C   OXT  sing N N 90  
GLN CB  CG   sing N N 91  
GLN CB  HB2  sing N N 92  
GLN CB  HB3  sing N N 93  
GLN CG  CD   sing N N 94  
GLN CG  HG2  sing N N 95  
GLN CG  HG3  sing N N 96  
GLN CD  OE1  doub N N 97  
GLN CD  NE2  sing N N 98  
GLN NE2 HE21 sing N N 99  
GLN NE2 HE22 sing N N 100 
GLN OXT HXT  sing N N 101 
GLU N   CA   sing N N 102 
GLU N   H    sing N N 103 
GLU N   H2   sing N N 104 
GLU CA  C    sing N N 105 
GLU CA  CB   sing N N 106 
GLU CA  HA   sing N N 107 
GLU C   O    doub N N 108 
GLU C   OXT  sing N N 109 
GLU CB  CG   sing N N 110 
GLU CB  HB2  sing N N 111 
GLU CB  HB3  sing N N 112 
GLU CG  CD   sing N N 113 
GLU CG  HG2  sing N N 114 
GLU CG  HG3  sing N N 115 
GLU CD  OE1  doub N N 116 
GLU CD  OE2  sing N N 117 
GLU OE2 HE2  sing N N 118 
GLU OXT HXT  sing N N 119 
GLY N   CA   sing N N 120 
GLY N   H    sing N N 121 
GLY N   H2   sing N N 122 
GLY CA  C    sing N N 123 
GLY CA  HA2  sing N N 124 
GLY CA  HA3  sing N N 125 
GLY C   O    doub N N 126 
GLY C   OXT  sing N N 127 
GLY OXT HXT  sing N N 128 
HIS N   CA   sing N N 129 
HIS N   H    sing N N 130 
HIS N   H2   sing N N 131 
HIS CA  C    sing N N 132 
HIS CA  CB   sing N N 133 
HIS CA  HA   sing N N 134 
HIS C   O    doub N N 135 
HIS C   OXT  sing N N 136 
HIS CB  CG   sing N N 137 
HIS CB  HB2  sing N N 138 
HIS CB  HB3  sing N N 139 
HIS CG  ND1  sing Y N 140 
HIS CG  CD2  doub Y N 141 
HIS ND1 CE1  doub Y N 142 
HIS ND1 HD1  sing N N 143 
HIS CD2 NE2  sing Y N 144 
HIS CD2 HD2  sing N N 145 
HIS CE1 NE2  sing Y N 146 
HIS CE1 HE1  sing N N 147 
HIS NE2 HE2  sing N N 148 
HIS OXT HXT  sing N N 149 
ILE N   CA   sing N N 150 
ILE N   H    sing N N 151 
ILE N   H2   sing N N 152 
ILE CA  C    sing N N 153 
ILE CA  CB   sing N N 154 
ILE CA  HA   sing N N 155 
ILE C   O    doub N N 156 
ILE C   OXT  sing N N 157 
ILE CB  CG1  sing N N 158 
ILE CB  CG2  sing N N 159 
ILE CB  HB   sing N N 160 
ILE CG1 CD1  sing N N 161 
ILE CG1 HG12 sing N N 162 
ILE CG1 HG13 sing N N 163 
ILE CG2 HG21 sing N N 164 
ILE CG2 HG22 sing N N 165 
ILE CG2 HG23 sing N N 166 
ILE CD1 HD11 sing N N 167 
ILE CD1 HD12 sing N N 168 
ILE CD1 HD13 sing N N 169 
ILE OXT HXT  sing N N 170 
LEU N   CA   sing N N 171 
LEU N   H    sing N N 172 
LEU N   H2   sing N N 173 
LEU CA  C    sing N N 174 
LEU CA  CB   sing N N 175 
LEU CA  HA   sing N N 176 
LEU C   O    doub N N 177 
LEU C   OXT  sing N N 178 
LEU CB  CG   sing N N 179 
LEU CB  HB2  sing N N 180 
LEU CB  HB3  sing N N 181 
LEU CG  CD1  sing N N 182 
LEU CG  CD2  sing N N 183 
LEU CG  HG   sing N N 184 
LEU CD1 HD11 sing N N 185 
LEU CD1 HD12 sing N N 186 
LEU CD1 HD13 sing N N 187 
LEU CD2 HD21 sing N N 188 
LEU CD2 HD22 sing N N 189 
LEU CD2 HD23 sing N N 190 
LEU OXT HXT  sing N N 191 
LYS N   CA   sing N N 192 
LYS N   H    sing N N 193 
LYS N   H2   sing N N 194 
LYS CA  C    sing N N 195 
LYS CA  CB   sing N N 196 
LYS CA  HA   sing N N 197 
LYS C   O    doub N N 198 
LYS C   OXT  sing N N 199 
LYS CB  CG   sing N N 200 
LYS CB  HB2  sing N N 201 
LYS CB  HB3  sing N N 202 
LYS CG  CD   sing N N 203 
LYS CG  HG2  sing N N 204 
LYS CG  HG3  sing N N 205 
LYS CD  CE   sing N N 206 
LYS CD  HD2  sing N N 207 
LYS CD  HD3  sing N N 208 
LYS CE  NZ   sing N N 209 
LYS CE  HE2  sing N N 210 
LYS CE  HE3  sing N N 211 
LYS NZ  HZ1  sing N N 212 
LYS NZ  HZ2  sing N N 213 
LYS NZ  HZ3  sing N N 214 
LYS OXT HXT  sing N N 215 
MET N   CA   sing N N 216 
MET N   H    sing N N 217 
MET N   H2   sing N N 218 
MET CA  C    sing N N 219 
MET CA  CB   sing N N 220 
MET CA  HA   sing N N 221 
MET C   O    doub N N 222 
MET C   OXT  sing N N 223 
MET CB  CG   sing N N 224 
MET CB  HB2  sing N N 225 
MET CB  HB3  sing N N 226 
MET CG  SD   sing N N 227 
MET CG  HG2  sing N N 228 
MET CG  HG3  sing N N 229 
MET SD  CE   sing N N 230 
MET CE  HE1  sing N N 231 
MET CE  HE2  sing N N 232 
MET CE  HE3  sing N N 233 
MET OXT HXT  sing N N 234 
PHE N   CA   sing N N 235 
PHE N   H    sing N N 236 
PHE N   H2   sing N N 237 
PHE CA  C    sing N N 238 
PHE CA  CB   sing N N 239 
PHE CA  HA   sing N N 240 
PHE C   O    doub N N 241 
PHE C   OXT  sing N N 242 
PHE CB  CG   sing N N 243 
PHE CB  HB2  sing N N 244 
PHE CB  HB3  sing N N 245 
PHE CG  CD1  doub Y N 246 
PHE CG  CD2  sing Y N 247 
PHE CD1 CE1  sing Y N 248 
PHE CD1 HD1  sing N N 249 
PHE CD2 CE2  doub Y N 250 
PHE CD2 HD2  sing N N 251 
PHE CE1 CZ   doub Y N 252 
PHE CE1 HE1  sing N N 253 
PHE CE2 CZ   sing Y N 254 
PHE CE2 HE2  sing N N 255 
PHE CZ  HZ   sing N N 256 
PHE OXT HXT  sing N N 257 
PRO N   CA   sing N N 258 
PRO N   CD   sing N N 259 
PRO N   H    sing N N 260 
PRO CA  C    sing N N 261 
PRO CA  CB   sing N N 262 
PRO CA  HA   sing N N 263 
PRO C   O    doub N N 264 
PRO C   OXT  sing N N 265 
PRO CB  CG   sing N N 266 
PRO CB  HB2  sing N N 267 
PRO CB  HB3  sing N N 268 
PRO CG  CD   sing N N 269 
PRO CG  HG2  sing N N 270 
PRO CG  HG3  sing N N 271 
PRO CD  HD2  sing N N 272 
PRO CD  HD3  sing N N 273 
PRO OXT HXT  sing N N 274 
SER N   CA   sing N N 275 
SER N   H    sing N N 276 
SER N   H2   sing N N 277 
SER CA  C    sing N N 278 
SER CA  CB   sing N N 279 
SER CA  HA   sing N N 280 
SER C   O    doub N N 281 
SER C   OXT  sing N N 282 
SER CB  OG   sing N N 283 
SER CB  HB2  sing N N 284 
SER CB  HB3  sing N N 285 
SER OG  HG   sing N N 286 
SER OXT HXT  sing N N 287 
THR N   CA   sing N N 288 
THR N   H    sing N N 289 
THR N   H2   sing N N 290 
THR CA  C    sing N N 291 
THR CA  CB   sing N N 292 
THR CA  HA   sing N N 293 
THR C   O    doub N N 294 
THR C   OXT  sing N N 295 
THR CB  OG1  sing N N 296 
THR CB  CG2  sing N N 297 
THR CB  HB   sing N N 298 
THR OG1 HG1  sing N N 299 
THR CG2 HG21 sing N N 300 
THR CG2 HG22 sing N N 301 
THR CG2 HG23 sing N N 302 
THR OXT HXT  sing N N 303 
TRP N   CA   sing N N 304 
TRP N   H    sing N N 305 
TRP N   H2   sing N N 306 
TRP CA  C    sing N N 307 
TRP CA  CB   sing N N 308 
TRP CA  HA   sing N N 309 
TRP C   O    doub N N 310 
TRP C   OXT  sing N N 311 
TRP CB  CG   sing N N 312 
TRP CB  HB2  sing N N 313 
TRP CB  HB3  sing N N 314 
TRP CG  CD1  doub Y N 315 
TRP CG  CD2  sing Y N 316 
TRP CD1 NE1  sing Y N 317 
TRP CD1 HD1  sing N N 318 
TRP CD2 CE2  doub Y N 319 
TRP CD2 CE3  sing Y N 320 
TRP NE1 CE2  sing Y N 321 
TRP NE1 HE1  sing N N 322 
TRP CE2 CZ2  sing Y N 323 
TRP CE3 CZ3  doub Y N 324 
TRP CE3 HE3  sing N N 325 
TRP CZ2 CH2  doub Y N 326 
TRP CZ2 HZ2  sing N N 327 
TRP CZ3 CH2  sing Y N 328 
TRP CZ3 HZ3  sing N N 329 
TRP CH2 HH2  sing N N 330 
TRP OXT HXT  sing N N 331 
TYR N   CA   sing N N 332 
TYR N   H    sing N N 333 
TYR N   H2   sing N N 334 
TYR CA  C    sing N N 335 
TYR CA  CB   sing N N 336 
TYR CA  HA   sing N N 337 
TYR C   O    doub N N 338 
TYR C   OXT  sing N N 339 
TYR CB  CG   sing N N 340 
TYR CB  HB2  sing N N 341 
TYR CB  HB3  sing N N 342 
TYR CG  CD1  doub Y N 343 
TYR CG  CD2  sing Y N 344 
TYR CD1 CE1  sing Y N 345 
TYR CD1 HD1  sing N N 346 
TYR CD2 CE2  doub Y N 347 
TYR CD2 HD2  sing N N 348 
TYR CE1 CZ   doub Y N 349 
TYR CE1 HE1  sing N N 350 
TYR CE2 CZ   sing Y N 351 
TYR CE2 HE2  sing N N 352 
TYR CZ  OH   sing N N 353 
TYR OH  HH   sing N N 354 
TYR OXT HXT  sing N N 355 
VAL N   CA   sing N N 356 
VAL N   H    sing N N 357 
VAL N   H2   sing N N 358 
VAL CA  C    sing N N 359 
VAL CA  CB   sing N N 360 
VAL CA  HA   sing N N 361 
VAL C   O    doub N N 362 
VAL C   OXT  sing N N 363 
VAL CB  CG1  sing N N 364 
VAL CB  CG2  sing N N 365 
VAL CB  HB   sing N N 366 
VAL CG1 HG11 sing N N 367 
VAL CG1 HG12 sing N N 368 
VAL CG1 HG13 sing N N 369 
VAL CG2 HG21 sing N N 370 
VAL CG2 HG22 sing N N 371 
VAL CG2 HG23 sing N N 372 
VAL OXT HXT  sing N N 373 
# 
loop_
_pdbx_initial_refinement_model.id 
_pdbx_initial_refinement_model.entity_id_list 
_pdbx_initial_refinement_model.type 
_pdbx_initial_refinement_model.source_name 
_pdbx_initial_refinement_model.accession_code 
_pdbx_initial_refinement_model.details 
1 ? 'experimental model' PDB 3EIE 'PDB entries: 3EIE and 2RKL' 
2 ? 'experimental model' PDB 2RKL 'PDB entries: 3EIE and 2RKL' 
# 
